data_9IUN
#
_entry.id   9IUN
#
_cell.length_a   182.015
_cell.length_b   182.015
_cell.length_c   221.320
_cell.angle_alpha   90.000
_cell.angle_beta   90.000
_cell.angle_gamma   120.000
#
_symmetry.space_group_name_H-M   'P 31 2 1'
#
loop_
_entity.id
_entity.type
_entity.pdbx_description
1 polymer 'E3 ubiquitin/ISG15 ligase TRIM25'
2 water water
#
_entity_poly.entity_id   1
_entity_poly.type   'polypeptide(L)'
_entity_poly.pdbx_seq_one_letter_code
;MSTSLKAKVLETFLAKSRPELLEYYIKVILDYNTAHNKVALSECYTVASVAEMPQNYRPHPQRFTYCSQVLGLHCYKKGI
HYWEVELQKNNFCGVGICYGSMNRQGPESRLGRNSASWCVEWFNTKISAWHNNVEKTLPSTKATRVGVLLNCDHGFVIFF
AVADKVHLMYKFRVDFTEALYPAFWVFSAGATLSICSPKYLEHHH
;
_entity_poly.pdbx_strand_id   A,B,C,D,E,F,G,H,I,J,K,L
#
# COMPACT_ATOMS: atom_id res chain seq x y z
N SER A 4 -2.08 -32.08 65.99
CA SER A 4 -0.88 -31.75 66.82
C SER A 4 0.36 -31.47 65.93
N LEU A 5 0.22 -30.79 64.79
CA LEU A 5 1.35 -30.15 64.05
C LEU A 5 1.14 -28.62 64.07
N LYS A 6 1.08 -27.94 62.92
CA LYS A 6 0.67 -26.51 62.82
C LYS A 6 -0.83 -26.42 62.50
N ALA A 7 -1.58 -27.52 62.64
CA ALA A 7 -3.07 -27.54 62.63
C ALA A 7 -3.53 -26.97 63.96
N LYS A 8 -2.60 -26.85 64.92
CA LYS A 8 -2.79 -26.15 66.20
C LYS A 8 -2.90 -24.64 65.93
N VAL A 9 -2.16 -24.12 64.94
CA VAL A 9 -2.32 -22.70 64.49
C VAL A 9 -3.70 -22.55 63.83
N LEU A 10 -4.05 -23.42 62.87
CA LEU A 10 -5.40 -23.38 62.27
C LEU A 10 -6.48 -23.38 63.37
N GLU A 11 -6.44 -24.33 64.31
CA GLU A 11 -7.50 -24.46 65.33
C GLU A 11 -7.58 -23.15 66.11
N THR A 12 -6.46 -22.47 66.39
CA THR A 12 -6.45 -21.16 67.09
C THR A 12 -7.20 -20.10 66.26
N PHE A 13 -6.89 -20.02 64.95
CA PHE A 13 -7.34 -18.92 64.06
C PHE A 13 -8.85 -19.04 63.87
N LEU A 14 -9.36 -20.27 63.74
CA LEU A 14 -10.82 -20.55 63.62
C LEU A 14 -11.58 -20.08 64.87
N ALA A 15 -10.92 -19.90 66.00
CA ALA A 15 -11.57 -19.55 67.28
C ALA A 15 -11.58 -18.03 67.52
N LYS A 16 -10.83 -17.27 66.71
CA LYS A 16 -10.48 -15.85 66.98
C LYS A 16 -11.73 -14.97 66.90
N SER A 17 -11.76 -13.92 67.72
CA SER A 17 -12.78 -12.85 67.72
C SER A 17 -12.37 -11.80 66.70
N ARG A 18 -13.24 -10.80 66.46
CA ARG A 18 -12.93 -9.66 65.54
C ARG A 18 -11.62 -9.05 66.02
N PRO A 19 -11.56 -8.48 67.25
CA PRO A 19 -10.38 -7.75 67.72
C PRO A 19 -9.09 -8.57 67.56
N GLU A 20 -9.14 -9.90 67.69
CA GLU A 20 -7.98 -10.78 67.42
C GLU A 20 -7.61 -10.80 65.92
N LEU A 21 -8.59 -10.79 65.02
CA LEU A 21 -8.35 -10.86 63.55
C LEU A 21 -7.88 -9.48 63.06
N LEU A 22 -8.46 -8.41 63.59
CA LEU A 22 -8.07 -7.04 63.21
C LEU A 22 -6.57 -6.83 63.50
N GLU A 23 -5.93 -7.68 64.30
CA GLU A 23 -4.47 -7.56 64.56
C GLU A 23 -3.75 -7.68 63.21
N TYR A 24 -4.39 -8.33 62.23
CA TYR A 24 -3.79 -8.73 60.93
C TYR A 24 -4.30 -7.85 59.78
N TYR A 25 -4.94 -6.72 60.12
CA TYR A 25 -5.64 -5.85 59.16
C TYR A 25 -4.67 -5.34 58.08
N ILE A 26 -5.06 -5.44 56.82
CA ILE A 26 -4.39 -4.79 55.66
C ILE A 26 -5.40 -3.91 54.93
N LYS A 27 -4.90 -2.81 54.36
CA LYS A 27 -5.60 -1.95 53.38
C LYS A 27 -5.62 -2.76 52.07
N VAL A 28 -6.77 -2.84 51.40
CA VAL A 28 -6.85 -3.46 50.07
C VAL A 28 -7.39 -2.40 49.11
N ILE A 29 -6.72 -2.22 47.99
CA ILE A 29 -7.04 -1.19 46.96
C ILE A 29 -7.24 -1.97 45.66
N LEU A 30 -8.36 -1.74 44.97
CA LEU A 30 -8.68 -2.45 43.73
C LEU A 30 -7.73 -1.97 42.62
N ASP A 31 -7.35 -2.91 41.76
CA ASP A 31 -6.37 -2.69 40.67
C ASP A 31 -7.15 -2.41 39.39
N TYR A 32 -7.22 -1.14 38.97
CA TYR A 32 -7.94 -0.66 37.76
C TYR A 32 -7.57 -1.52 36.54
N ASN A 33 -6.35 -2.05 36.45
CA ASN A 33 -5.90 -2.84 35.28
C ASN A 33 -6.63 -4.18 35.23
N THR A 34 -7.16 -4.68 36.35
CA THR A 34 -7.76 -6.06 36.39
C THR A 34 -9.26 -6.01 36.09
N ALA A 35 -9.91 -4.89 36.40
CA ALA A 35 -11.39 -4.74 36.38
C ALA A 35 -11.96 -5.02 34.99
N HIS A 36 -12.90 -5.95 34.91
CA HIS A 36 -13.73 -6.22 33.70
C HIS A 36 -14.50 -4.95 33.34
N ASN A 37 -14.84 -4.81 32.06
CA ASN A 37 -15.60 -3.66 31.52
C ASN A 37 -16.90 -3.46 32.32
N LYS A 38 -17.45 -4.48 32.95
CA LYS A 38 -18.79 -4.41 33.57
C LYS A 38 -18.66 -3.90 35.00
N VAL A 39 -17.43 -3.87 35.52
CA VAL A 39 -17.14 -3.51 36.93
C VAL A 39 -16.66 -2.08 36.98
N ALA A 40 -17.40 -1.26 37.73
CA ALA A 40 -17.10 0.16 38.02
C ALA A 40 -16.28 0.28 39.33
N LEU A 41 -15.23 1.09 39.34
CA LEU A 41 -14.43 1.36 40.56
C LEU A 41 -14.86 2.72 41.15
N SER A 42 -14.89 2.84 42.47
CA SER A 42 -15.19 4.13 43.15
C SER A 42 -14.62 4.19 44.58
N GLU A 43 -14.91 5.28 45.29
CA GLU A 43 -14.42 5.62 46.67
C GLU A 43 -12.92 5.28 46.81
N CYS A 44 -12.08 5.96 46.03
CA CYS A 44 -10.61 5.73 45.93
C CYS A 44 -10.30 4.23 45.72
N TYR A 45 -11.02 3.61 44.78
CA TYR A 45 -10.68 2.27 44.25
C TYR A 45 -10.93 1.22 45.34
N THR A 46 -11.99 1.47 46.13
CA THR A 46 -12.37 0.73 47.36
C THR A 46 -13.64 -0.06 47.12
N VAL A 47 -14.53 0.41 46.24
CA VAL A 47 -15.87 -0.18 45.99
C VAL A 47 -15.91 -0.73 44.57
N ALA A 48 -16.36 -1.97 44.38
CA ALA A 48 -16.62 -2.59 43.07
C ALA A 48 -18.14 -2.73 42.88
N SER A 49 -18.68 -2.25 41.77
CA SER A 49 -20.12 -2.34 41.44
C SER A 49 -20.26 -2.69 39.98
N VAL A 50 -21.39 -3.31 39.65
CA VAL A 50 -21.82 -3.54 38.25
C VAL A 50 -22.24 -2.18 37.68
N ALA A 51 -21.40 -1.62 36.82
CA ALA A 51 -21.69 -0.38 36.06
C ALA A 51 -23.00 -0.57 35.28
N GLU A 52 -23.70 0.54 35.03
CA GLU A 52 -25.02 0.50 34.34
C GLU A 52 -24.77 0.20 32.86
N MET A 53 -23.53 0.36 32.40
CA MET A 53 -23.09 -0.09 31.05
C MET A 53 -21.61 -0.44 31.09
N PRO A 54 -21.12 -1.34 30.22
CA PRO A 54 -19.71 -1.66 30.17
C PRO A 54 -18.85 -0.40 29.99
N GLN A 55 -17.67 -0.35 30.62
CA GLN A 55 -16.84 0.87 30.81
C GLN A 55 -15.80 1.09 29.69
N ASN A 56 -15.48 0.13 28.83
CA ASN A 56 -14.57 0.38 27.68
C ASN A 56 -13.11 0.59 28.12
N TYR A 57 -12.71 0.02 29.24
CA TYR A 57 -11.31 0.10 29.71
C TYR A 57 -10.37 -0.39 28.61
N ARG A 58 -9.13 0.06 28.65
CA ARG A 58 -8.09 -0.24 27.64
C ARG A 58 -7.72 -1.71 27.70
N PRO A 59 -7.27 -2.36 26.61
CA PRO A 59 -6.77 -3.72 26.72
C PRO A 59 -5.58 -3.73 27.69
N HIS A 60 -5.37 -4.83 28.41
CA HIS A 60 -4.26 -4.99 29.38
C HIS A 60 -4.11 -6.45 29.76
N PRO A 61 -2.88 -6.97 29.85
CA PRO A 61 -2.72 -8.39 30.16
C PRO A 61 -3.37 -8.75 31.49
N GLN A 62 -3.45 -7.81 32.43
CA GLN A 62 -4.05 -8.01 33.78
C GLN A 62 -5.58 -8.09 33.74
N ARG A 63 -6.24 -7.71 32.65
CA ARG A 63 -7.71 -7.41 32.67
C ARG A 63 -8.55 -8.66 32.41
N PHE A 64 -9.51 -8.94 33.27
CA PHE A 64 -10.51 -10.02 33.01
C PHE A 64 -11.36 -9.63 31.81
N THR A 65 -11.32 -10.46 30.78
CA THR A 65 -12.03 -10.22 29.49
C THR A 65 -13.43 -10.86 29.50
N TYR A 66 -13.72 -11.78 30.44
CA TYR A 66 -14.87 -12.73 30.38
C TYR A 66 -15.77 -12.52 31.61
N CYS A 67 -15.22 -12.59 32.81
CA CYS A 67 -16.00 -12.62 34.07
C CYS A 67 -15.97 -11.25 34.75
N SER A 68 -17.09 -10.81 35.29
CA SER A 68 -17.20 -9.49 35.97
C SER A 68 -16.43 -9.57 37.29
N GLN A 69 -15.10 -9.46 37.21
CA GLN A 69 -14.13 -9.67 38.31
C GLN A 69 -13.10 -8.54 38.40
N VAL A 70 -12.44 -8.43 39.54
CA VAL A 70 -11.37 -7.43 39.78
C VAL A 70 -10.54 -7.94 40.97
N LEU A 71 -9.26 -7.57 40.96
CA LEU A 71 -8.24 -8.04 41.93
C LEU A 71 -7.76 -6.86 42.76
N GLY A 72 -7.24 -7.14 43.95
CA GLY A 72 -6.46 -6.15 44.70
C GLY A 72 -5.11 -5.93 44.04
N LEU A 73 -4.37 -4.93 44.47
CA LEU A 73 -3.09 -4.54 43.83
C LEU A 73 -1.96 -5.40 44.40
N HIS A 74 -1.97 -5.58 45.72
CA HIS A 74 -0.92 -6.28 46.48
C HIS A 74 -1.26 -7.77 46.58
N CYS A 75 -0.24 -8.62 46.54
CA CYS A 75 -0.36 -10.07 46.81
C CYS A 75 0.53 -10.43 47.99
N TYR A 76 0.28 -11.57 48.63
CA TYR A 76 0.93 -11.99 49.88
C TYR A 76 1.43 -13.43 49.70
N LYS A 77 2.74 -13.68 49.85
CA LYS A 77 3.32 -15.05 49.83
C LYS A 77 3.95 -15.35 51.19
N LYS A 78 3.75 -14.46 52.16
CA LYS A 78 4.17 -14.69 53.56
C LYS A 78 3.32 -13.81 54.48
N GLY A 79 3.31 -14.13 55.77
CA GLY A 79 2.65 -13.35 56.83
C GLY A 79 1.17 -13.67 56.90
N ILE A 80 0.47 -12.95 57.77
CA ILE A 80 -0.96 -13.16 58.13
C ILE A 80 -1.69 -11.83 57.88
N HIS A 81 -2.76 -11.90 57.08
CA HIS A 81 -3.48 -10.74 56.50
C HIS A 81 -4.98 -10.95 56.63
N TYR A 82 -5.67 -9.94 57.12
CA TYR A 82 -7.13 -9.93 57.30
C TYR A 82 -7.66 -8.69 56.59
N TRP A 83 -8.70 -8.86 55.77
CA TRP A 83 -9.52 -7.72 55.26
C TRP A 83 -11.01 -8.09 55.34
N GLU A 84 -11.85 -7.08 55.17
CA GLU A 84 -13.32 -7.17 55.33
C GLU A 84 -13.97 -6.47 54.15
N VAL A 85 -15.09 -7.04 53.71
CA VAL A 85 -15.87 -6.61 52.52
C VAL A 85 -17.34 -6.63 52.90
N GLU A 86 -18.00 -5.47 52.82
CA GLU A 86 -19.47 -5.27 52.98
C GLU A 86 -20.13 -5.59 51.64
N LEU A 87 -21.25 -6.33 51.68
CA LEU A 87 -22.08 -6.76 50.51
C LEU A 87 -23.45 -6.10 50.59
N GLN A 88 -24.03 -5.72 49.45
CA GLN A 88 -25.48 -5.46 49.30
C GLN A 88 -26.19 -6.80 49.46
N LYS A 89 -27.10 -6.89 50.43
CA LYS A 89 -28.00 -8.07 50.59
C LYS A 89 -28.78 -8.25 49.27
N ASN A 90 -29.17 -9.49 48.96
CA ASN A 90 -30.12 -9.85 47.87
C ASN A 90 -29.45 -9.61 46.52
N ASN A 91 -28.20 -10.03 46.39
CA ASN A 91 -27.46 -9.89 45.12
C ASN A 91 -26.52 -11.07 44.92
N PHE A 92 -26.05 -11.22 43.69
CA PHE A 92 -25.11 -12.28 43.26
C PHE A 92 -23.72 -11.64 43.23
N CYS A 93 -22.84 -12.06 44.14
CA CYS A 93 -21.43 -11.63 44.19
C CYS A 93 -20.60 -12.70 44.86
N GLY A 94 -19.28 -12.53 44.85
CA GLY A 94 -18.29 -13.42 45.47
C GLY A 94 -17.12 -12.62 46.01
N VAL A 95 -16.50 -13.10 47.08
CA VAL A 95 -15.27 -12.57 47.69
C VAL A 95 -14.33 -13.75 47.84
N GLY A 96 -13.06 -13.60 47.50
CA GLY A 96 -12.09 -14.71 47.57
C GLY A 96 -10.65 -14.26 47.43
N ILE A 97 -9.80 -15.19 46.93
CA ILE A 97 -8.34 -15.04 46.71
C ILE A 97 -8.03 -15.84 45.46
N CYS A 98 -6.96 -15.46 44.75
CA CYS A 98 -6.46 -16.21 43.59
C CYS A 98 -4.97 -15.96 43.44
N TYR A 99 -4.27 -16.93 42.86
CA TYR A 99 -2.93 -16.78 42.26
C TYR A 99 -3.03 -15.72 41.17
N GLY A 100 -1.95 -14.98 40.96
CA GLY A 100 -1.78 -14.08 39.80
C GLY A 100 -1.79 -14.87 38.50
N SER A 101 -1.39 -16.14 38.51
CA SER A 101 -1.33 -16.92 37.26
C SER A 101 -2.73 -17.37 36.85
N MET A 102 -3.76 -17.16 37.68
CA MET A 102 -5.17 -17.43 37.25
C MET A 102 -5.36 -16.74 35.90
N ASN A 103 -5.95 -17.47 34.97
CA ASN A 103 -6.34 -16.96 33.64
C ASN A 103 -7.21 -15.72 33.75
N ARG A 104 -7.08 -14.76 32.84
CA ARG A 104 -8.01 -13.61 32.78
C ARG A 104 -9.10 -13.85 31.71
N GLN A 105 -8.96 -14.90 30.89
CA GLN A 105 -9.89 -15.23 29.78
C GLN A 105 -10.66 -16.52 30.06
N GLY A 106 -11.78 -16.71 29.36
CA GLY A 106 -12.52 -17.97 29.29
C GLY A 106 -13.54 -18.09 30.42
N PRO A 107 -14.53 -19.00 30.31
CA PRO A 107 -15.49 -19.23 31.39
C PRO A 107 -14.85 -19.83 32.65
N GLU A 108 -13.62 -20.31 32.52
CA GLU A 108 -12.91 -21.06 33.59
C GLU A 108 -12.07 -20.04 34.38
N SER A 109 -12.09 -18.76 33.97
CA SER A 109 -11.47 -17.64 34.72
C SER A 109 -12.39 -17.23 35.88
N ARG A 110 -13.58 -17.85 35.98
CA ARG A 110 -14.56 -17.47 37.02
C ARG A 110 -14.00 -17.88 38.39
N LEU A 111 -13.99 -16.93 39.32
CA LEU A 111 -13.49 -17.11 40.69
C LEU A 111 -14.07 -18.39 41.31
N GLY A 112 -13.22 -19.34 41.66
CA GLY A 112 -13.66 -20.63 42.21
C GLY A 112 -13.91 -21.70 41.14
N ARG A 113 -13.80 -21.38 39.85
CA ARG A 113 -14.08 -22.39 38.80
C ARG A 113 -12.77 -22.98 38.32
N ASN A 114 -11.69 -22.76 39.04
CA ASN A 114 -10.33 -23.17 38.61
C ASN A 114 -9.50 -23.51 39.86
N SER A 115 -8.31 -24.07 39.68
CA SER A 115 -7.40 -24.43 40.80
C SER A 115 -6.72 -23.21 41.44
N ALA A 116 -6.76 -22.02 40.82
CA ALA A 116 -5.98 -20.84 41.22
C ALA A 116 -6.80 -19.89 42.09
N SER A 117 -7.98 -20.29 42.55
CA SER A 117 -8.91 -19.34 43.19
C SER A 117 -9.78 -20.07 44.19
N TRP A 118 -10.21 -19.34 45.21
CA TRP A 118 -10.90 -19.88 46.40
C TRP A 118 -11.88 -18.78 46.78
N CYS A 119 -13.18 -19.05 46.85
CA CYS A 119 -14.10 -17.94 47.22
C CYS A 119 -15.34 -18.47 47.94
N VAL A 120 -16.10 -17.52 48.47
CA VAL A 120 -17.46 -17.73 49.01
C VAL A 120 -18.40 -16.91 48.11
N GLU A 121 -19.44 -17.53 47.53
CA GLU A 121 -20.48 -16.87 46.69
C GLU A 121 -21.80 -16.66 47.43
N TRP A 122 -22.51 -15.57 47.11
CA TRP A 122 -23.95 -15.34 47.34
C TRP A 122 -24.69 -15.39 45.99
N PHE A 123 -25.58 -16.37 45.79
CA PHE A 123 -26.71 -16.34 44.83
C PHE A 123 -27.94 -15.93 45.65
N ASN A 124 -28.09 -14.63 45.85
CA ASN A 124 -29.20 -14.00 46.63
C ASN A 124 -29.01 -14.26 48.14
N THR A 125 -29.66 -15.32 48.67
CA THR A 125 -29.71 -15.65 50.12
C THR A 125 -28.84 -16.90 50.39
N LYS A 126 -28.71 -17.73 49.36
CA LYS A 126 -27.97 -19.01 49.36
C LYS A 126 -26.47 -18.70 49.26
N ILE A 127 -25.66 -19.32 50.12
CA ILE A 127 -24.19 -19.08 50.22
C ILE A 127 -23.44 -20.35 49.85
N SER A 128 -22.38 -20.26 49.05
CA SER A 128 -21.53 -21.40 48.59
C SER A 128 -20.05 -21.09 48.89
N ALA A 129 -19.21 -22.10 49.12
CA ALA A 129 -17.75 -22.03 48.99
C ALA A 129 -17.37 -22.77 47.72
N TRP A 130 -16.38 -22.28 46.98
CA TRP A 130 -15.95 -22.80 45.66
C TRP A 130 -14.43 -22.93 45.62
N HIS A 131 -13.94 -23.99 44.99
CA HIS A 131 -12.52 -24.13 44.55
C HIS A 131 -12.47 -25.22 43.49
N ASN A 132 -11.75 -24.96 42.41
CA ASN A 132 -11.55 -25.91 41.29
C ASN A 132 -12.89 -26.51 40.86
N ASN A 133 -13.93 -25.70 40.80
CA ASN A 133 -15.24 -26.07 40.20
C ASN A 133 -15.99 -27.10 41.08
N VAL A 134 -15.61 -27.25 42.35
CA VAL A 134 -16.40 -27.97 43.38
C VAL A 134 -17.15 -26.91 44.19
N GLU A 135 -18.48 -27.00 44.23
CA GLU A 135 -19.33 -26.08 45.03
C GLU A 135 -19.48 -26.74 46.39
N LYS A 136 -19.76 -25.95 47.42
CA LYS A 136 -20.05 -26.52 48.75
C LYS A 136 -21.12 -25.63 49.35
N THR A 137 -22.35 -26.13 49.34
CA THR A 137 -23.53 -25.47 49.91
C THR A 137 -23.24 -25.15 51.38
N LEU A 138 -23.61 -23.97 51.88
CA LEU A 138 -23.43 -23.60 53.31
C LEU A 138 -24.73 -23.04 53.88
N PRO A 139 -24.84 -23.12 55.22
CA PRO A 139 -25.85 -22.37 55.95
C PRO A 139 -25.95 -20.88 55.57
N SER A 140 -27.16 -20.45 55.25
CA SER A 140 -27.56 -19.04 55.08
C SER A 140 -27.08 -18.26 56.30
N THR A 141 -26.71 -17.00 56.11
CA THR A 141 -26.43 -16.00 57.18
C THR A 141 -27.05 -14.67 56.71
N LYS A 142 -27.47 -13.83 57.67
CA LYS A 142 -28.04 -12.48 57.40
C LYS A 142 -26.92 -11.43 57.36
N ALA A 143 -25.67 -11.84 57.67
CA ALA A 143 -24.46 -10.99 57.68
C ALA A 143 -24.20 -10.45 56.27
N THR A 144 -24.00 -9.14 56.21
CA THR A 144 -23.74 -8.36 54.99
C THR A 144 -22.25 -8.03 54.97
N ARG A 145 -21.40 -8.83 55.60
CA ARG A 145 -19.94 -8.56 55.66
C ARG A 145 -19.14 -9.85 55.83
N VAL A 146 -18.17 -10.06 54.95
CA VAL A 146 -17.26 -11.23 55.02
C VAL A 146 -15.88 -10.73 55.47
N GLY A 147 -15.20 -11.49 56.32
CA GLY A 147 -13.79 -11.23 56.68
C GLY A 147 -12.94 -12.35 56.10
N VAL A 148 -11.88 -12.01 55.36
CA VAL A 148 -10.96 -13.02 54.77
C VAL A 148 -9.69 -13.00 55.60
N LEU A 149 -9.32 -14.15 56.18
CA LEU A 149 -8.02 -14.32 56.84
C LEU A 149 -7.17 -15.28 56.00
N LEU A 150 -6.08 -14.74 55.46
CA LEU A 150 -5.06 -15.48 54.69
C LEU A 150 -3.81 -15.60 55.56
N ASN A 151 -3.47 -16.85 55.91
CA ASN A 151 -2.20 -17.21 56.55
C ASN A 151 -1.32 -17.85 55.49
N CYS A 152 -0.30 -17.14 55.04
CA CYS A 152 0.69 -17.61 54.03
C CYS A 152 1.81 -18.41 54.72
N ASP A 153 2.06 -18.13 55.99
CA ASP A 153 3.09 -18.81 56.82
C ASP A 153 2.70 -20.29 57.04
N HIS A 154 1.43 -20.62 57.24
CA HIS A 154 0.98 -21.99 57.57
C HIS A 154 -0.12 -22.46 56.60
N GLY A 155 -0.16 -21.88 55.39
CA GLY A 155 -1.00 -22.33 54.26
C GLY A 155 -2.46 -22.59 54.62
N PHE A 156 -3.21 -21.56 55.01
CA PHE A 156 -4.69 -21.64 55.02
C PHE A 156 -5.32 -20.27 54.76
N VAL A 157 -6.60 -20.31 54.38
CA VAL A 157 -7.53 -19.15 54.27
C VAL A 157 -8.85 -19.53 54.93
N ILE A 158 -9.49 -18.55 55.58
CA ILE A 158 -10.73 -18.70 56.36
C ILE A 158 -11.65 -17.55 55.95
N PHE A 159 -12.91 -17.87 55.66
CA PHE A 159 -13.96 -16.90 55.36
C PHE A 159 -14.88 -16.88 56.58
N PHE A 160 -15.07 -15.69 57.13
CA PHE A 160 -15.84 -15.42 58.35
C PHE A 160 -17.06 -14.57 57.97
N ALA A 161 -18.26 -14.91 58.43
CA ALA A 161 -19.39 -13.99 58.36
C ALA A 161 -19.22 -13.04 59.54
N VAL A 162 -19.49 -11.75 59.39
CA VAL A 162 -19.17 -10.77 60.45
C VAL A 162 -20.43 -9.97 60.75
N ALA A 163 -21.02 -10.18 61.93
CA ALA A 163 -22.26 -9.48 62.36
C ALA A 163 -21.95 -8.82 63.72
N ASP A 164 -22.75 -9.08 64.76
CA ASP A 164 -22.43 -8.62 66.14
C ASP A 164 -21.20 -9.38 66.63
N LYS A 165 -21.14 -10.70 66.35
CA LYS A 165 -19.94 -11.57 66.49
C LYS A 165 -19.49 -11.99 65.06
N VAL A 166 -18.66 -13.04 65.00
CA VAL A 166 -17.90 -13.55 63.83
C VAL A 166 -18.10 -15.07 63.81
N HIS A 167 -18.50 -15.66 62.69
CA HIS A 167 -18.84 -17.11 62.61
C HIS A 167 -18.17 -17.65 61.38
N LEU A 168 -17.44 -18.75 61.53
CA LEU A 168 -16.82 -19.50 60.42
C LEU A 168 -17.89 -19.70 59.35
N MET A 169 -17.57 -19.35 58.10
CA MET A 169 -18.34 -19.75 56.89
C MET A 169 -17.63 -20.94 56.27
N TYR A 170 -16.34 -20.82 56.02
CA TYR A 170 -15.53 -21.90 55.40
C TYR A 170 -14.04 -21.61 55.54
N LYS A 171 -13.24 -22.61 55.21
CA LYS A 171 -11.76 -22.59 55.29
C LYS A 171 -11.21 -23.62 54.30
N PHE A 172 -10.04 -23.34 53.75
CA PHE A 172 -9.24 -24.30 52.97
C PHE A 172 -7.80 -24.24 53.49
N ARG A 173 -7.26 -25.41 53.84
CA ARG A 173 -5.80 -25.66 53.96
C ARG A 173 -5.24 -25.80 52.55
N VAL A 174 -4.21 -25.05 52.16
CA VAL A 174 -3.50 -25.32 50.88
C VAL A 174 -2.02 -24.96 51.04
N ASP A 175 -1.15 -25.69 50.33
CA ASP A 175 0.29 -25.36 50.16
C ASP A 175 0.41 -24.40 48.97
N PHE A 176 0.15 -23.11 49.23
CA PHE A 176 0.20 -21.98 48.27
C PHE A 176 1.55 -21.94 47.53
N THR A 177 1.50 -22.16 46.21
CA THR A 177 2.67 -22.34 45.29
C THR A 177 3.20 -20.96 44.85
N GLU A 178 2.39 -19.91 45.01
CA GLU A 178 2.73 -18.50 44.66
C GLU A 178 1.83 -17.57 45.48
N ALA A 179 2.05 -16.26 45.32
CA ALA A 179 1.36 -15.22 46.11
C ALA A 179 -0.13 -15.20 45.76
N LEU A 180 -0.94 -14.70 46.70
CA LEU A 180 -2.42 -14.63 46.61
C LEU A 180 -2.84 -13.17 46.54
N TYR A 181 -3.80 -12.87 45.64
CA TYR A 181 -4.40 -11.54 45.47
C TYR A 181 -5.83 -11.61 46.02
N PRO A 182 -6.31 -10.63 46.81
CA PRO A 182 -7.74 -10.51 47.08
C PRO A 182 -8.50 -10.46 45.75
N ALA A 183 -9.59 -11.20 45.60
CA ALA A 183 -10.38 -11.32 44.36
C ALA A 183 -11.84 -11.01 44.64
N PHE A 184 -12.52 -10.37 43.70
CA PHE A 184 -13.91 -9.87 43.89
C PHE A 184 -14.72 -10.21 42.65
N TRP A 185 -15.96 -10.65 42.83
CA TRP A 185 -16.88 -10.96 41.71
C TRP A 185 -18.24 -10.33 41.99
N VAL A 186 -18.76 -9.55 41.03
CA VAL A 186 -20.06 -8.83 41.10
C VAL A 186 -20.80 -9.20 39.83
N PHE A 187 -22.07 -9.60 39.96
CA PHE A 187 -22.89 -10.15 38.85
C PHE A 187 -24.25 -9.43 38.71
N SER A 188 -25.04 -9.30 39.76
CA SER A 188 -26.39 -8.72 39.67
C SER A 188 -26.33 -7.19 39.56
N ALA A 189 -27.28 -6.59 38.83
CA ALA A 189 -27.35 -5.14 38.52
C ALA A 189 -26.98 -4.34 39.77
N GLY A 190 -27.45 -4.77 40.94
CA GLY A 190 -27.32 -3.99 42.18
C GLY A 190 -26.13 -4.40 43.05
N ALA A 191 -25.29 -5.33 42.59
CA ALA A 191 -24.17 -5.87 43.38
C ALA A 191 -23.12 -4.78 43.66
N THR A 192 -22.62 -4.74 44.88
CA THR A 192 -21.51 -3.83 45.26
C THR A 192 -20.70 -4.50 46.36
N LEU A 193 -19.38 -4.51 46.20
CA LEU A 193 -18.45 -4.99 47.23
C LEU A 193 -17.61 -3.81 47.66
N SER A 194 -17.79 -3.38 48.91
CA SER A 194 -17.05 -2.27 49.58
C SER A 194 -15.95 -2.85 50.45
N ILE A 195 -14.70 -2.56 50.17
CA ILE A 195 -13.63 -2.96 51.12
C ILE A 195 -13.79 -2.07 52.34
N CYS A 196 -13.73 -2.61 53.56
CA CYS A 196 -13.91 -1.83 54.83
C CYS A 196 -12.57 -1.25 55.33
N SER A 197 -12.54 0.04 55.67
CA SER A 197 -11.30 0.82 55.96
C SER A 197 -11.05 0.89 57.48
N PRO A 198 -11.70 1.75 58.30
CA PRO A 198 -11.57 1.62 59.76
C PRO A 198 -11.86 0.20 60.29
N THR B 3 -0.42 -24.90 7.58
CA THR B 3 -0.32 -26.17 8.36
C THR B 3 -1.64 -26.40 9.10
N SER B 4 -1.61 -26.53 10.43
CA SER B 4 -2.72 -27.03 11.26
C SER B 4 -2.54 -26.58 12.73
N LEU B 5 -1.33 -26.71 13.30
CA LEU B 5 -1.09 -26.35 14.73
C LEU B 5 0.12 -25.43 14.90
N LYS B 6 1.25 -25.69 14.24
CA LYS B 6 2.46 -24.82 14.39
C LYS B 6 2.31 -23.56 13.53
N ALA B 7 1.54 -23.61 12.43
CA ALA B 7 1.34 -22.50 11.48
C ALA B 7 0.25 -21.55 11.97
N LYS B 8 -0.62 -21.99 12.89
CA LYS B 8 -1.84 -21.25 13.33
C LYS B 8 -1.58 -20.52 14.65
N VAL B 9 -0.92 -21.16 15.61
CA VAL B 9 -0.30 -20.52 16.80
C VAL B 9 0.68 -19.40 16.35
N LEU B 10 1.40 -19.54 15.23
CA LEU B 10 2.24 -18.44 14.66
C LEU B 10 1.33 -17.33 14.13
N GLU B 11 0.26 -17.64 13.40
CA GLU B 11 -0.59 -16.56 12.80
C GLU B 11 -1.25 -15.78 13.94
N THR B 12 -1.54 -16.43 15.07
CA THR B 12 -2.16 -15.83 16.28
C THR B 12 -1.19 -14.82 16.89
N PHE B 13 0.08 -15.18 17.03
CA PHE B 13 1.14 -14.30 17.59
C PHE B 13 1.42 -13.17 16.58
N LEU B 14 1.34 -13.44 15.27
CA LEU B 14 1.61 -12.41 14.24
C LEU B 14 0.54 -11.31 14.27
N ALA B 15 -0.68 -11.67 14.66
CA ALA B 15 -1.87 -10.79 14.63
C ALA B 15 -2.04 -10.05 15.97
N LYS B 16 -1.16 -10.32 16.94
CA LYS B 16 -1.26 -9.79 18.32
C LYS B 16 -0.92 -8.31 18.37
N SER B 17 -1.54 -7.57 19.28
CA SER B 17 -1.26 -6.13 19.53
C SER B 17 -0.26 -6.00 20.69
N ARG B 18 0.17 -4.78 20.95
CA ARG B 18 1.15 -4.53 22.02
C ARG B 18 0.61 -5.07 23.35
N PRO B 19 -0.61 -4.68 23.75
CA PRO B 19 -1.11 -5.07 25.07
C PRO B 19 -1.18 -6.59 25.22
N GLU B 20 -1.36 -7.26 24.07
CA GLU B 20 -1.50 -8.73 24.00
C GLU B 20 -0.10 -9.32 24.13
N LEU B 21 0.87 -8.76 23.40
CA LEU B 21 2.31 -9.15 23.46
C LEU B 21 2.87 -8.92 24.87
N LEU B 22 2.45 -7.87 25.57
CA LEU B 22 2.95 -7.60 26.94
C LEU B 22 2.51 -8.69 27.94
N GLU B 23 1.59 -9.59 27.54
CA GLU B 23 1.20 -10.73 28.42
C GLU B 23 2.46 -11.53 28.76
N TYR B 24 3.44 -11.57 27.83
CA TYR B 24 4.66 -12.41 27.89
C TYR B 24 5.92 -11.59 28.25
N TYR B 25 5.78 -10.42 28.86
CA TYR B 25 6.93 -9.53 29.14
C TYR B 25 7.84 -10.17 30.19
N ILE B 26 9.15 -10.08 29.95
CA ILE B 26 10.24 -10.57 30.84
C ILE B 26 11.30 -9.45 30.92
N LYS B 27 11.71 -9.13 32.15
CA LYS B 27 12.86 -8.23 32.45
C LYS B 27 14.08 -8.83 31.76
N VAL B 28 14.81 -8.09 30.95
CA VAL B 28 16.11 -8.61 30.44
C VAL B 28 17.21 -7.73 31.05
N ILE B 29 18.23 -8.35 31.64
CA ILE B 29 19.43 -7.67 32.20
C ILE B 29 20.59 -7.98 31.22
N LEU B 30 21.33 -6.96 30.78
CA LEU B 30 22.60 -7.13 30.03
C LEU B 30 23.68 -7.73 30.96
N ASP B 31 24.52 -8.63 30.44
CA ASP B 31 25.46 -9.47 31.22
C ASP B 31 26.88 -8.94 31.04
N TYR B 32 27.48 -8.38 32.10
CA TYR B 32 28.80 -7.70 32.00
C TYR B 32 29.88 -8.72 31.59
N ASN B 33 29.65 -10.02 31.79
CA ASN B 33 30.62 -11.09 31.41
C ASN B 33 30.68 -11.28 29.89
N THR B 34 29.75 -10.72 29.11
CA THR B 34 29.60 -10.99 27.65
C THR B 34 30.02 -9.77 26.84
N ALA B 35 29.90 -8.57 27.43
CA ALA B 35 30.09 -7.27 26.73
C ALA B 35 31.50 -7.13 26.16
N HIS B 36 31.62 -6.84 24.86
CA HIS B 36 32.89 -6.41 24.22
C HIS B 36 33.48 -5.22 24.99
N ASN B 37 34.80 -5.07 24.93
CA ASN B 37 35.58 -3.99 25.63
C ASN B 37 35.05 -2.60 25.27
N LYS B 38 34.41 -2.47 24.11
CA LYS B 38 33.95 -1.19 23.49
C LYS B 38 32.46 -0.98 23.74
N VAL B 39 31.86 -1.78 24.60
CA VAL B 39 30.42 -1.62 24.95
C VAL B 39 30.36 -1.31 26.44
N ALA B 40 29.86 -0.14 26.80
CA ALA B 40 29.61 0.26 28.20
C ALA B 40 28.17 -0.08 28.55
N LEU B 41 27.98 -0.65 29.73
CA LEU B 41 26.66 -0.96 30.32
C LEU B 41 26.34 0.15 31.31
N SER B 42 25.07 0.48 31.53
CA SER B 42 24.64 1.61 32.40
C SER B 42 23.19 1.43 32.84
N GLU B 43 22.71 2.27 33.76
CA GLU B 43 21.32 2.24 34.24
C GLU B 43 20.96 0.79 34.58
N CYS B 44 21.56 0.27 35.66
CA CYS B 44 21.47 -1.12 36.18
C CYS B 44 21.47 -2.14 35.05
N TYR B 45 22.50 -2.11 34.19
CA TYR B 45 22.74 -3.11 33.14
C TYR B 45 21.48 -3.20 32.27
N THR B 46 21.00 -2.03 31.80
CA THR B 46 19.74 -1.86 31.04
C THR B 46 20.05 -1.22 29.68
N VAL B 47 21.22 -0.58 29.55
CA VAL B 47 21.58 0.29 28.40
C VAL B 47 22.95 -0.17 27.91
N ALA B 48 23.07 -0.38 26.62
CA ALA B 48 24.33 -0.70 25.95
C ALA B 48 24.64 0.44 25.00
N SER B 49 25.83 1.03 25.16
CA SER B 49 26.35 2.18 24.36
C SER B 49 27.77 1.83 23.97
N VAL B 50 28.23 2.39 22.87
CA VAL B 50 29.67 2.40 22.49
C VAL B 50 30.41 3.32 23.45
N ALA B 51 31.45 2.83 24.11
CA ALA B 51 32.44 3.69 24.79
C ALA B 51 33.48 4.12 23.76
N GLU B 52 33.86 5.41 23.80
CA GLU B 52 35.04 6.01 23.11
C GLU B 52 36.33 5.28 23.52
N MET B 53 36.41 4.76 24.76
CA MET B 53 37.62 4.20 25.41
C MET B 53 37.28 2.90 26.14
N PRO B 54 38.14 1.85 26.04
CA PRO B 54 37.86 0.54 26.60
C PRO B 54 37.41 0.51 28.07
N GLN B 55 36.60 -0.50 28.44
CA GLN B 55 36.03 -0.67 29.79
C GLN B 55 36.91 -1.60 30.64
N ASN B 56 37.88 -2.29 30.02
CA ASN B 56 38.85 -3.20 30.70
C ASN B 56 38.07 -4.15 31.64
N TYR B 57 37.14 -4.91 31.05
CA TYR B 57 36.40 -6.01 31.71
C TYR B 57 37.36 -7.20 31.93
N ARG B 58 37.06 -7.99 32.95
CA ARG B 58 37.68 -9.31 33.23
C ARG B 58 37.60 -10.19 31.98
N PRO B 59 38.73 -10.68 31.42
CA PRO B 59 38.67 -11.71 30.38
C PRO B 59 37.68 -12.78 30.84
N HIS B 60 36.85 -13.27 29.94
CA HIS B 60 35.81 -14.27 30.26
C HIS B 60 35.54 -15.08 29.00
N PRO B 61 35.44 -16.42 29.08
CA PRO B 61 35.24 -17.23 27.87
C PRO B 61 33.98 -16.84 27.09
N GLN B 62 32.99 -16.29 27.79
CA GLN B 62 31.68 -15.87 27.22
C GLN B 62 31.77 -14.50 26.55
N ARG B 63 32.89 -13.77 26.69
CA ARG B 63 33.02 -12.36 26.25
C ARG B 63 33.39 -12.28 24.77
N PHE B 64 32.62 -11.50 24.01
CA PHE B 64 32.86 -11.13 22.60
C PHE B 64 34.16 -10.34 22.50
N THR B 65 35.08 -10.80 21.66
CA THR B 65 36.45 -10.22 21.49
C THR B 65 36.54 -9.38 20.21
N TYR B 66 35.64 -9.52 19.24
CA TYR B 66 35.73 -8.86 17.91
C TYR B 66 34.55 -7.91 17.66
N CYS B 67 33.32 -8.38 17.84
CA CYS B 67 32.05 -7.65 17.60
C CYS B 67 31.57 -6.94 18.87
N SER B 68 31.06 -5.72 18.72
CA SER B 68 30.60 -4.83 19.80
C SER B 68 29.21 -5.29 20.19
N GLN B 69 29.15 -6.44 20.85
CA GLN B 69 27.91 -7.19 21.12
C GLN B 69 27.85 -7.49 22.60
N VAL B 70 26.67 -7.90 23.06
CA VAL B 70 26.42 -8.27 24.48
C VAL B 70 25.13 -9.09 24.53
N LEU B 71 24.98 -9.96 25.51
CA LEU B 71 23.84 -10.89 25.66
C LEU B 71 23.11 -10.50 26.93
N GLY B 72 21.87 -10.92 27.08
CA GLY B 72 21.22 -10.94 28.41
C GLY B 72 21.73 -12.06 29.31
N LEU B 73 21.50 -11.92 30.61
CA LEU B 73 21.97 -12.89 31.63
C LEU B 73 21.25 -14.23 31.40
N HIS B 74 19.93 -14.22 31.24
CA HIS B 74 19.13 -15.45 31.23
C HIS B 74 18.86 -15.87 29.80
N CYS B 75 18.74 -17.19 29.57
CA CYS B 75 18.31 -17.80 28.29
C CYS B 75 17.05 -18.62 28.54
N TYR B 76 16.41 -19.08 27.48
CA TYR B 76 15.02 -19.63 27.51
C TYR B 76 14.97 -20.83 26.56
N LYS B 77 14.53 -21.98 27.07
CA LYS B 77 14.36 -23.24 26.28
C LYS B 77 12.91 -23.73 26.34
N LYS B 78 12.07 -23.05 27.11
CA LYS B 78 10.60 -23.23 27.13
C LYS B 78 9.91 -21.86 27.31
N GLY B 79 8.61 -21.81 27.01
CA GLY B 79 7.73 -20.69 27.35
C GLY B 79 7.69 -19.64 26.26
N ILE B 80 7.03 -18.52 26.58
CA ILE B 80 6.77 -17.38 25.67
C ILE B 80 7.30 -16.09 26.33
N HIS B 81 8.19 -15.41 25.62
CA HIS B 81 8.93 -14.23 26.14
C HIS B 81 8.85 -13.09 25.11
N TYR B 82 8.42 -11.93 25.61
CA TYR B 82 8.42 -10.63 24.89
C TYR B 82 9.36 -9.68 25.63
N TRP B 83 10.15 -8.93 24.89
CA TRP B 83 10.93 -7.78 25.44
C TRP B 83 11.11 -6.70 24.38
N GLU B 84 11.22 -5.43 24.84
CA GLU B 84 11.22 -4.23 23.98
C GLU B 84 12.57 -3.52 24.15
N VAL B 85 13.14 -3.07 23.04
CA VAL B 85 14.42 -2.34 22.97
C VAL B 85 14.17 -0.99 22.30
N GLU B 86 14.41 0.11 22.99
CA GLU B 86 14.47 1.48 22.43
C GLU B 86 15.81 1.61 21.71
N LEU B 87 15.85 2.24 20.54
CA LEU B 87 17.13 2.59 19.88
C LEU B 87 17.13 4.05 19.45
N GLN B 88 18.31 4.68 19.53
CA GLN B 88 18.69 5.96 18.87
C GLN B 88 18.40 5.86 17.37
N LYS B 89 18.08 6.98 16.73
CA LYS B 89 17.59 7.00 15.34
C LYS B 89 18.70 6.54 14.39
N ASN B 90 19.62 7.44 14.02
CA ASN B 90 20.52 7.31 12.84
C ASN B 90 21.84 6.68 13.27
N ASN B 91 21.82 5.40 13.66
CA ASN B 91 23.01 4.68 14.19
C ASN B 91 23.03 3.23 13.71
N PHE B 92 24.18 2.58 13.88
CA PHE B 92 24.45 1.15 13.57
C PHE B 92 24.17 0.32 14.82
N CYS B 93 23.17 -0.56 14.75
CA CYS B 93 22.84 -1.47 15.88
C CYS B 93 22.02 -2.65 15.37
N GLY B 94 21.86 -3.66 16.20
CA GLY B 94 21.11 -4.88 15.87
C GLY B 94 20.48 -5.45 17.12
N VAL B 95 19.30 -6.04 16.98
CA VAL B 95 18.60 -6.70 18.10
C VAL B 95 18.30 -8.13 17.65
N GLY B 96 18.48 -9.11 18.53
CA GLY B 96 18.53 -10.50 18.07
C GLY B 96 18.35 -11.48 19.20
N ILE B 97 18.54 -12.75 18.84
CA ILE B 97 18.67 -13.89 19.78
C ILE B 97 19.85 -14.77 19.34
N CYS B 98 20.46 -15.48 20.28
CA CYS B 98 21.44 -16.54 19.91
C CYS B 98 21.42 -17.68 20.93
N TYR B 99 21.90 -18.84 20.47
CA TYR B 99 22.35 -20.02 21.28
C TYR B 99 23.61 -19.67 22.06
N GLY B 100 23.72 -20.19 23.28
CA GLY B 100 24.95 -20.06 24.09
C GLY B 100 26.18 -20.60 23.38
N SER B 101 26.03 -21.67 22.57
CA SER B 101 27.14 -22.34 21.83
C SER B 101 27.79 -21.42 20.77
N MET B 102 27.16 -20.29 20.46
CA MET B 102 27.65 -19.35 19.41
C MET B 102 29.07 -18.94 19.74
N ASN B 103 29.95 -19.05 18.74
CA ASN B 103 31.35 -18.56 18.74
C ASN B 103 31.39 -17.10 19.21
N ARG B 104 32.30 -16.74 20.11
CA ARG B 104 32.47 -15.34 20.58
C ARG B 104 33.57 -14.61 19.79
N GLN B 105 34.33 -15.25 18.89
CA GLN B 105 35.49 -14.57 18.24
C GLN B 105 35.20 -14.33 16.77
N GLY B 106 35.88 -13.34 16.17
CA GLY B 106 35.95 -13.16 14.72
C GLY B 106 34.71 -12.45 14.16
N PRO B 107 34.72 -12.11 12.87
CA PRO B 107 33.56 -11.52 12.22
C PRO B 107 32.41 -12.54 12.09
N GLU B 108 32.69 -13.84 12.20
CA GLU B 108 31.67 -14.93 12.15
C GLU B 108 30.70 -14.74 13.34
N SER B 109 31.21 -14.27 14.49
CA SER B 109 30.43 -14.01 15.73
C SER B 109 29.49 -12.80 15.55
N ARG B 110 29.51 -12.07 14.42
CA ARG B 110 28.55 -10.95 14.20
C ARG B 110 27.13 -11.53 14.16
N LEU B 111 26.19 -10.95 14.93
CA LEU B 111 24.79 -11.43 15.01
C LEU B 111 24.24 -11.67 13.58
N GLY B 112 23.69 -12.86 13.34
CA GLY B 112 23.01 -13.22 12.08
C GLY B 112 23.93 -13.80 11.02
N ARG B 113 25.25 -13.75 11.25
CA ARG B 113 26.30 -14.19 10.28
C ARG B 113 26.66 -15.66 10.53
N ASN B 114 25.87 -16.38 11.32
CA ASN B 114 26.15 -17.77 11.75
C ASN B 114 24.82 -18.46 12.04
N SER B 115 24.83 -19.78 12.14
CA SER B 115 23.60 -20.60 12.30
C SER B 115 23.12 -20.60 13.76
N ALA B 116 23.82 -19.95 14.68
CA ALA B 116 23.42 -19.95 16.11
C ALA B 116 22.73 -18.64 16.51
N SER B 117 22.46 -17.72 15.56
CA SER B 117 21.96 -16.35 15.88
C SER B 117 20.96 -15.87 14.83
N TRP B 118 20.00 -15.09 15.27
CA TRP B 118 18.98 -14.45 14.41
C TRP B 118 18.83 -13.02 14.88
N CYS B 119 18.86 -12.06 13.98
CA CYS B 119 18.74 -10.65 14.37
C CYS B 119 18.06 -9.84 13.28
N VAL B 120 17.68 -8.64 13.68
CA VAL B 120 17.24 -7.50 12.82
C VAL B 120 18.32 -6.44 13.04
N GLU B 121 18.69 -5.68 12.02
CA GLU B 121 19.91 -4.85 12.05
C GLU B 121 19.67 -3.55 11.29
N TRP B 122 19.88 -2.40 11.96
CA TRP B 122 19.85 -1.03 11.41
C TRP B 122 21.26 -0.62 11.00
N PHE B 123 21.47 -0.36 9.71
CA PHE B 123 22.77 -0.09 9.05
C PHE B 123 22.57 1.10 8.10
N ASN B 124 23.32 2.19 8.30
CA ASN B 124 23.10 3.46 7.57
C ASN B 124 21.67 3.93 7.99
N THR B 125 20.68 3.66 7.14
CA THR B 125 19.24 3.99 7.35
C THR B 125 18.37 2.78 6.98
N LYS B 126 18.99 1.67 6.55
CA LYS B 126 18.30 0.49 5.93
C LYS B 126 18.25 -0.67 6.94
N ILE B 127 17.20 -1.49 6.90
CA ILE B 127 16.96 -2.53 7.93
C ILE B 127 17.07 -3.90 7.27
N SER B 128 17.76 -4.87 7.89
CA SER B 128 17.90 -6.24 7.37
C SER B 128 17.68 -7.25 8.50
N ALA B 129 17.03 -8.38 8.16
CA ALA B 129 17.00 -9.61 8.98
C ALA B 129 18.20 -10.47 8.55
N TRP B 130 18.91 -11.06 9.49
CA TRP B 130 20.05 -11.97 9.22
C TRP B 130 19.88 -13.27 9.99
N HIS B 131 20.11 -14.39 9.32
CA HIS B 131 20.37 -15.71 9.95
C HIS B 131 21.28 -16.46 9.02
N ASN B 132 22.33 -17.06 9.58
CA ASN B 132 23.20 -18.02 8.86
C ASN B 132 23.87 -17.29 7.70
N ASN B 133 24.19 -16.02 7.93
CA ASN B 133 24.90 -15.13 6.96
C ASN B 133 24.06 -14.98 5.69
N VAL B 134 22.75 -15.15 5.79
CA VAL B 134 21.77 -14.82 4.71
C VAL B 134 21.04 -13.55 5.13
N GLU B 135 21.09 -12.52 4.29
CA GLU B 135 20.43 -11.21 4.49
C GLU B 135 19.04 -11.22 3.83
N LYS B 136 18.07 -10.55 4.47
CA LYS B 136 16.78 -10.16 3.86
C LYS B 136 16.58 -8.66 4.10
N THR B 137 16.48 -7.90 3.02
CA THR B 137 16.12 -6.46 3.04
C THR B 137 14.74 -6.30 3.69
N LEU B 138 14.58 -5.31 4.57
CA LEU B 138 13.29 -4.94 5.19
C LEU B 138 12.91 -3.51 4.83
N PRO B 139 11.60 -3.21 4.72
CA PRO B 139 11.13 -1.83 4.52
C PRO B 139 11.61 -0.94 5.68
N SER B 140 11.97 0.32 5.41
CA SER B 140 12.36 1.27 6.47
C SER B 140 11.11 1.60 7.30
N THR B 141 11.28 1.90 8.58
CA THR B 141 10.19 2.24 9.53
C THR B 141 10.66 3.44 10.36
N LYS B 142 9.74 4.28 10.82
CA LYS B 142 10.05 5.42 11.74
C LYS B 142 10.26 4.90 13.17
N ALA B 143 9.63 3.75 13.52
CA ALA B 143 9.69 3.14 14.86
C ALA B 143 11.12 3.27 15.40
N THR B 144 11.27 3.57 16.68
CA THR B 144 12.59 3.62 17.35
C THR B 144 12.56 2.58 18.47
N ARG B 145 11.70 1.59 18.31
CA ARG B 145 11.51 0.53 19.31
C ARG B 145 11.20 -0.77 18.61
N VAL B 146 11.87 -1.85 19.03
CA VAL B 146 11.62 -3.22 18.50
C VAL B 146 11.19 -4.15 19.64
N GLY B 147 10.19 -4.96 19.31
CA GLY B 147 9.64 -6.00 20.19
C GLY B 147 10.08 -7.34 19.67
N VAL B 148 10.63 -8.16 20.56
CA VAL B 148 11.08 -9.52 20.21
C VAL B 148 10.11 -10.48 20.91
N LEU B 149 9.35 -11.22 20.11
CA LEU B 149 8.56 -12.32 20.65
C LEU B 149 9.26 -13.66 20.37
N LEU B 150 9.74 -14.32 21.43
CA LEU B 150 10.37 -15.66 21.36
C LEU B 150 9.40 -16.71 21.90
N ASN B 151 9.00 -17.63 21.04
CA ASN B 151 8.14 -18.77 21.42
C ASN B 151 9.03 -20.02 21.42
N CYS B 152 9.37 -20.49 22.62
CA CYS B 152 10.18 -21.70 22.81
C CYS B 152 9.30 -22.94 23.01
N ASP B 153 7.98 -22.78 23.04
CA ASP B 153 7.03 -23.92 23.06
C ASP B 153 6.75 -24.41 21.64
N HIS B 154 6.70 -23.53 20.61
CA HIS B 154 6.35 -23.91 19.21
C HIS B 154 7.35 -23.32 18.18
N GLY B 155 8.54 -22.90 18.63
CA GLY B 155 9.72 -22.73 17.77
C GLY B 155 9.58 -21.65 16.71
N PHE B 156 9.41 -20.39 17.13
CA PHE B 156 9.55 -19.21 16.23
C PHE B 156 9.94 -17.98 17.04
N VAL B 157 10.52 -17.00 16.34
CA VAL B 157 10.83 -15.65 16.87
C VAL B 157 10.28 -14.58 15.91
N ILE B 158 9.61 -13.56 16.46
CA ILE B 158 9.03 -12.43 15.67
C ILE B 158 9.69 -11.13 16.15
N PHE B 159 10.26 -10.37 15.21
CA PHE B 159 10.73 -8.99 15.44
C PHE B 159 9.62 -8.05 14.98
N PHE B 160 9.08 -7.24 15.91
CA PHE B 160 8.05 -6.21 15.66
C PHE B 160 8.66 -4.81 15.72
N ALA B 161 8.24 -3.92 14.82
CA ALA B 161 8.46 -2.46 14.98
C ALA B 161 7.34 -1.99 15.89
N VAL B 162 7.67 -1.40 17.05
CA VAL B 162 6.66 -0.92 18.04
C VAL B 162 6.56 0.60 17.91
N ALA B 163 5.46 1.09 17.33
CA ALA B 163 5.11 2.53 17.24
C ALA B 163 3.73 2.75 17.89
N ASP B 164 2.77 3.39 17.23
CA ASP B 164 1.41 3.55 17.84
C ASP B 164 0.69 2.20 17.79
N LYS B 165 0.83 1.51 16.67
CA LYS B 165 0.58 0.05 16.61
C LYS B 165 1.93 -0.67 16.47
N VAL B 166 1.85 -1.97 16.61
CA VAL B 166 2.94 -2.95 16.38
C VAL B 166 2.87 -3.29 14.88
N HIS B 167 3.99 -3.56 14.20
CA HIS B 167 4.06 -4.04 12.79
C HIS B 167 5.17 -5.08 12.63
N LEU B 168 4.92 -6.14 11.89
CA LEU B 168 5.91 -7.18 11.54
C LEU B 168 7.07 -6.55 10.77
N MET B 169 8.30 -6.76 11.26
CA MET B 169 9.57 -6.50 10.54
C MET B 169 9.96 -7.82 9.88
N TYR B 170 9.97 -8.92 10.62
CA TYR B 170 10.37 -10.27 10.13
C TYR B 170 10.19 -11.33 11.20
N LYS B 171 10.14 -12.60 10.77
CA LYS B 171 10.03 -13.75 11.71
C LYS B 171 10.86 -14.92 11.19
N PHE B 172 11.22 -15.83 12.09
CA PHE B 172 11.86 -17.11 11.73
C PHE B 172 11.17 -18.25 12.48
N ARG B 173 10.71 -19.26 11.76
CA ARG B 173 10.39 -20.58 12.37
C ARG B 173 11.74 -21.30 12.48
N VAL B 174 11.99 -21.88 13.65
CA VAL B 174 13.08 -22.87 13.84
C VAL B 174 12.74 -23.71 15.06
N ASP B 175 12.90 -25.04 14.96
CA ASP B 175 12.84 -25.96 16.11
C ASP B 175 14.19 -25.88 16.81
N PHE B 176 14.25 -25.14 17.91
CA PHE B 176 15.47 -24.72 18.64
C PHE B 176 16.06 -25.92 19.35
N THR B 177 17.38 -26.08 19.25
CA THR B 177 18.17 -27.24 19.74
C THR B 177 18.82 -26.93 21.09
N GLU B 178 18.79 -25.67 21.53
CA GLU B 178 19.18 -25.27 22.90
C GLU B 178 18.52 -23.93 23.24
N ALA B 179 18.81 -23.41 24.44
CA ALA B 179 18.31 -22.14 25.01
C ALA B 179 18.74 -20.95 24.12
N LEU B 180 17.89 -19.91 24.04
CA LEU B 180 18.20 -18.63 23.34
C LEU B 180 18.47 -17.53 24.38
N TYR B 181 19.53 -16.76 24.15
CA TYR B 181 19.85 -15.52 24.87
C TYR B 181 19.45 -14.32 24.01
N PRO B 182 18.81 -13.29 24.59
CA PRO B 182 18.74 -12.00 23.92
C PRO B 182 20.15 -11.57 23.56
N ALA B 183 20.30 -11.05 22.35
CA ALA B 183 21.59 -10.56 21.79
C ALA B 183 21.46 -9.13 21.26
N PHE B 184 22.49 -8.32 21.48
CA PHE B 184 22.53 -6.88 21.12
C PHE B 184 23.83 -6.52 20.46
N TRP B 185 23.78 -5.71 19.39
CA TRP B 185 24.92 -5.15 18.65
C TRP B 185 24.75 -3.61 18.59
N VAL B 186 25.78 -2.85 18.97
CA VAL B 186 25.88 -1.36 18.83
C VAL B 186 27.27 -1.02 18.27
N PHE B 187 27.41 -0.35 17.12
CA PHE B 187 28.75 -0.02 16.57
C PHE B 187 28.74 1.28 15.76
N SER B 188 28.57 2.39 16.44
CA SER B 188 28.82 3.74 15.90
C SER B 188 29.12 4.64 17.11
N ALA B 189 29.83 5.74 16.96
CA ALA B 189 30.26 6.54 18.13
C ALA B 189 29.09 6.73 19.11
N GLY B 190 27.89 7.09 18.65
CA GLY B 190 26.79 7.50 19.55
C GLY B 190 25.78 6.40 19.88
N ALA B 191 25.90 5.22 19.26
CA ALA B 191 24.86 4.17 19.20
C ALA B 191 24.50 3.66 20.61
N THR B 192 23.20 3.48 20.89
CA THR B 192 22.72 2.98 22.20
C THR B 192 21.45 2.15 21.99
N LEU B 193 21.31 1.09 22.77
CA LEU B 193 20.08 0.26 22.90
C LEU B 193 19.63 0.32 24.34
N SER B 194 18.33 0.37 24.59
CA SER B 194 17.81 0.48 25.96
C SER B 194 16.73 -0.56 26.18
N ILE B 195 16.95 -1.45 27.12
CA ILE B 195 15.92 -2.44 27.50
C ILE B 195 14.81 -1.67 28.24
N CYS B 196 13.65 -1.62 27.62
CA CYS B 196 12.45 -0.92 28.13
C CYS B 196 11.91 -1.66 29.34
N SER B 197 11.38 -0.87 30.28
CA SER B 197 10.52 -1.32 31.40
C SER B 197 9.15 -0.69 31.18
N PRO B 198 8.33 -1.27 30.27
CA PRO B 198 7.09 -0.64 29.81
C PRO B 198 6.20 -0.16 30.95
N LYS B 199 5.83 1.13 30.88
CA LYS B 199 5.04 1.79 31.94
C LYS B 199 3.58 1.33 31.84
N TYR B 200 3.25 0.64 30.76
CA TYR B 200 1.92 0.00 30.58
C TYR B 200 1.70 -0.97 31.75
N LEU B 201 2.77 -1.60 32.22
CA LEU B 201 2.71 -2.66 33.28
C LEU B 201 2.94 -2.02 34.64
N GLU B 202 2.54 -2.69 35.71
CA GLU B 202 2.55 -2.17 37.10
C GLU B 202 4.01 -2.13 37.57
N HIS B 203 4.31 -1.18 38.48
CA HIS B 203 5.64 -1.04 39.13
C HIS B 203 5.48 -1.02 40.67
N LYS C 6 1.07 41.47 -2.55
CA LYS C 6 -0.28 40.81 -2.60
C LYS C 6 -0.24 39.54 -1.74
N ALA C 7 -1.38 38.88 -1.57
CA ALA C 7 -1.53 37.54 -0.95
C ALA C 7 -1.12 36.47 -1.98
N LYS C 8 -0.93 36.85 -3.26
CA LYS C 8 -0.57 35.94 -4.38
C LYS C 8 0.90 35.51 -4.25
N VAL C 9 1.80 36.44 -3.89
CA VAL C 9 3.26 36.16 -3.73
C VAL C 9 3.43 35.11 -2.61
N LEU C 10 2.70 35.24 -1.50
CA LEU C 10 2.68 34.27 -0.38
C LEU C 10 2.11 32.90 -0.83
N GLU C 11 1.10 32.85 -1.72
CA GLU C 11 0.56 31.54 -2.21
C GLU C 11 1.66 30.82 -2.99
N THR C 12 2.54 31.57 -3.67
CA THR C 12 3.62 31.00 -4.53
C THR C 12 4.72 30.42 -3.64
N PHE C 13 5.08 31.11 -2.55
CA PHE C 13 6.14 30.67 -1.62
C PHE C 13 5.65 29.48 -0.78
N LEU C 14 4.41 29.48 -0.29
CA LEU C 14 3.84 28.30 0.41
C LEU C 14 3.95 27.07 -0.50
N ALA C 15 3.80 27.23 -1.83
CA ALA C 15 3.73 26.08 -2.78
C ALA C 15 5.13 25.66 -3.28
N LYS C 16 6.20 26.36 -2.87
CA LYS C 16 7.59 26.12 -3.35
C LYS C 16 8.08 24.81 -2.75
N SER C 17 8.89 24.05 -3.50
CA SER C 17 9.64 22.85 -3.04
C SER C 17 11.03 23.23 -2.47
N ARG C 18 11.71 22.25 -1.82
CA ARG C 18 13.10 22.38 -1.29
C ARG C 18 13.94 23.06 -2.37
N PRO C 19 14.01 22.47 -3.58
CA PRO C 19 14.85 23.02 -4.65
C PRO C 19 14.53 24.50 -4.92
N GLU C 20 13.26 24.85 -4.98
CA GLU C 20 12.87 26.25 -5.24
C GLU C 20 13.28 27.12 -4.05
N LEU C 21 13.18 26.63 -2.80
CA LEU C 21 13.43 27.49 -1.60
C LEU C 21 14.95 27.70 -1.45
N LEU C 22 15.74 26.69 -1.82
CA LEU C 22 17.22 26.76 -1.74
C LEU C 22 17.70 27.89 -2.66
N GLU C 23 16.85 28.41 -3.54
CA GLU C 23 17.22 29.58 -4.39
C GLU C 23 17.71 30.72 -3.49
N TYR C 24 17.19 30.84 -2.27
CA TYR C 24 17.41 32.01 -1.37
C TYR C 24 18.30 31.66 -0.18
N TYR C 25 18.99 30.52 -0.20
CA TYR C 25 19.88 30.08 0.90
C TYR C 25 20.94 31.14 1.19
N ILE C 26 21.16 31.41 2.48
CA ILE C 26 22.26 32.26 3.04
C ILE C 26 22.91 31.48 4.19
N LYS C 27 24.21 31.67 4.34
CA LYS C 27 25.00 31.14 5.48
C LYS C 27 24.52 31.92 6.71
N VAL C 28 24.07 31.22 7.75
CA VAL C 28 23.92 31.81 9.10
C VAL C 28 25.12 31.33 9.91
N ILE C 29 25.70 32.21 10.72
CA ILE C 29 26.74 31.90 11.74
C ILE C 29 26.17 32.35 13.09
N LEU C 30 26.41 31.61 14.16
CA LEU C 30 25.95 32.00 15.51
C LEU C 30 26.92 33.04 16.12
N ASP C 31 26.33 34.10 16.69
CA ASP C 31 26.97 35.34 17.22
C ASP C 31 27.46 35.10 18.66
N TYR C 32 28.73 34.69 18.86
CA TYR C 32 29.27 34.21 20.17
C TYR C 32 29.13 35.29 21.24
N ASN C 33 28.75 36.52 20.88
CA ASN C 33 28.51 37.64 21.84
C ASN C 33 27.10 37.54 22.45
N THR C 34 26.13 36.96 21.75
CA THR C 34 24.70 36.87 22.17
C THR C 34 24.39 35.63 23.03
N ALA C 35 25.24 34.59 22.99
CA ALA C 35 24.98 33.26 23.57
C ALA C 35 24.93 33.30 25.11
N HIS C 36 23.79 32.93 25.72
CA HIS C 36 23.63 32.70 27.17
C HIS C 36 24.79 31.80 27.65
N ASN C 37 25.12 31.91 28.93
CA ASN C 37 26.31 31.25 29.55
C ASN C 37 26.19 29.73 29.43
N LYS C 38 24.96 29.20 29.20
CA LYS C 38 24.61 27.76 29.16
C LYS C 38 24.45 27.26 27.72
N VAL C 39 24.90 28.05 26.72
CA VAL C 39 24.74 27.75 25.26
C VAL C 39 26.11 27.68 24.59
N ALA C 40 26.75 26.49 24.58
CA ALA C 40 28.03 26.21 23.91
C ALA C 40 27.85 26.29 22.38
N LEU C 41 28.80 26.94 21.70
CA LEU C 41 28.93 27.01 20.22
C LEU C 41 30.08 26.11 19.81
N SER C 42 29.92 25.41 18.68
CA SER C 42 30.91 24.45 18.11
C SER C 42 30.80 24.41 16.57
N GLU C 43 31.72 23.66 15.92
CA GLU C 43 31.85 23.47 14.46
C GLU C 43 31.70 24.82 13.73
N CYS C 44 32.64 25.74 13.96
CA CYS C 44 32.72 27.10 13.35
C CYS C 44 31.35 27.79 13.47
N TYR C 45 30.85 27.91 14.70
CA TYR C 45 29.69 28.76 15.08
C TYR C 45 28.48 28.33 14.26
N THR C 46 28.30 27.01 14.19
CA THR C 46 27.33 26.27 13.33
C THR C 46 26.35 25.52 14.23
N VAL C 47 26.83 25.02 15.36
CA VAL C 47 26.05 24.21 16.35
C VAL C 47 25.91 25.00 17.65
N ALA C 48 24.68 25.11 18.15
CA ALA C 48 24.33 25.54 19.52
C ALA C 48 23.88 24.31 20.34
N SER C 49 24.60 23.95 21.39
CA SER C 49 24.20 22.93 22.40
C SER C 49 24.06 23.56 23.79
N VAL C 50 23.51 22.80 24.73
CA VAL C 50 23.43 23.14 26.18
C VAL C 50 24.73 22.63 26.84
N ALA C 51 25.64 23.54 27.21
CA ALA C 51 26.91 23.20 27.90
C ALA C 51 26.61 22.60 29.26
N GLU C 52 27.34 21.56 29.68
CA GLU C 52 27.23 20.94 31.04
C GLU C 52 27.60 21.98 32.09
N MET C 53 28.73 22.68 31.86
CA MET C 53 29.28 23.74 32.75
C MET C 53 29.04 25.12 32.11
N PRO C 54 28.83 26.21 32.91
CA PRO C 54 28.76 27.57 32.35
C PRO C 54 30.03 27.99 31.60
N GLN C 55 29.89 28.49 30.37
CA GLN C 55 30.99 28.60 29.35
C GLN C 55 31.84 29.85 29.57
N ASN C 56 31.42 30.75 30.46
CA ASN C 56 32.28 31.83 31.02
C ASN C 56 32.65 32.81 29.89
N TYR C 57 31.67 33.10 29.02
CA TYR C 57 31.77 34.22 28.05
C TYR C 57 31.88 35.51 28.86
N ARG C 58 32.54 36.53 28.33
CA ARG C 58 32.56 37.90 28.93
C ARG C 58 31.14 38.46 28.92
N PRO C 59 30.71 39.21 29.96
CA PRO C 59 29.43 39.90 29.91
C PRO C 59 29.37 40.83 28.68
N HIS C 60 28.18 41.30 28.34
CA HIS C 60 27.89 42.13 27.13
C HIS C 60 26.42 42.52 27.17
N PRO C 61 26.03 43.74 26.73
CA PRO C 61 24.61 44.13 26.74
C PRO C 61 23.73 43.32 25.78
N GLN C 62 24.30 42.83 24.67
CA GLN C 62 23.55 42.07 23.62
C GLN C 62 23.32 40.63 24.09
N ARG C 63 24.01 40.18 25.14
CA ARG C 63 24.05 38.75 25.58
C ARG C 63 22.78 38.37 26.34
N PHE C 64 22.29 37.15 26.12
CA PHE C 64 21.09 36.56 26.78
C PHE C 64 21.46 36.11 28.21
N THR C 65 20.82 36.73 29.20
CA THR C 65 21.19 36.61 30.64
C THR C 65 20.36 35.51 31.31
N TYR C 66 19.08 35.39 30.94
CA TYR C 66 18.09 34.48 31.55
C TYR C 66 17.88 33.24 30.67
N CYS C 67 17.51 33.42 29.38
CA CYS C 67 17.11 32.30 28.46
C CYS C 67 18.31 31.68 27.74
N SER C 68 18.27 30.36 27.49
CA SER C 68 19.32 29.59 26.76
C SER C 68 19.19 29.83 25.25
N GLN C 69 19.66 31.00 24.80
CA GLN C 69 19.36 31.59 23.48
C GLN C 69 20.62 32.20 22.85
N VAL C 70 20.65 32.21 21.52
CA VAL C 70 21.78 32.71 20.67
C VAL C 70 21.17 33.27 19.40
N LEU C 71 21.80 34.28 18.82
CA LEU C 71 21.37 34.95 17.56
C LEU C 71 22.41 34.69 16.47
N GLY C 72 22.01 34.83 15.20
CA GLY C 72 22.94 34.93 14.06
C GLY C 72 23.78 36.21 14.14
N LEU C 73 24.90 36.26 13.40
CA LEU C 73 25.72 37.50 13.27
C LEU C 73 24.92 38.53 12.48
N HIS C 74 24.49 38.17 11.28
CA HIS C 74 23.89 39.14 10.32
C HIS C 74 22.38 39.16 10.56
N CYS C 75 21.74 40.27 10.18
CA CYS C 75 20.27 40.48 10.12
C CYS C 75 19.91 40.89 8.71
N TYR C 76 18.62 41.09 8.42
CA TYR C 76 18.06 41.24 7.06
C TYR C 76 16.88 42.20 7.15
N LYS C 77 16.98 43.38 6.52
CA LYS C 77 15.89 44.40 6.45
C LYS C 77 15.21 44.38 5.08
N LYS C 78 15.83 43.76 4.07
CA LYS C 78 15.25 43.56 2.72
C LYS C 78 15.77 42.27 2.10
N GLY C 79 15.06 41.78 1.08
CA GLY C 79 15.41 40.59 0.30
C GLY C 79 14.69 39.34 0.79
N ILE C 80 15.07 38.19 0.23
CA ILE C 80 14.47 36.87 0.55
C ILE C 80 15.59 35.95 1.00
N HIS C 81 15.41 35.29 2.14
CA HIS C 81 16.45 34.45 2.75
C HIS C 81 15.81 33.14 3.18
N TYR C 82 16.55 32.05 3.11
CA TYR C 82 16.09 30.71 3.55
C TYR C 82 17.26 30.04 4.25
N TRP C 83 17.06 29.60 5.48
CA TRP C 83 18.01 28.70 6.17
C TRP C 83 17.26 27.50 6.75
N GLU C 84 18.05 26.50 7.12
CA GLU C 84 17.63 25.16 7.56
C GLU C 84 18.40 24.83 8.84
N VAL C 85 17.66 24.52 9.88
CA VAL C 85 18.25 24.07 11.17
C VAL C 85 17.89 22.61 11.36
N GLU C 86 18.86 21.82 11.77
CA GLU C 86 18.71 20.39 12.10
C GLU C 86 18.58 20.28 13.62
N LEU C 87 17.55 19.59 14.14
CA LEU C 87 17.42 19.42 15.62
C LEU C 87 17.36 17.94 15.99
N GLN C 88 17.77 17.64 17.23
CA GLN C 88 17.64 16.34 17.92
C GLN C 88 16.18 16.18 18.34
N LYS C 89 15.64 14.96 18.24
CA LYS C 89 14.19 14.71 18.05
C LYS C 89 13.42 15.10 19.31
N ASN C 90 13.89 14.67 20.49
CA ASN C 90 13.10 14.66 21.76
C ASN C 90 13.63 15.71 22.74
N ASN C 91 13.64 16.98 22.34
CA ASN C 91 14.29 18.06 23.12
C ASN C 91 13.43 19.32 23.11
N PHE C 92 13.54 20.10 24.18
CA PHE C 92 13.07 21.51 24.24
C PHE C 92 13.96 22.39 23.34
N CYS C 93 13.44 22.90 22.24
CA CYS C 93 14.21 23.84 21.39
C CYS C 93 13.29 24.70 20.56
N GLY C 94 13.82 25.80 20.04
CA GLY C 94 13.02 26.85 19.39
C GLY C 94 13.82 27.52 18.29
N VAL C 95 13.21 27.74 17.12
CA VAL C 95 13.86 28.31 15.91
C VAL C 95 13.00 29.49 15.46
N GLY C 96 13.58 30.68 15.31
CA GLY C 96 12.77 31.79 14.81
C GLY C 96 13.58 33.01 14.47
N ILE C 97 12.89 34.14 14.49
CA ILE C 97 13.41 35.47 14.09
C ILE C 97 13.01 36.50 15.16
N CYS C 98 13.96 37.32 15.60
CA CYS C 98 13.70 38.51 16.45
C CYS C 98 14.30 39.76 15.80
N TYR C 99 13.60 40.90 15.90
CA TYR C 99 14.18 42.26 15.81
C TYR C 99 15.38 42.34 16.76
N GLY C 100 16.42 43.12 16.43
CA GLY C 100 17.62 43.33 17.30
C GLY C 100 17.28 43.96 18.64
N SER C 101 16.22 44.79 18.67
CA SER C 101 15.71 45.58 19.82
C SER C 101 15.08 44.68 20.90
N MET C 102 14.74 43.43 20.56
CA MET C 102 14.22 42.42 21.52
C MET C 102 15.13 42.39 22.75
N ASN C 103 14.52 42.19 23.91
CA ASN C 103 15.13 42.21 25.27
C ASN C 103 15.98 40.94 25.45
N ARG C 104 17.16 41.06 26.08
CA ARG C 104 18.10 39.92 26.32
C ARG C 104 17.92 39.39 27.76
N GLN C 105 17.22 40.13 28.63
CA GLN C 105 17.04 39.83 30.07
C GLN C 105 15.58 39.52 30.37
N GLY C 106 15.36 38.73 31.42
CA GLY C 106 14.02 38.45 32.00
C GLY C 106 13.25 37.47 31.14
N PRO C 107 12.22 36.79 31.69
CA PRO C 107 11.49 35.77 30.94
C PRO C 107 10.63 36.37 29.80
N GLU C 108 10.61 37.70 29.71
CA GLU C 108 10.07 38.45 28.54
C GLU C 108 11.01 38.24 27.34
N SER C 109 12.28 37.89 27.57
CA SER C 109 13.32 37.65 26.54
C SER C 109 13.12 36.32 25.80
N ARG C 110 12.34 35.35 26.32
CA ARG C 110 12.16 34.04 25.64
C ARG C 110 11.52 34.29 24.27
N LEU C 111 12.06 33.67 23.20
CA LEU C 111 11.52 33.70 21.81
C LEU C 111 10.02 33.47 21.85
N GLY C 112 9.25 34.23 21.08
CA GLY C 112 7.78 34.04 20.95
C GLY C 112 7.01 34.68 22.09
N ARG C 113 7.66 34.99 23.22
CA ARG C 113 7.02 35.58 24.45
C ARG C 113 7.16 37.12 24.43
N ASN C 114 7.29 37.73 23.23
CA ASN C 114 7.29 39.21 23.00
C ASN C 114 6.80 39.49 21.59
N SER C 115 6.65 40.77 21.25
CA SER C 115 6.21 41.32 19.93
C SER C 115 7.39 41.44 18.96
N ALA C 116 8.62 41.39 19.48
CA ALA C 116 9.91 41.50 18.73
C ALA C 116 10.29 40.18 18.03
N SER C 117 9.48 39.11 18.13
CA SER C 117 9.90 37.75 17.71
C SER C 117 8.72 36.85 17.36
N TRP C 118 9.01 35.95 16.44
CA TRP C 118 8.15 34.82 16.01
C TRP C 118 9.02 33.58 16.08
N CYS C 119 8.49 32.44 16.53
CA CYS C 119 9.23 31.17 16.51
C CYS C 119 8.30 29.98 16.40
N VAL C 120 8.92 28.84 16.25
CA VAL C 120 8.27 27.50 16.26
C VAL C 120 9.01 26.73 17.36
N GLU C 121 8.30 26.07 18.26
CA GLU C 121 8.89 25.51 19.51
C GLU C 121 8.58 24.02 19.60
N TRP C 122 9.53 23.27 20.13
CA TRP C 122 9.41 21.81 20.34
C TRP C 122 9.37 21.63 21.84
N PHE C 123 8.17 21.37 22.40
CA PHE C 123 7.93 21.15 23.85
C PHE C 123 7.89 19.63 24.08
N ASN C 124 9.08 19.02 24.11
CA ASN C 124 9.41 17.58 23.87
C ASN C 124 8.71 17.10 22.58
N THR C 125 7.47 16.57 22.68
CA THR C 125 6.68 15.95 21.58
C THR C 125 5.75 16.95 20.91
N LYS C 126 5.43 18.06 21.58
CA LYS C 126 4.37 18.97 21.13
C LYS C 126 5.03 20.16 20.40
N ILE C 127 4.44 20.60 19.29
CA ILE C 127 5.00 21.66 18.40
C ILE C 127 4.09 22.89 18.46
N SER C 128 4.65 24.05 18.79
CA SER C 128 3.95 25.36 18.89
C SER C 128 4.58 26.42 17.98
N ALA C 129 3.77 27.27 17.36
CA ALA C 129 4.12 28.63 16.92
C ALA C 129 3.80 29.65 18.02
N TRP C 130 4.76 30.53 18.34
CA TRP C 130 4.65 31.60 19.35
C TRP C 130 4.94 32.99 18.72
N HIS C 131 3.98 33.93 18.78
CA HIS C 131 4.23 35.39 18.62
C HIS C 131 3.53 36.19 19.72
N ASN C 132 4.29 37.04 20.43
CA ASN C 132 3.76 38.08 21.34
C ASN C 132 2.92 37.37 22.40
N ASN C 133 3.56 36.42 23.09
CA ASN C 133 2.97 35.61 24.18
C ASN C 133 1.60 35.01 23.80
N VAL C 134 1.34 34.82 22.51
CA VAL C 134 0.16 34.08 21.97
C VAL C 134 0.69 32.78 21.36
N GLU C 135 0.10 31.65 21.72
CA GLU C 135 0.58 30.30 21.32
C GLU C 135 -0.43 29.73 20.35
N LYS C 136 0.05 29.13 19.25
CA LYS C 136 -0.77 28.34 18.32
C LYS C 136 -0.21 26.92 18.24
N THR C 137 -1.11 25.95 18.18
CA THR C 137 -0.87 24.49 18.30
C THR C 137 -0.74 23.95 16.87
N LEU C 138 0.38 23.26 16.59
CA LEU C 138 0.72 22.72 15.25
C LEU C 138 0.77 21.19 15.27
N PRO C 139 0.27 20.51 14.21
CA PRO C 139 0.35 19.04 14.13
C PRO C 139 1.79 18.56 14.32
N SER C 140 1.98 17.42 14.98
CA SER C 140 3.31 16.79 15.15
C SER C 140 3.80 16.25 13.80
N THR C 141 5.11 16.35 13.55
CA THR C 141 5.82 15.87 12.33
C THR C 141 7.02 15.03 12.78
N LYS C 142 7.45 14.08 11.97
CA LYS C 142 8.64 13.22 12.24
C LYS C 142 9.92 13.95 11.80
N ALA C 143 9.79 14.88 10.85
CA ALA C 143 10.84 15.82 10.38
C ALA C 143 11.73 16.24 11.56
N THR C 144 13.04 16.07 11.43
CA THR C 144 14.06 16.62 12.35
C THR C 144 14.76 17.84 11.72
N ARG C 145 14.13 18.49 10.75
CA ARG C 145 14.72 19.72 10.17
C ARG C 145 13.63 20.70 9.82
N VAL C 146 13.88 21.98 10.14
CA VAL C 146 12.97 23.15 9.91
C VAL C 146 13.65 24.09 8.91
N GLY C 147 12.83 24.66 8.03
CA GLY C 147 13.22 25.67 7.04
C GLY C 147 12.48 26.95 7.30
N VAL C 148 13.22 28.01 7.61
CA VAL C 148 12.72 29.40 7.76
C VAL C 148 12.87 30.08 6.41
N LEU C 149 11.77 30.50 5.78
CA LEU C 149 11.87 31.42 4.64
C LEU C 149 11.38 32.79 5.07
N LEU C 150 12.31 33.74 5.19
CA LEU C 150 12.04 35.16 5.56
C LEU C 150 11.97 35.98 4.27
N ASN C 151 10.78 36.44 3.91
CA ASN C 151 10.57 37.38 2.80
C ASN C 151 10.42 38.77 3.38
N CYS C 152 11.50 39.55 3.43
CA CYS C 152 11.48 40.94 3.97
C CYS C 152 10.72 41.88 3.03
N ASP C 153 10.68 41.59 1.73
CA ASP C 153 10.13 42.53 0.70
C ASP C 153 8.59 42.48 0.71
N HIS C 154 7.96 41.40 1.13
CA HIS C 154 6.47 41.30 1.10
C HIS C 154 5.91 41.02 2.51
N GLY C 155 6.74 41.16 3.54
CA GLY C 155 6.37 40.97 4.96
C GLY C 155 5.68 39.64 5.20
N PHE C 156 6.45 38.55 5.25
CA PHE C 156 6.03 37.28 5.87
C PHE C 156 7.26 36.43 6.19
N VAL C 157 7.09 35.50 7.12
CA VAL C 157 8.08 34.42 7.44
C VAL C 157 7.32 33.12 7.33
N ILE C 158 7.94 32.06 6.81
CA ILE C 158 7.34 30.70 6.79
C ILE C 158 8.27 29.74 7.50
N PHE C 159 7.70 28.90 8.35
CA PHE C 159 8.40 27.77 8.97
C PHE C 159 7.94 26.51 8.25
N PHE C 160 8.87 25.84 7.59
CA PHE C 160 8.66 24.58 6.83
C PHE C 160 9.20 23.44 7.69
N ALA C 161 8.48 22.33 7.75
CA ALA C 161 9.09 21.04 8.16
C ALA C 161 9.77 20.51 6.91
N VAL C 162 11.02 20.06 7.03
CA VAL C 162 11.83 19.59 5.87
C VAL C 162 12.20 18.13 6.08
N ALA C 163 11.52 17.26 5.32
CA ALA C 163 11.78 15.81 5.20
C ALA C 163 11.88 15.45 3.72
N ASP C 164 11.32 14.34 3.25
CA ASP C 164 11.52 13.92 1.83
C ASP C 164 10.98 15.03 0.96
N LYS C 165 9.77 15.51 1.24
CA LYS C 165 9.24 16.76 0.66
C LYS C 165 9.22 17.80 1.80
N VAL C 166 8.62 18.94 1.53
CA VAL C 166 8.60 20.13 2.42
C VAL C 166 7.13 20.40 2.81
N HIS C 167 6.87 20.67 4.08
CA HIS C 167 5.50 20.82 4.64
C HIS C 167 5.39 22.12 5.44
N LEU C 168 4.29 22.84 5.28
CA LEU C 168 3.99 24.04 6.09
C LEU C 168 3.88 23.64 7.57
N MET C 169 4.56 24.36 8.46
CA MET C 169 4.37 24.27 9.93
C MET C 169 3.50 25.48 10.31
N TYR C 170 4.00 26.69 10.07
CA TYR C 170 3.25 27.94 10.31
C TYR C 170 3.93 29.10 9.60
N LYS C 171 3.14 30.14 9.31
CA LYS C 171 3.56 31.42 8.66
C LYS C 171 2.98 32.60 9.45
N PHE C 172 3.70 33.71 9.46
CA PHE C 172 3.19 35.02 9.93
C PHE C 172 3.33 36.05 8.80
N ARG C 173 2.25 36.77 8.46
CA ARG C 173 2.31 38.08 7.76
C ARG C 173 2.71 39.16 8.77
N VAL C 174 3.60 40.09 8.41
CA VAL C 174 3.96 41.26 9.28
C VAL C 174 4.72 42.30 8.42
N ASP C 175 4.23 43.55 8.38
CA ASP C 175 5.02 44.72 7.92
C ASP C 175 6.11 44.96 8.97
N PHE C 176 7.20 44.21 8.88
CA PHE C 176 8.34 44.30 9.82
C PHE C 176 8.75 45.77 9.90
N THR C 177 9.36 46.17 11.02
CA THR C 177 9.72 47.57 11.34
C THR C 177 11.22 47.68 11.57
N GLU C 178 11.99 46.60 11.41
CA GLU C 178 13.48 46.63 11.51
C GLU C 178 14.06 45.29 11.05
N ALA C 179 15.41 45.19 11.08
CA ALA C 179 16.21 44.02 10.62
C ALA C 179 15.94 42.82 11.53
N LEU C 180 15.68 41.65 10.91
CA LEU C 180 15.40 40.34 11.56
C LEU C 180 16.68 39.52 11.66
N TYR C 181 17.13 39.20 12.87
CA TYR C 181 18.19 38.20 13.13
C TYR C 181 17.57 36.81 13.17
N PRO C 182 18.27 35.76 12.68
CA PRO C 182 17.94 34.40 13.05
C PRO C 182 18.18 34.22 14.55
N ALA C 183 17.29 33.46 15.21
CA ALA C 183 17.24 33.25 16.68
C ALA C 183 16.99 31.79 17.02
N PHE C 184 17.70 31.28 18.02
CA PHE C 184 17.72 29.84 18.41
C PHE C 184 17.51 29.73 19.93
N TRP C 185 16.70 28.75 20.37
CA TRP C 185 16.48 28.35 21.79
C TRP C 185 16.86 26.87 21.96
N VAL C 186 17.71 26.53 22.93
CA VAL C 186 18.01 25.12 23.31
C VAL C 186 17.97 24.98 24.84
N PHE C 187 17.07 24.16 25.41
CA PHE C 187 16.98 24.01 26.89
C PHE C 187 16.59 22.58 27.31
N SER C 188 17.55 21.67 27.32
CA SER C 188 17.51 20.35 28.00
C SER C 188 18.87 19.70 27.80
N ALA C 189 19.35 18.95 28.79
CA ALA C 189 20.72 18.37 28.79
C ALA C 189 21.17 18.07 27.35
N GLY C 190 20.32 17.39 26.58
CA GLY C 190 20.68 16.85 25.25
C GLY C 190 20.61 17.85 24.10
N ALA C 191 19.99 19.01 24.26
CA ALA C 191 19.52 19.85 23.13
C ALA C 191 20.69 20.35 22.29
N THR C 192 20.53 20.26 20.97
CA THR C 192 21.45 20.81 19.95
C THR C 192 20.62 21.22 18.72
N LEU C 193 20.95 22.40 18.21
CA LEU C 193 20.60 22.99 16.89
C LEU C 193 21.87 23.08 16.02
N SER C 194 21.79 22.64 14.77
CA SER C 194 22.88 22.67 13.75
C SER C 194 22.40 23.48 12.55
N ILE C 195 23.00 24.62 12.27
CA ILE C 195 22.70 25.35 11.01
C ILE C 195 23.26 24.49 9.87
N CYS C 196 22.39 24.09 8.94
CA CYS C 196 22.74 23.17 7.83
C CYS C 196 23.47 23.94 6.75
N SER C 197 24.44 23.26 6.13
CA SER C 197 25.12 23.66 4.87
C SER C 197 24.65 22.71 3.77
N PRO C 198 23.47 22.95 3.15
CA PRO C 198 22.79 21.93 2.34
C PRO C 198 23.72 21.39 1.24
N LYS C 199 23.84 20.07 1.17
CA LYS C 199 24.79 19.40 0.25
C LYS C 199 24.22 19.40 -1.17
N TYR C 200 22.91 19.67 -1.34
CA TYR C 200 22.23 19.95 -2.64
C TYR C 200 23.00 21.05 -3.39
N LEU C 201 23.46 22.07 -2.66
CA LEU C 201 24.25 23.23 -3.19
C LEU C 201 25.74 22.88 -3.20
N GLU C 202 26.57 23.82 -3.69
CA GLU C 202 27.91 23.51 -4.27
C GLU C 202 29.00 23.78 -3.23
N HIS C 203 29.97 22.86 -3.10
CA HIS C 203 31.15 22.95 -2.20
C HIS C 203 32.39 22.70 -3.07
N HIS C 204 33.17 23.74 -3.42
CA HIS C 204 34.36 23.63 -4.31
C HIS C 204 35.51 24.53 -3.82
N LEU D 5 56.16 -15.08 -14.14
CA LEU D 5 55.89 -13.83 -14.94
C LEU D 5 54.90 -12.92 -14.17
N LYS D 6 53.67 -13.40 -13.92
CA LYS D 6 52.57 -12.66 -13.24
C LYS D 6 52.87 -12.44 -11.74
N ALA D 7 53.88 -13.12 -11.18
CA ALA D 7 54.31 -13.02 -9.76
C ALA D 7 55.61 -12.19 -9.63
N LYS D 8 56.51 -12.26 -10.62
CA LYS D 8 57.76 -11.44 -10.67
C LYS D 8 57.37 -9.95 -10.88
N VAL D 9 56.37 -9.69 -11.72
CA VAL D 9 55.83 -8.32 -11.97
C VAL D 9 55.06 -7.85 -10.70
N LEU D 10 54.36 -8.76 -10.01
CA LEU D 10 53.64 -8.45 -8.75
C LEU D 10 54.63 -8.00 -7.68
N GLU D 11 55.77 -8.69 -7.54
CA GLU D 11 56.85 -8.37 -6.55
C GLU D 11 57.45 -7.00 -6.86
N THR D 12 57.59 -6.66 -8.15
CA THR D 12 58.17 -5.37 -8.61
C THR D 12 57.29 -4.20 -8.14
N PHE D 13 55.95 -4.36 -8.11
CA PHE D 13 54.99 -3.28 -7.75
C PHE D 13 54.90 -3.16 -6.22
N LEU D 14 54.87 -4.29 -5.50
CA LEU D 14 54.94 -4.30 -4.02
C LEU D 14 56.18 -3.56 -3.52
N ALA D 15 57.27 -3.56 -4.30
CA ALA D 15 58.56 -2.92 -3.92
C ALA D 15 58.59 -1.45 -4.36
N LYS D 16 57.60 -1.00 -5.14
CA LYS D 16 57.61 0.40 -5.67
C LYS D 16 57.44 1.40 -4.53
N SER D 17 58.09 2.55 -4.67
CA SER D 17 57.92 3.72 -3.78
C SER D 17 56.67 4.47 -4.24
N ARG D 18 56.17 5.44 -3.45
CA ARG D 18 55.02 6.30 -3.84
C ARG D 18 55.35 6.93 -5.20
N PRO D 19 56.45 7.70 -5.34
CA PRO D 19 56.77 8.35 -6.63
C PRO D 19 56.72 7.42 -7.86
N GLU D 20 57.05 6.13 -7.66
CA GLU D 20 57.14 5.07 -8.71
C GLU D 20 55.73 4.55 -9.04
N LEU D 21 54.80 4.55 -8.07
CA LEU D 21 53.36 4.27 -8.31
C LEU D 21 52.74 5.45 -9.08
N LEU D 22 53.11 6.71 -8.79
CA LEU D 22 52.57 7.90 -9.48
C LEU D 22 52.98 7.97 -10.94
N GLU D 23 54.00 7.21 -11.38
CA GLU D 23 54.27 6.90 -12.82
C GLU D 23 52.93 6.55 -13.51
N TYR D 24 52.07 5.77 -12.85
CA TYR D 24 50.83 5.19 -13.45
C TYR D 24 49.55 5.94 -13.04
N TYR D 25 49.69 7.13 -12.44
CA TYR D 25 48.57 8.01 -12.05
C TYR D 25 47.53 8.13 -13.16
N ILE D 26 46.24 8.01 -12.81
CA ILE D 26 45.07 8.47 -13.61
C ILE D 26 44.30 9.48 -12.75
N LYS D 27 43.86 10.61 -13.33
CA LYS D 27 42.70 11.41 -12.83
C LYS D 27 41.43 10.53 -12.83
N VAL D 28 40.86 10.26 -11.65
CA VAL D 28 39.54 9.58 -11.52
C VAL D 28 38.55 10.68 -11.15
N ILE D 29 37.45 10.75 -11.90
CA ILE D 29 36.34 11.73 -11.73
C ILE D 29 35.06 10.91 -11.50
N LEU D 30 34.16 11.41 -10.66
CA LEU D 30 32.96 10.62 -10.25
C LEU D 30 31.87 10.74 -11.33
N ASP D 31 31.19 9.64 -11.61
CA ASP D 31 30.12 9.55 -12.65
C ASP D 31 28.77 9.89 -12.00
N TYR D 32 28.27 11.10 -12.24
CA TYR D 32 27.00 11.64 -11.69
C TYR D 32 25.84 10.67 -11.89
N ASN D 33 25.84 9.84 -12.94
CA ASN D 33 24.72 8.89 -13.19
C ASN D 33 24.76 7.67 -12.26
N THR D 34 25.89 7.39 -11.60
CA THR D 34 26.02 6.20 -10.73
C THR D 34 25.71 6.55 -9.26
N ALA D 35 25.76 7.84 -8.89
CA ALA D 35 25.74 8.28 -7.48
C ALA D 35 24.38 7.95 -6.88
N HIS D 36 24.37 7.24 -5.76
CA HIS D 36 23.15 6.96 -4.94
C HIS D 36 22.54 8.30 -4.51
N ASN D 37 21.25 8.25 -4.20
CA ASN D 37 20.37 9.41 -3.99
C ASN D 37 20.80 10.18 -2.73
N LYS D 38 21.40 9.50 -1.76
CA LYS D 38 21.97 10.11 -0.52
C LYS D 38 23.50 10.16 -0.57
N VAL D 39 24.08 10.21 -1.78
CA VAL D 39 25.52 10.50 -2.03
C VAL D 39 25.64 11.79 -2.85
N ALA D 40 26.25 12.81 -2.26
CA ALA D 40 26.52 14.14 -2.85
C ALA D 40 27.93 14.13 -3.44
N LEU D 41 28.12 14.90 -4.51
CA LEU D 41 29.36 15.05 -5.32
C LEU D 41 29.80 16.52 -5.24
N SER D 42 31.08 16.77 -5.02
CA SER D 42 31.59 18.11 -4.67
C SER D 42 33.06 18.19 -5.07
N GLU D 43 33.60 19.42 -5.16
CA GLU D 43 35.01 19.70 -5.54
C GLU D 43 35.26 19.12 -6.93
N CYS D 44 34.48 19.58 -7.90
CA CYS D 44 34.68 19.19 -9.31
C CYS D 44 34.70 17.65 -9.35
N TYR D 45 33.66 17.03 -8.84
CA TYR D 45 33.35 15.60 -9.04
C TYR D 45 34.43 14.72 -8.37
N THR D 46 35.06 15.25 -7.31
CA THR D 46 36.26 14.69 -6.61
C THR D 46 35.89 14.12 -5.24
N VAL D 47 34.89 14.69 -4.56
CA VAL D 47 34.46 14.27 -3.21
C VAL D 47 33.05 13.65 -3.29
N ALA D 48 32.94 12.42 -2.76
CA ALA D 48 31.72 11.69 -2.39
C ALA D 48 31.51 11.78 -0.88
N SER D 49 30.44 12.45 -0.42
CA SER D 49 30.04 12.56 0.99
C SER D 49 28.59 12.06 1.15
N VAL D 50 28.29 11.32 2.24
CA VAL D 50 26.92 10.95 2.66
C VAL D 50 26.14 12.25 2.91
N ALA D 51 24.94 12.33 2.34
CA ALA D 51 23.96 13.43 2.47
C ALA D 51 22.80 12.95 3.36
N GLU D 52 22.37 13.80 4.29
CA GLU D 52 21.20 13.47 5.13
C GLU D 52 19.95 13.43 4.22
N MET D 53 19.77 14.46 3.39
CA MET D 53 18.57 14.72 2.56
C MET D 53 18.74 14.11 1.16
N PRO D 54 17.67 13.54 0.55
CA PRO D 54 17.77 13.04 -0.82
C PRO D 54 18.11 14.16 -1.82
N GLN D 55 18.94 13.81 -2.81
CA GLN D 55 19.49 14.71 -3.86
C GLN D 55 18.61 14.73 -5.10
N ASN D 56 17.66 13.79 -5.25
CA ASN D 56 16.63 13.79 -6.34
C ASN D 56 17.29 13.63 -7.72
N TYR D 57 18.36 12.86 -7.77
CA TYR D 57 19.00 12.52 -9.06
C TYR D 57 17.96 11.80 -9.93
N ARG D 58 17.95 12.12 -11.22
CA ARG D 58 17.12 11.48 -12.25
C ARG D 58 17.28 9.97 -12.22
N PRO D 59 16.23 9.20 -12.49
CA PRO D 59 16.41 7.75 -12.63
C PRO D 59 17.42 7.49 -13.73
N HIS D 60 18.22 6.45 -13.54
CA HIS D 60 19.26 6.02 -14.51
C HIS D 60 19.57 4.56 -14.26
N PRO D 61 19.63 3.71 -15.30
CA PRO D 61 19.89 2.29 -15.10
C PRO D 61 21.24 2.06 -14.41
N GLN D 62 22.19 2.99 -14.60
CA GLN D 62 23.56 2.90 -14.03
C GLN D 62 23.61 3.30 -12.55
N ARG D 63 22.51 3.80 -11.97
CA ARG D 63 22.48 4.41 -10.61
C ARG D 63 22.23 3.37 -9.52
N PHE D 64 23.00 3.46 -8.43
CA PHE D 64 22.89 2.56 -7.24
C PHE D 64 21.62 2.93 -6.46
N THR D 65 20.71 1.99 -6.34
CA THR D 65 19.36 2.28 -5.79
C THR D 65 19.32 1.98 -4.29
N TYR D 66 20.14 1.04 -3.79
CA TYR D 66 20.21 0.64 -2.37
C TYR D 66 21.50 1.13 -1.68
N CYS D 67 22.67 0.76 -2.21
CA CYS D 67 24.00 0.99 -1.56
C CYS D 67 24.53 2.40 -1.84
N SER D 68 25.12 3.05 -0.84
CA SER D 68 25.66 4.43 -0.97
C SER D 68 26.98 4.39 -1.75
N GLN D 69 26.90 4.04 -3.04
CA GLN D 69 28.08 3.79 -3.89
C GLN D 69 28.10 4.78 -5.06
N VAL D 70 29.24 4.88 -5.72
CA VAL D 70 29.46 5.74 -6.90
C VAL D 70 30.74 5.23 -7.56
N LEU D 71 30.76 5.23 -8.90
CA LEU D 71 31.87 4.74 -9.77
C LEU D 71 32.55 5.96 -10.39
N GLY D 72 33.81 5.80 -10.82
CA GLY D 72 34.50 6.79 -11.68
C GLY D 72 33.97 6.68 -13.10
N LEU D 73 34.11 7.73 -13.93
CA LEU D 73 33.61 7.77 -15.35
C LEU D 73 34.26 6.68 -16.21
N HIS D 74 35.56 6.46 -16.07
CA HIS D 74 36.36 5.63 -16.99
C HIS D 74 36.64 4.29 -16.30
N CYS D 75 36.76 3.25 -17.14
CA CYS D 75 37.17 1.88 -16.78
C CYS D 75 38.37 1.51 -17.63
N TYR D 76 39.04 0.42 -17.27
CA TYR D 76 40.37 0.07 -17.82
C TYR D 76 40.35 -1.42 -18.10
N LYS D 77 40.68 -1.84 -19.33
CA LYS D 77 40.89 -3.28 -19.66
C LYS D 77 42.36 -3.51 -20.02
N LYS D 78 43.14 -2.47 -20.25
CA LYS D 78 44.59 -2.66 -20.50
C LYS D 78 45.39 -1.56 -19.79
N GLY D 79 46.60 -1.93 -19.37
CA GLY D 79 47.57 -0.99 -18.80
C GLY D 79 47.61 -1.08 -17.29
N ILE D 80 48.30 -0.12 -16.69
CA ILE D 80 48.61 -0.13 -15.24
C ILE D 80 48.17 1.23 -14.72
N HIS D 81 47.29 1.25 -13.72
CA HIS D 81 46.64 2.50 -13.30
C HIS D 81 46.75 2.60 -11.80
N TYR D 82 47.02 3.81 -11.32
CA TYR D 82 47.18 4.13 -9.88
C TYR D 82 46.38 5.39 -9.55
N TRP D 83 45.57 5.32 -8.49
CA TRP D 83 44.92 6.51 -7.87
C TRP D 83 44.88 6.33 -6.36
N GLU D 84 44.69 7.44 -5.65
CA GLU D 84 44.62 7.46 -4.17
C GLU D 84 43.32 8.11 -3.69
N VAL D 85 42.86 7.67 -2.52
CA VAL D 85 41.60 8.15 -1.86
C VAL D 85 41.95 8.50 -0.41
N GLU D 86 41.67 9.75 -0.01
CA GLU D 86 41.74 10.24 1.40
C GLU D 86 40.44 9.88 2.13
N LEU D 87 40.51 9.18 3.27
CA LEU D 87 39.29 8.95 4.10
C LEU D 87 39.33 9.84 5.36
N GLN D 88 38.14 10.07 5.91
CA GLN D 88 37.90 10.63 7.27
C GLN D 88 38.33 9.57 8.28
N LYS D 89 39.07 9.97 9.31
CA LYS D 89 39.70 9.01 10.26
C LYS D 89 38.68 7.95 10.72
N ASN D 90 37.62 8.32 11.45
CA ASN D 90 36.78 7.38 12.23
C ASN D 90 35.42 7.15 11.54
N ASN D 91 35.43 6.59 10.33
CA ASN D 91 34.21 6.52 9.49
C ASN D 91 34.08 5.17 8.79
N PHE D 92 32.99 5.02 8.04
CA PHE D 92 32.51 3.80 7.37
C PHE D 92 32.52 4.08 5.88
N CYS D 93 33.31 3.31 5.12
CA CYS D 93 33.67 3.62 3.71
C CYS D 93 34.44 2.47 3.08
N GLY D 94 34.41 2.42 1.76
CA GLY D 94 35.02 1.34 0.97
C GLY D 94 35.67 1.90 -0.28
N VAL D 95 36.81 1.34 -0.67
CA VAL D 95 37.51 1.68 -1.95
C VAL D 95 37.80 0.37 -2.70
N GLY D 96 37.52 0.33 -3.98
CA GLY D 96 37.61 -0.91 -4.76
C GLY D 96 37.60 -0.69 -6.25
N ILE D 97 37.29 -1.78 -6.94
CA ILE D 97 37.11 -1.86 -8.41
C ILE D 97 35.90 -2.75 -8.66
N CYS D 98 35.26 -2.57 -9.81
CA CYS D 98 34.15 -3.46 -10.23
C CYS D 98 33.99 -3.46 -11.75
N TYR D 99 33.39 -4.53 -12.23
CA TYR D 99 32.92 -4.65 -13.63
C TYR D 99 31.74 -3.67 -13.84
N GLY D 100 31.60 -3.09 -15.04
CA GLY D 100 30.36 -2.46 -15.50
C GLY D 100 29.16 -3.34 -15.21
N SER D 101 29.29 -4.65 -15.39
CA SER D 101 28.21 -5.67 -15.26
C SER D 101 27.74 -5.90 -13.81
N MET D 102 28.42 -5.32 -12.81
CA MET D 102 27.98 -5.40 -11.38
C MET D 102 26.59 -4.74 -11.30
N ASN D 103 25.68 -5.46 -10.65
CA ASN D 103 24.35 -5.02 -10.18
C ASN D 103 24.44 -3.62 -9.58
N ARG D 104 23.41 -2.80 -9.80
CA ARG D 104 23.27 -1.47 -9.14
C ARG D 104 22.07 -1.51 -8.18
N GLN D 105 21.55 -2.69 -7.88
CA GLN D 105 20.34 -2.89 -7.05
C GLN D 105 20.63 -3.87 -5.92
N GLY D 106 20.08 -3.56 -4.74
CA GLY D 106 19.93 -4.50 -3.62
C GLY D 106 21.22 -4.69 -2.84
N PRO D 107 21.16 -5.49 -1.76
CA PRO D 107 22.32 -5.77 -0.92
C PRO D 107 23.46 -6.39 -1.70
N GLU D 108 23.14 -7.22 -2.72
CA GLU D 108 24.12 -7.93 -3.58
C GLU D 108 24.93 -6.92 -4.42
N SER D 109 24.56 -5.63 -4.47
CA SER D 109 25.32 -4.59 -5.21
C SER D 109 26.43 -3.99 -4.33
N ARG D 110 26.51 -4.39 -3.06
CA ARG D 110 27.54 -3.89 -2.09
C ARG D 110 28.95 -4.34 -2.58
N LEU D 111 29.90 -3.39 -2.69
CA LEU D 111 31.32 -3.64 -3.09
C LEU D 111 31.90 -4.83 -2.33
N GLY D 112 32.35 -5.85 -3.09
CA GLY D 112 32.97 -7.07 -2.54
C GLY D 112 31.97 -8.15 -2.15
N ARG D 113 30.67 -7.91 -2.24
CA ARG D 113 29.62 -8.91 -1.84
C ARG D 113 29.18 -9.71 -3.08
N ASN D 114 29.77 -9.42 -4.23
CA ASN D 114 29.48 -10.06 -5.55
C ASN D 114 30.83 -10.46 -6.17
N SER D 115 30.81 -11.23 -7.27
CA SER D 115 32.01 -11.70 -8.01
C SER D 115 32.53 -10.60 -8.95
N ALA D 116 31.78 -9.53 -9.13
CA ALA D 116 32.16 -8.45 -10.06
C ALA D 116 32.96 -7.36 -9.34
N SER D 117 33.25 -7.51 -8.05
CA SER D 117 33.85 -6.37 -7.28
C SER D 117 34.87 -6.85 -6.26
N TRP D 118 35.93 -6.07 -6.11
CA TRP D 118 36.98 -6.27 -5.08
C TRP D 118 37.16 -4.93 -4.38
N CYS D 119 37.21 -4.94 -3.07
CA CYS D 119 37.38 -3.70 -2.30
C CYS D 119 38.10 -3.98 -1.00
N VAL D 120 38.45 -2.87 -0.36
CA VAL D 120 38.90 -2.83 1.04
C VAL D 120 37.93 -1.91 1.80
N GLU D 121 37.42 -2.37 2.93
CA GLU D 121 36.31 -1.72 3.68
C GLU D 121 36.83 -1.28 5.06
N TRP D 122 36.48 -0.05 5.47
CA TRP D 122 36.59 0.47 6.86
C TRP D 122 35.20 0.44 7.49
N PHE D 123 35.05 -0.29 8.59
CA PHE D 123 33.88 -0.31 9.52
C PHE D 123 34.30 0.43 10.80
N ASN D 124 34.69 1.71 10.66
CA ASN D 124 35.27 2.57 11.72
C ASN D 124 36.77 2.27 11.88
N THR D 125 37.11 1.17 12.56
CA THR D 125 38.51 0.78 12.89
C THR D 125 38.82 -0.63 12.39
N LYS D 126 37.78 -1.44 12.16
CA LYS D 126 37.91 -2.79 11.59
C LYS D 126 38.10 -2.63 10.07
N ILE D 127 39.26 -3.03 9.52
CA ILE D 127 39.57 -2.99 8.06
C ILE D 127 39.30 -4.40 7.54
N SER D 128 38.69 -4.53 6.37
CA SER D 128 38.42 -5.82 5.69
C SER D 128 38.89 -5.75 4.24
N ALA D 129 39.17 -6.89 3.65
CA ALA D 129 39.20 -7.07 2.18
C ALA D 129 38.04 -8.00 1.84
N TRP D 130 37.31 -7.67 0.76
CA TRP D 130 36.08 -8.40 0.32
C TRP D 130 36.20 -8.69 -1.16
N HIS D 131 35.82 -9.89 -1.55
CA HIS D 131 35.38 -10.21 -2.94
C HIS D 131 34.44 -11.41 -2.87
N ASN D 132 33.36 -11.38 -3.67
CA ASN D 132 32.38 -12.49 -3.80
C ASN D 132 31.81 -12.86 -2.42
N ASN D 133 31.60 -11.87 -1.54
CA ASN D 133 30.96 -12.10 -0.23
C ASN D 133 31.88 -13.01 0.58
N VAL D 134 33.19 -12.83 0.46
CA VAL D 134 34.20 -13.47 1.35
C VAL D 134 35.08 -12.36 1.94
N GLU D 135 35.13 -12.32 3.26
CA GLU D 135 35.80 -11.27 4.06
C GLU D 135 37.15 -11.81 4.52
N LYS D 136 38.22 -11.04 4.31
CA LYS D 136 39.53 -11.25 4.98
C LYS D 136 39.76 -10.06 5.93
N THR D 137 39.63 -10.34 7.22
CA THR D 137 40.07 -9.47 8.34
C THR D 137 41.47 -8.94 8.00
N LEU D 138 41.71 -7.63 8.12
CA LEU D 138 43.07 -7.05 7.94
C LEU D 138 43.53 -6.36 9.22
N PRO D 139 44.86 -6.27 9.48
CA PRO D 139 45.37 -5.44 10.56
C PRO D 139 44.92 -3.98 10.35
N SER D 140 44.66 -3.25 11.44
CA SER D 140 44.34 -1.80 11.41
C SER D 140 45.60 -1.02 11.03
N THR D 141 45.47 0.28 10.84
CA THR D 141 46.57 1.17 10.36
C THR D 141 46.12 2.61 10.63
N LYS D 142 47.07 3.51 10.88
CA LYS D 142 46.78 4.92 11.24
C LYS D 142 46.62 5.70 9.94
N ALA D 143 46.94 5.05 8.80
CA ALA D 143 46.87 5.65 7.46
C ALA D 143 45.42 6.05 7.16
N THR D 144 45.23 7.28 6.71
CA THR D 144 43.93 7.89 6.32
C THR D 144 43.84 7.99 4.80
N ARG D 145 44.63 7.20 4.05
CA ARG D 145 44.72 7.26 2.57
C ARG D 145 45.03 5.89 1.99
N VAL D 146 44.29 5.47 0.97
CA VAL D 146 44.54 4.17 0.28
C VAL D 146 44.97 4.50 -1.14
N GLY D 147 45.93 3.74 -1.66
CA GLY D 147 46.40 3.80 -3.04
C GLY D 147 46.06 2.50 -3.73
N VAL D 148 45.45 2.60 -4.89
CA VAL D 148 45.00 1.40 -5.65
C VAL D 148 45.91 1.29 -6.86
N LEU D 149 46.63 0.17 -6.96
CA LEU D 149 47.29 -0.21 -8.22
C LEU D 149 46.51 -1.35 -8.87
N LEU D 150 46.02 -1.07 -10.07
CA LEU D 150 45.35 -2.01 -10.99
C LEU D 150 46.31 -2.30 -12.17
N ASN D 151 46.76 -3.56 -12.30
CA ASN D 151 47.54 -4.04 -13.47
C ASN D 151 46.61 -4.92 -14.31
N CYS D 152 46.03 -4.35 -15.37
CA CYS D 152 45.08 -5.03 -16.30
C CYS D 152 45.81 -5.94 -17.30
N ASP D 153 47.13 -5.73 -17.50
CA ASP D 153 48.01 -6.52 -18.42
C ASP D 153 48.32 -7.87 -17.76
N HIS D 154 48.73 -7.87 -16.47
CA HIS D 154 49.14 -9.10 -15.73
C HIS D 154 48.08 -9.52 -14.68
N GLY D 155 46.94 -8.83 -14.63
CA GLY D 155 45.70 -9.28 -13.95
C GLY D 155 45.84 -9.36 -12.43
N PHE D 156 46.06 -8.23 -11.77
CA PHE D 156 46.11 -8.18 -10.30
C PHE D 156 45.80 -6.74 -9.87
N VAL D 157 45.29 -6.62 -8.63
CA VAL D 157 45.01 -5.31 -7.99
C VAL D 157 45.65 -5.35 -6.60
N ILE D 158 46.28 -4.26 -6.21
CA ILE D 158 46.89 -4.10 -4.87
C ILE D 158 46.22 -2.91 -4.18
N PHE D 159 45.90 -3.05 -2.91
CA PHE D 159 45.42 -1.94 -2.07
C PHE D 159 46.55 -1.63 -1.10
N PHE D 160 47.13 -0.43 -1.24
CA PHE D 160 48.22 0.11 -0.39
C PHE D 160 47.63 1.05 0.65
N ALA D 161 48.11 0.98 1.89
CA ALA D 161 47.97 2.05 2.90
C ALA D 161 49.07 3.08 2.63
N VAL D 162 48.72 4.34 2.46
CA VAL D 162 49.67 5.43 2.10
C VAL D 162 49.78 6.43 3.25
N ALA D 163 50.94 6.52 3.88
CA ALA D 163 51.26 7.50 4.96
C ALA D 163 52.57 8.18 4.58
N ASP D 164 53.54 8.29 5.50
CA ASP D 164 54.89 8.83 5.15
C ASP D 164 55.51 7.92 4.09
N LYS D 165 55.18 6.62 4.14
CA LYS D 165 55.56 5.61 3.11
C LYS D 165 54.35 4.70 2.81
N VAL D 166 54.55 3.68 1.99
CA VAL D 166 53.51 2.86 1.32
C VAL D 166 53.60 1.42 1.84
N HIS D 167 52.51 0.82 2.30
CA HIS D 167 52.46 -0.57 2.85
C HIS D 167 51.31 -1.37 2.21
N LEU D 168 51.58 -2.61 1.81
CA LEU D 168 50.55 -3.58 1.39
C LEU D 168 49.47 -3.65 2.48
N MET D 169 48.22 -3.38 2.13
CA MET D 169 47.03 -3.79 2.92
C MET D 169 46.59 -5.16 2.38
N TYR D 170 46.45 -5.30 1.06
CA TYR D 170 45.98 -6.55 0.39
C TYR D 170 46.12 -6.45 -1.13
N LYS D 171 46.14 -7.61 -1.78
CA LYS D 171 46.31 -7.80 -3.25
C LYS D 171 45.39 -8.96 -3.67
N PHE D 172 44.84 -8.88 -4.88
CA PHE D 172 44.10 -9.98 -5.55
C PHE D 172 44.70 -10.22 -6.93
N ARG D 173 44.99 -11.49 -7.21
CA ARG D 173 45.34 -12.01 -8.56
C ARG D 173 44.04 -12.43 -9.26
N VAL D 174 43.69 -11.80 -10.38
CA VAL D 174 42.46 -12.14 -11.16
C VAL D 174 42.77 -12.16 -12.66
N ASP D 175 42.27 -13.18 -13.35
CA ASP D 175 42.06 -13.13 -14.82
C ASP D 175 40.80 -12.28 -15.06
N PHE D 176 40.98 -10.97 -15.20
CA PHE D 176 39.90 -9.97 -15.39
C PHE D 176 39.21 -10.20 -16.73
N THR D 177 37.89 -10.45 -16.74
CA THR D 177 37.06 -10.80 -17.94
C THR D 177 36.44 -9.56 -18.59
N GLU D 178 36.51 -8.38 -17.98
CA GLU D 178 36.01 -7.12 -18.58
C GLU D 178 36.64 -5.92 -17.86
N ALA D 179 36.47 -4.72 -18.42
CA ALA D 179 37.06 -3.47 -17.89
C ALA D 179 36.68 -3.29 -16.40
N LEU D 180 37.58 -2.67 -15.62
CA LEU D 180 37.43 -2.35 -14.17
C LEU D 180 37.18 -0.86 -14.03
N TYR D 181 36.14 -0.49 -13.27
CA TYR D 181 35.80 0.90 -12.83
C TYR D 181 36.27 1.12 -11.39
N PRO D 182 36.81 2.32 -11.06
CA PRO D 182 37.00 2.72 -9.67
C PRO D 182 35.62 2.80 -8.97
N ALA D 183 35.48 2.14 -7.82
CA ALA D 183 34.23 2.03 -7.03
C ALA D 183 34.46 2.62 -5.64
N PHE D 184 33.48 3.38 -5.13
CA PHE D 184 33.50 4.14 -3.86
C PHE D 184 32.23 3.87 -3.06
N TRP D 185 32.36 3.80 -1.73
CA TRP D 185 31.28 3.42 -0.79
C TRP D 185 31.41 4.26 0.47
N VAL D 186 30.43 5.10 0.77
CA VAL D 186 30.41 6.01 1.96
C VAL D 186 29.08 5.76 2.68
N PHE D 187 29.08 5.29 3.93
CA PHE D 187 27.81 4.84 4.54
C PHE D 187 27.67 5.24 6.00
N SER D 188 28.05 6.47 6.38
CA SER D 188 27.81 7.04 7.72
C SER D 188 27.72 8.57 7.66
N ALA D 189 27.02 9.17 8.61
CA ALA D 189 26.85 10.64 8.67
C ALA D 189 28.24 11.27 8.69
N GLY D 190 28.52 12.20 7.78
CA GLY D 190 29.83 12.89 7.73
C GLY D 190 30.95 12.01 7.17
N ALA D 191 30.66 10.80 6.64
CA ALA D 191 31.64 10.01 5.88
C ALA D 191 31.86 10.67 4.51
N THR D 192 33.13 10.79 4.09
CA THR D 192 33.51 11.36 2.77
C THR D 192 34.69 10.58 2.21
N LEU D 193 34.72 10.36 0.89
CA LEU D 193 35.90 9.87 0.14
C LEU D 193 36.39 11.01 -0.75
N SER D 194 37.69 11.32 -0.70
CA SER D 194 38.39 12.35 -1.52
C SER D 194 39.43 11.71 -2.44
N ILE D 195 39.22 11.86 -3.75
CA ILE D 195 40.20 11.45 -4.81
C ILE D 195 41.32 12.49 -4.88
N CYS D 196 42.53 12.05 -4.55
CA CYS D 196 43.73 12.90 -4.34
C CYS D 196 44.25 13.43 -5.69
N SER D 197 44.83 14.62 -5.66
CA SER D 197 45.56 15.28 -6.77
C SER D 197 47.06 14.99 -6.67
N PRO D 198 47.92 15.64 -7.51
CA PRO D 198 49.35 15.76 -7.22
C PRO D 198 49.65 16.67 -6.01
N LEU E 5 -10.47 35.56 55.39
CA LEU E 5 -9.19 35.86 54.64
C LEU E 5 -8.25 36.70 55.53
N LYS E 6 -8.02 36.29 56.79
CA LYS E 6 -7.36 37.12 57.84
C LYS E 6 -5.84 37.18 57.60
N ALA E 7 -5.27 38.40 57.70
CA ALA E 7 -3.84 38.74 57.48
C ALA E 7 -2.95 38.17 58.60
N LYS E 8 -3.52 37.98 59.78
CA LYS E 8 -2.80 37.52 61.01
C LYS E 8 -2.60 36.00 60.94
N VAL E 9 -3.64 35.25 60.56
CA VAL E 9 -3.66 33.76 60.43
C VAL E 9 -2.59 33.36 59.40
N LEU E 10 -2.56 34.02 58.25
CA LEU E 10 -1.58 33.76 57.15
C LEU E 10 -0.15 33.83 57.70
N GLU E 11 0.20 34.86 58.48
CA GLU E 11 1.57 34.98 59.06
C GLU E 11 1.88 33.75 59.91
N THR E 12 0.87 33.22 60.63
CA THR E 12 0.96 32.06 61.55
C THR E 12 1.42 30.85 60.72
N PHE E 13 0.71 30.60 59.61
CA PHE E 13 0.99 29.48 58.68
C PHE E 13 2.42 29.62 58.15
N LEU E 14 2.83 30.79 57.65
CA LEU E 14 4.15 30.96 56.97
C LEU E 14 5.31 30.65 57.94
N ALA E 15 5.08 30.74 59.26
CA ALA E 15 6.12 30.56 60.31
C ALA E 15 6.13 29.12 60.84
N LYS E 16 5.16 28.29 60.43
CA LYS E 16 4.98 26.89 60.90
C LYS E 16 6.07 25.98 60.33
N SER E 17 6.65 25.12 61.18
CA SER E 17 7.58 24.04 60.80
C SER E 17 6.80 22.91 60.11
N ARG E 18 7.51 21.90 59.60
CA ARG E 18 6.92 20.65 59.04
C ARG E 18 5.95 20.05 60.06
N PRO E 19 6.39 19.67 61.28
CA PRO E 19 5.52 18.96 62.20
C PRO E 19 4.24 19.76 62.42
N GLU E 20 4.34 21.10 62.45
CA GLU E 20 3.14 21.98 62.61
C GLU E 20 2.25 21.78 61.39
N LEU E 21 2.86 21.68 60.20
CA LEU E 21 2.15 21.59 58.90
C LEU E 21 1.52 20.20 58.74
N LEU E 22 2.24 19.16 59.14
CA LEU E 22 1.80 17.74 59.06
C LEU E 22 0.51 17.53 59.88
N GLU E 23 0.20 18.45 60.78
CA GLU E 23 -1.05 18.44 61.60
C GLU E 23 -2.27 18.43 60.65
N TYR E 24 -2.18 18.99 59.44
CA TYR E 24 -3.33 19.13 58.52
C TYR E 24 -3.19 18.15 57.36
N TYR E 25 -2.32 17.13 57.49
CA TYR E 25 -2.09 16.13 56.44
C TYR E 25 -3.41 15.56 55.92
N ILE E 26 -3.55 15.50 54.60
CA ILE E 26 -4.52 14.61 53.89
C ILE E 26 -3.71 13.71 52.96
N LYS E 27 -4.34 12.59 52.62
CA LYS E 27 -3.84 11.54 51.72
C LYS E 27 -4.43 11.89 50.36
N VAL E 28 -3.59 12.22 49.38
CA VAL E 28 -4.02 12.51 47.98
C VAL E 28 -3.76 11.25 47.17
N ILE E 29 -4.69 10.92 46.28
CA ILE E 29 -4.67 9.75 45.35
C ILE E 29 -5.00 10.27 43.96
N LEU E 30 -4.33 9.75 42.93
CA LEU E 30 -4.48 10.25 41.54
C LEU E 30 -5.73 9.63 40.93
N ASP E 31 -6.46 10.42 40.15
CA ASP E 31 -7.78 10.07 39.55
C ASP E 31 -7.47 9.53 38.16
N TYR E 32 -7.53 8.22 38.00
CA TYR E 32 -7.15 7.51 36.75
C TYR E 32 -7.88 8.18 35.58
N ASN E 33 -9.04 8.79 35.80
CA ASN E 33 -9.89 9.30 34.70
C ASN E 33 -9.36 10.63 34.15
N THR E 34 -8.44 11.29 34.86
CA THR E 34 -7.91 12.62 34.47
C THR E 34 -6.58 12.47 33.77
N ALA E 35 -5.82 11.41 34.05
CA ALA E 35 -4.44 11.27 33.52
C ALA E 35 -4.44 11.27 32.00
N HIS E 36 -3.56 12.07 31.42
CA HIS E 36 -3.25 12.23 29.97
C HIS E 36 -2.69 10.92 29.40
N ASN E 37 -2.81 10.73 28.09
CA ASN E 37 -2.45 9.47 27.41
C ASN E 37 -0.99 9.09 27.64
N LYS E 38 -0.10 10.02 27.95
CA LYS E 38 1.35 9.73 28.14
C LYS E 38 1.76 9.95 29.59
N VAL E 39 0.81 9.88 30.53
CA VAL E 39 1.14 9.87 31.98
C VAL E 39 0.70 8.51 32.54
N ALA E 40 1.66 7.64 32.86
CA ALA E 40 1.46 6.39 33.61
C ALA E 40 1.29 6.74 35.08
N LEU E 41 0.45 5.99 35.81
CA LEU E 41 0.22 6.07 37.29
C LEU E 41 0.77 4.79 37.90
N SER E 42 1.31 4.84 39.13
CA SER E 42 1.91 3.65 39.77
C SER E 42 1.96 3.81 41.29
N GLU E 43 2.53 2.84 41.98
CA GLU E 43 2.58 2.78 43.47
C GLU E 43 1.18 3.11 44.00
N CYS E 44 0.16 2.33 43.62
CA CYS E 44 -1.23 2.49 44.12
C CYS E 44 -1.72 3.91 43.84
N TYR E 45 -1.59 4.36 42.60
CA TYR E 45 -2.13 5.67 42.15
C TYR E 45 -1.44 6.85 42.87
N THR E 46 -0.15 6.71 43.20
CA THR E 46 0.62 7.67 44.03
C THR E 46 1.65 8.45 43.21
N VAL E 47 2.13 7.87 42.13
CA VAL E 47 3.25 8.38 41.29
C VAL E 47 2.70 8.65 39.90
N ALA E 48 2.99 9.81 39.34
CA ALA E 48 2.71 10.12 37.93
C ALA E 48 4.05 10.17 37.20
N SER E 49 4.16 9.59 36.01
CA SER E 49 5.41 9.63 35.23
C SER E 49 5.08 9.74 33.76
N VAL E 50 5.95 10.46 33.04
CA VAL E 50 5.94 10.55 31.57
C VAL E 50 6.28 9.17 31.02
N ALA E 51 5.40 8.71 30.15
CA ALA E 51 5.57 7.49 29.36
C ALA E 51 5.95 7.89 27.92
N GLU E 52 6.94 7.24 27.33
CA GLU E 52 7.22 7.39 25.88
C GLU E 52 6.03 6.84 25.08
N MET E 53 5.43 5.71 25.47
CA MET E 53 4.41 5.03 24.63
C MET E 53 3.02 5.44 25.09
N PRO E 54 2.05 5.56 24.16
CA PRO E 54 0.65 5.83 24.49
C PRO E 54 0.12 4.78 25.48
N GLN E 55 -0.70 5.19 26.43
CA GLN E 55 -1.30 4.24 27.37
C GLN E 55 -2.71 3.85 26.89
N ASN E 56 -3.26 4.55 25.90
CA ASN E 56 -4.60 4.26 25.29
C ASN E 56 -5.71 4.20 26.35
N TYR E 57 -5.62 5.01 27.41
CA TYR E 57 -6.72 5.18 28.38
C TYR E 57 -7.99 5.54 27.61
N ARG E 58 -9.14 5.06 28.09
CA ARG E 58 -10.44 5.30 27.44
C ARG E 58 -10.69 6.81 27.28
N PRO E 59 -11.50 7.22 26.29
CA PRO E 59 -12.04 8.57 26.29
C PRO E 59 -12.80 8.81 27.59
N HIS E 60 -12.74 10.03 28.12
CA HIS E 60 -13.48 10.47 29.32
C HIS E 60 -13.42 11.99 29.34
N PRO E 61 -14.57 12.68 29.48
CA PRO E 61 -14.58 14.15 29.50
C PRO E 61 -13.68 14.79 30.57
N GLN E 62 -13.35 14.05 31.62
CA GLN E 62 -12.47 14.56 32.69
C GLN E 62 -11.00 14.53 32.26
N ARG E 63 -10.67 13.82 31.19
CA ARG E 63 -9.28 13.42 30.82
C ARG E 63 -8.59 14.60 30.12
N PHE E 64 -7.43 15.00 30.62
CA PHE E 64 -6.51 15.93 29.94
C PHE E 64 -6.10 15.33 28.59
N THR E 65 -6.43 16.02 27.50
CA THR E 65 -6.25 15.53 26.11
C THR E 65 -5.00 16.12 25.45
N TYR E 66 -4.30 17.07 26.07
CA TYR E 66 -3.17 17.81 25.45
C TYR E 66 -1.99 17.99 26.41
N CYS E 67 -2.18 18.38 27.67
CA CYS E 67 -1.09 18.53 28.66
C CYS E 67 -0.94 17.26 29.53
N SER E 68 0.30 17.01 29.94
CA SER E 68 0.71 15.78 30.65
C SER E 68 0.37 15.96 32.12
N GLN E 69 -0.95 15.93 32.41
CA GLN E 69 -1.50 16.34 33.73
C GLN E 69 -2.45 15.28 34.25
N VAL E 70 -2.69 15.34 35.55
CA VAL E 70 -3.54 14.40 36.32
C VAL E 70 -3.89 15.10 37.64
N LEU E 71 -5.13 14.88 38.11
CA LEU E 71 -5.71 15.48 39.34
C LEU E 71 -5.85 14.40 40.40
N GLY E 72 -5.85 14.80 41.66
CA GLY E 72 -6.47 14.05 42.77
C GLY E 72 -7.93 13.71 42.51
N LEU E 73 -8.49 12.83 43.34
CA LEU E 73 -9.91 12.39 43.30
C LEU E 73 -10.76 13.33 44.15
N HIS E 74 -10.21 13.85 45.25
CA HIS E 74 -10.92 14.68 46.25
C HIS E 74 -10.58 16.16 46.04
N CYS E 75 -11.59 17.06 46.18
CA CYS E 75 -11.44 18.53 46.27
C CYS E 75 -11.89 19.06 47.64
N TYR E 76 -11.60 20.30 47.99
CA TYR E 76 -11.74 20.88 49.36
C TYR E 76 -12.29 22.32 49.26
N LYS E 77 -13.44 22.62 49.90
CA LYS E 77 -14.04 23.98 49.94
C LYS E 77 -13.96 24.58 51.33
N LYS E 78 -13.63 23.79 52.36
CA LYS E 78 -13.51 24.19 53.80
C LYS E 78 -12.26 23.54 54.42
N GLY E 79 -11.87 23.99 55.60
CA GLY E 79 -10.81 23.35 56.41
C GLY E 79 -9.40 23.68 55.93
N ILE E 80 -8.41 23.02 56.52
CA ILE E 80 -6.97 23.21 56.26
C ILE E 80 -6.38 21.85 55.87
N HIS E 81 -5.63 21.81 54.77
CA HIS E 81 -5.09 20.58 54.13
C HIS E 81 -3.64 20.84 53.73
N TYR E 82 -2.80 19.84 53.95
CA TYR E 82 -1.36 19.86 53.62
C TYR E 82 -1.03 18.54 52.96
N TRP E 83 -0.25 18.59 51.87
CA TRP E 83 0.30 17.38 51.19
C TRP E 83 1.65 17.69 50.57
N GLU E 84 2.44 16.64 50.35
CA GLU E 84 3.82 16.77 49.85
C GLU E 84 3.93 15.97 48.56
N VAL E 85 4.73 16.50 47.63
CA VAL E 85 5.15 15.81 46.37
C VAL E 85 6.68 15.90 46.25
N GLU E 86 7.32 14.73 46.25
CA GLU E 86 8.74 14.52 45.87
C GLU E 86 8.84 14.65 44.35
N LEU E 87 9.87 15.32 43.84
CA LEU E 87 10.11 15.46 42.38
C LEU E 87 11.53 14.98 42.03
N GLN E 88 11.72 14.53 40.79
CA GLN E 88 13.04 14.17 40.21
C GLN E 88 13.88 15.45 40.18
N LYS E 89 15.14 15.38 40.60
CA LYS E 89 16.03 16.56 40.73
C LYS E 89 15.94 17.44 39.47
N ASN E 90 16.51 16.97 38.35
CA ASN E 90 16.76 17.81 37.15
C ASN E 90 15.64 17.61 36.12
N ASN E 91 14.39 17.99 36.47
CA ASN E 91 13.24 17.66 35.60
C ASN E 91 12.29 18.84 35.46
N PHE E 92 11.24 18.61 34.67
CA PHE E 92 10.16 19.55 34.28
C PHE E 92 8.85 18.99 34.82
N CYS E 93 8.26 19.70 35.77
CA CYS E 93 7.00 19.31 36.42
C CYS E 93 6.36 20.54 37.07
N GLY E 94 5.09 20.43 37.43
CA GLY E 94 4.36 21.44 38.20
C GLY E 94 3.47 20.79 39.24
N VAL E 95 3.52 21.27 40.48
CA VAL E 95 2.57 20.94 41.58
C VAL E 95 1.67 22.16 41.78
N GLY E 96 0.35 21.99 41.80
CA GLY E 96 -0.55 23.08 42.19
C GLY E 96 -1.91 22.60 42.62
N ILE E 97 -2.92 23.47 42.42
CA ILE E 97 -4.36 23.25 42.77
C ILE E 97 -5.18 23.81 41.61
N CYS E 98 -6.38 23.30 41.38
CA CYS E 98 -7.29 23.87 40.37
C CYS E 98 -8.75 23.50 40.67
N TYR E 99 -9.67 24.41 40.31
CA TYR E 99 -11.13 24.17 40.20
C TYR E 99 -11.34 22.98 39.28
N GLY E 100 -12.32 22.15 39.59
CA GLY E 100 -12.78 21.06 38.72
C GLY E 100 -13.29 21.59 37.40
N SER E 101 -13.59 22.89 37.29
CA SER E 101 -14.20 23.52 36.08
C SER E 101 -13.10 23.85 35.05
N MET E 102 -11.85 23.92 35.49
CA MET E 102 -10.66 24.09 34.61
C MET E 102 -10.85 23.28 33.33
N ASN E 103 -10.38 23.83 32.23
CA ASN E 103 -10.47 23.17 30.92
C ASN E 103 -9.56 21.94 30.94
N ARG E 104 -9.95 20.89 30.23
CA ARG E 104 -9.14 19.65 30.06
C ARG E 104 -8.52 19.60 28.66
N GLN E 105 -8.97 20.44 27.71
CA GLN E 105 -8.44 20.51 26.32
C GLN E 105 -7.40 21.62 26.15
N GLY E 106 -6.65 21.53 25.06
CA GLY E 106 -5.79 22.58 24.48
C GLY E 106 -4.67 23.07 25.39
N PRO E 107 -3.81 23.97 24.90
CA PRO E 107 -2.80 24.63 25.72
C PRO E 107 -3.37 25.46 26.90
N GLU E 108 -4.64 25.90 26.79
CA GLU E 108 -5.34 26.66 27.88
C GLU E 108 -5.35 25.83 29.17
N SER E 109 -5.36 24.49 29.07
CA SER E 109 -5.44 23.52 30.21
C SER E 109 -4.13 23.48 31.03
N ARG E 110 -3.02 24.04 30.55
CA ARG E 110 -1.71 23.97 31.25
C ARG E 110 -1.81 24.64 32.63
N LEU E 111 -1.33 23.99 33.67
CA LEU E 111 -1.41 24.49 35.07
C LEU E 111 -0.78 25.89 35.21
N GLY E 112 -1.59 26.85 35.69
CA GLY E 112 -1.15 28.24 35.91
C GLY E 112 -1.38 29.14 34.70
N ARG E 113 -1.99 28.63 33.64
CA ARG E 113 -2.14 29.33 32.35
C ARG E 113 -3.58 29.82 32.21
N ASN E 114 -4.42 29.56 33.20
CA ASN E 114 -5.86 29.90 33.16
C ASN E 114 -6.27 30.49 34.52
N SER E 115 -7.53 30.90 34.65
CA SER E 115 -8.05 31.54 35.90
C SER E 115 -8.27 30.44 36.96
N ALA E 116 -8.59 29.21 36.54
CA ALA E 116 -8.96 28.06 37.40
C ALA E 116 -7.76 27.39 38.13
N SER E 117 -6.51 27.85 38.01
CA SER E 117 -5.38 27.13 38.68
C SER E 117 -4.29 28.06 39.17
N TRP E 118 -3.57 27.54 40.14
CA TRP E 118 -2.40 28.13 40.83
C TRP E 118 -1.38 27.01 40.88
N CYS E 119 -0.09 27.27 40.66
CA CYS E 119 0.94 26.21 40.72
C CYS E 119 2.34 26.82 40.79
N VAL E 120 3.28 25.96 41.10
CA VAL E 120 4.73 26.20 41.08
C VAL E 120 5.31 25.20 40.07
N GLU E 121 6.17 25.68 39.18
CA GLU E 121 6.65 24.94 37.99
C GLU E 121 8.17 24.89 38.06
N TRP E 122 8.74 23.73 37.79
CA TRP E 122 10.19 23.59 37.60
C TRP E 122 10.43 23.45 36.10
N PHE E 123 11.40 24.19 35.59
CA PHE E 123 11.93 24.14 34.21
C PHE E 123 13.42 23.79 34.37
N ASN E 124 13.67 22.52 34.67
CA ASN E 124 15.00 22.03 35.12
C ASN E 124 15.33 22.79 36.43
N THR E 125 16.05 23.91 36.33
CA THR E 125 16.54 24.68 37.51
C THR E 125 15.75 25.99 37.64
N LYS E 126 14.98 26.38 36.61
CA LYS E 126 14.28 27.70 36.53
C LYS E 126 12.88 27.58 37.17
N ILE E 127 12.75 28.01 38.43
CA ILE E 127 11.51 27.84 39.23
C ILE E 127 10.58 29.01 38.93
N SER E 128 9.29 28.77 38.83
CA SER E 128 8.27 29.84 38.67
C SER E 128 7.04 29.55 39.51
N ALA E 129 6.21 30.57 39.74
CA ALA E 129 4.82 30.41 40.19
C ALA E 129 3.92 31.02 39.12
N TRP E 130 2.78 30.40 38.82
CA TRP E 130 1.84 30.83 37.76
C TRP E 130 0.41 30.86 38.31
N HIS E 131 -0.38 31.81 37.85
CA HIS E 131 -1.87 31.81 37.87
C HIS E 131 -2.33 32.76 36.77
N ASN E 132 -3.46 32.47 36.12
CA ASN E 132 -4.04 33.30 35.03
C ASN E 132 -2.90 33.80 34.13
N ASN E 133 -2.09 32.87 33.65
CA ASN E 133 -1.11 33.06 32.56
C ASN E 133 -0.11 34.15 32.94
N VAL E 134 0.14 34.36 34.23
CA VAL E 134 1.09 35.41 34.71
C VAL E 134 2.15 34.69 35.52
N GLU E 135 3.40 34.87 35.14
CA GLU E 135 4.56 34.13 35.67
C GLU E 135 5.21 35.00 36.74
N LYS E 136 5.71 34.39 37.82
CA LYS E 136 6.61 35.03 38.79
C LYS E 136 7.83 34.14 39.00
N THR E 137 8.97 34.61 38.53
CA THR E 137 10.33 34.11 38.85
C THR E 137 10.46 33.93 40.37
N LEU E 138 10.93 32.76 40.81
CA LEU E 138 11.30 32.49 42.23
C LEU E 138 12.76 32.06 42.28
N PRO E 139 13.47 32.28 43.41
CA PRO E 139 14.81 31.75 43.60
C PRO E 139 14.85 30.23 43.36
N SER E 140 15.97 29.73 42.82
CA SER E 140 16.34 28.29 42.78
C SER E 140 16.25 27.72 44.20
N THR E 141 16.29 26.39 44.32
CA THR E 141 16.35 25.65 45.60
C THR E 141 16.82 24.23 45.26
N LYS E 142 17.61 23.62 46.14
CA LYS E 142 18.09 22.21 46.03
C LYS E 142 16.95 21.23 46.37
N ALA E 143 15.93 21.73 47.08
CA ALA E 143 14.84 20.90 47.63
C ALA E 143 14.18 20.13 46.48
N THR E 144 13.99 18.84 46.70
CA THR E 144 13.37 17.91 45.72
C THR E 144 11.94 17.61 46.18
N ARG E 145 11.40 18.45 47.07
CA ARG E 145 10.05 18.23 47.64
C ARG E 145 9.34 19.58 47.90
N VAL E 146 8.07 19.62 47.52
CA VAL E 146 7.19 20.78 47.74
C VAL E 146 6.06 20.34 48.67
N GLY E 147 5.74 21.15 49.67
CA GLY E 147 4.54 20.98 50.51
C GLY E 147 3.50 21.98 50.07
N VAL E 148 2.29 21.54 49.80
CA VAL E 148 1.15 22.45 49.49
C VAL E 148 0.27 22.54 50.74
N LEU E 149 0.14 23.74 51.32
CA LEU E 149 -0.85 24.01 52.38
C LEU E 149 -1.98 24.87 51.82
N LEU E 150 -3.16 24.26 51.68
CA LEU E 150 -4.41 24.88 51.23
C LEU E 150 -5.30 25.22 52.44
N ASN E 151 -5.61 26.50 52.66
CA ASN E 151 -6.50 26.99 53.73
C ASN E 151 -7.81 27.52 53.13
N CYS E 152 -8.81 26.68 52.92
CA CYS E 152 -10.12 27.09 52.36
C CYS E 152 -10.97 27.88 53.37
N ASP E 153 -10.55 27.96 54.63
CA ASP E 153 -11.30 28.76 55.66
C ASP E 153 -11.03 30.24 55.36
N HIS E 154 -9.76 30.64 55.46
CA HIS E 154 -9.25 32.02 55.26
C HIS E 154 -8.60 32.17 53.87
N GLY E 155 -9.11 31.46 52.84
CA GLY E 155 -8.77 31.56 51.40
C GLY E 155 -7.32 31.85 51.04
N PHE E 156 -6.36 30.97 51.35
CA PHE E 156 -4.98 31.10 50.80
C PHE E 156 -4.36 29.71 50.61
N VAL E 157 -3.46 29.60 49.63
CA VAL E 157 -2.57 28.41 49.43
C VAL E 157 -1.12 28.88 49.53
N ILE E 158 -0.30 28.14 50.24
CA ILE E 158 1.16 28.37 50.36
C ILE E 158 1.89 27.17 49.72
N PHE E 159 2.92 27.45 48.92
CA PHE E 159 3.83 26.42 48.38
C PHE E 159 5.15 26.54 49.14
N PHE E 160 5.56 25.45 49.77
CA PHE E 160 6.77 25.36 50.62
C PHE E 160 7.81 24.48 49.91
N ALA E 161 9.06 24.88 49.97
CA ALA E 161 10.21 24.05 49.58
C ALA E 161 10.56 23.26 50.81
N VAL E 162 10.42 21.94 50.78
CA VAL E 162 10.61 21.05 51.97
C VAL E 162 11.99 20.40 51.86
N ALA E 163 12.87 20.66 52.81
CA ALA E 163 14.26 20.13 52.86
C ALA E 163 14.53 19.70 54.30
N ASP E 164 15.75 19.94 54.81
CA ASP E 164 16.02 19.78 56.27
C ASP E 164 14.97 20.58 57.03
N LYS E 165 14.76 21.82 56.58
CA LYS E 165 13.77 22.78 57.13
C LYS E 165 12.76 23.07 56.02
N VAL E 166 11.68 23.78 56.36
CA VAL E 166 10.63 24.27 55.41
C VAL E 166 10.94 25.74 55.08
N HIS E 167 10.87 26.13 53.80
CA HIS E 167 11.14 27.50 53.29
C HIS E 167 9.99 27.90 52.37
N LEU E 168 9.50 29.14 52.46
CA LEU E 168 8.47 29.67 51.52
C LEU E 168 9.04 29.69 50.09
N MET E 169 8.18 29.39 49.12
CA MET E 169 8.41 29.50 47.66
C MET E 169 7.46 30.60 47.14
N TYR E 170 6.17 30.49 47.43
CA TYR E 170 5.16 31.51 47.04
C TYR E 170 3.83 31.23 47.78
N LYS E 171 2.87 32.16 47.71
CA LYS E 171 1.49 32.05 48.27
C LYS E 171 0.53 32.87 47.42
N PHE E 172 -0.75 32.50 47.42
CA PHE E 172 -1.82 33.21 46.69
C PHE E 172 -3.04 33.37 47.61
N ARG E 173 -3.29 34.57 48.15
CA ARG E 173 -4.57 34.97 48.77
C ARG E 173 -5.64 34.94 47.71
N VAL E 174 -6.65 34.07 47.79
CA VAL E 174 -7.82 34.14 46.87
C VAL E 174 -9.08 33.70 47.61
N ASP E 175 -10.16 34.45 47.38
CA ASP E 175 -11.55 34.06 47.73
C ASP E 175 -11.98 33.03 46.69
N PHE E 176 -11.64 31.76 46.98
CA PHE E 176 -11.97 30.56 46.15
C PHE E 176 -13.48 30.49 45.96
N THR E 177 -13.95 30.18 44.73
CA THR E 177 -15.38 30.23 44.33
C THR E 177 -15.95 28.83 44.12
N GLU E 178 -15.11 27.80 44.31
CA GLU E 178 -15.54 26.38 44.23
C GLU E 178 -14.35 25.56 44.73
N ALA E 179 -14.53 24.24 44.75
CA ALA E 179 -13.59 23.32 45.43
C ALA E 179 -12.30 23.21 44.58
N LEU E 180 -11.15 23.12 45.26
CA LEU E 180 -9.81 22.86 44.68
C LEU E 180 -9.50 21.35 44.64
N TYR E 181 -9.14 20.80 43.46
CA TYR E 181 -8.36 19.54 43.28
C TYR E 181 -6.84 19.79 43.37
N PRO E 182 -6.05 18.89 44.00
CA PRO E 182 -4.61 18.84 43.76
C PRO E 182 -4.38 18.53 42.28
N ALA E 183 -3.38 19.18 41.68
CA ALA E 183 -3.08 19.11 40.22
C ALA E 183 -1.58 18.90 40.01
N PHE E 184 -1.27 17.97 39.12
CA PHE E 184 0.09 17.50 38.82
C PHE E 184 0.36 17.65 37.33
N TRP E 185 1.60 18.04 37.04
CA TRP E 185 2.16 18.25 35.68
C TRP E 185 3.55 17.62 35.60
N VAL E 186 3.78 16.73 34.64
CA VAL E 186 5.10 16.08 34.37
C VAL E 186 5.33 16.13 32.87
N PHE E 187 6.38 16.81 32.39
CA PHE E 187 6.55 16.85 30.91
C PHE E 187 7.99 16.77 30.44
N SER E 188 8.68 15.70 30.80
CA SER E 188 9.95 15.35 30.15
C SER E 188 10.26 13.87 30.35
N ALA E 189 10.92 13.26 29.36
CA ALA E 189 11.47 11.90 29.50
C ALA E 189 12.00 11.77 30.93
N GLY E 190 11.50 10.82 31.74
CA GLY E 190 12.07 10.51 33.07
C GLY E 190 11.49 11.38 34.19
N ALA E 191 10.61 12.33 33.87
CA ALA E 191 9.96 13.21 34.87
C ALA E 191 8.89 12.41 35.61
N THR E 192 8.85 12.56 36.94
CA THR E 192 7.90 11.90 37.86
C THR E 192 7.56 12.82 39.03
N LEU E 193 6.32 12.74 39.48
CA LEU E 193 5.85 13.28 40.78
C LEU E 193 5.35 12.11 41.62
N SER E 194 5.79 12.03 42.87
CA SER E 194 5.39 11.02 43.88
C SER E 194 4.72 11.77 45.03
N ILE E 195 3.48 11.42 45.38
CA ILE E 195 2.81 11.92 46.60
C ILE E 195 3.38 11.18 47.80
N CYS E 196 3.82 11.90 48.82
CA CYS E 196 4.57 11.38 50.00
C CYS E 196 3.65 10.83 51.10
N SER E 197 4.28 10.12 52.06
CA SER E 197 3.76 9.66 53.38
C SER E 197 4.83 9.89 54.47
N LYS F 6 3.94 -44.77 -0.58
CA LYS F 6 5.30 -44.38 -0.09
C LYS F 6 5.19 -43.04 0.66
N ALA F 7 5.40 -43.05 1.98
CA ALA F 7 5.58 -41.86 2.82
C ALA F 7 4.25 -41.44 3.44
N LYS F 8 3.12 -41.83 2.83
CA LYS F 8 1.77 -41.53 3.39
C LYS F 8 1.58 -42.38 4.65
N VAL F 9 2.12 -43.60 4.65
CA VAL F 9 2.10 -44.51 5.85
C VAL F 9 3.07 -43.97 6.91
N LEU F 10 4.23 -43.42 6.51
CA LEU F 10 5.12 -42.66 7.43
C LEU F 10 4.34 -41.51 8.07
N GLU F 11 3.63 -40.71 7.27
CA GLU F 11 2.95 -39.50 7.78
C GLU F 11 1.91 -39.91 8.82
N THR F 12 1.22 -41.05 8.61
CA THR F 12 0.17 -41.61 9.52
C THR F 12 0.78 -41.94 10.88
N PHE F 13 1.88 -42.71 10.86
CA PHE F 13 2.62 -43.18 12.07
C PHE F 13 3.19 -41.96 12.79
N LEU F 14 3.70 -40.96 12.04
CA LEU F 14 4.26 -39.70 12.59
C LEU F 14 3.19 -38.97 13.40
N ALA F 15 1.92 -39.09 13.01
CA ALA F 15 0.77 -38.36 13.61
C ALA F 15 0.23 -39.14 14.81
N LYS F 16 0.62 -40.39 14.99
CA LYS F 16 -0.01 -41.28 15.99
C LYS F 16 0.26 -40.76 17.40
N SER F 17 -0.72 -41.00 18.27
CA SER F 17 -0.68 -40.76 19.74
C SER F 17 -0.14 -42.00 20.43
N ARG F 18 0.18 -41.89 21.72
CA ARG F 18 0.70 -43.01 22.56
C ARG F 18 -0.21 -44.24 22.46
N PRO F 19 -1.53 -44.16 22.75
CA PRO F 19 -2.41 -45.33 22.66
C PRO F 19 -2.52 -45.98 21.26
N GLU F 20 -2.28 -45.21 20.19
CA GLU F 20 -2.25 -45.76 18.80
C GLU F 20 -0.91 -46.46 18.53
N LEU F 21 0.17 -46.07 19.22
CA LEU F 21 1.51 -46.70 19.09
C LEU F 21 1.47 -48.04 19.84
N LEU F 22 1.00 -48.04 21.08
CA LEU F 22 0.86 -49.25 21.96
C LEU F 22 0.04 -50.36 21.27
N GLU F 23 -0.67 -50.08 20.18
CA GLU F 23 -1.25 -51.13 19.31
C GLU F 23 -0.13 -52.09 18.84
N TYR F 24 1.11 -51.59 18.67
CA TYR F 24 2.26 -52.35 18.10
C TYR F 24 3.23 -52.77 19.20
N TYR F 25 2.86 -52.64 20.47
CA TYR F 25 3.73 -52.91 21.65
C TYR F 25 4.38 -54.28 21.51
N ILE F 26 5.64 -54.42 21.94
CA ILE F 26 6.38 -55.71 22.08
C ILE F 26 7.08 -55.76 23.45
N LYS F 27 6.99 -56.89 24.15
CA LYS F 27 7.89 -57.24 25.29
C LYS F 27 9.32 -57.17 24.71
N VAL F 28 10.24 -56.50 25.38
CA VAL F 28 11.68 -56.54 24.99
C VAL F 28 12.43 -56.97 26.25
N ILE F 29 13.22 -58.04 26.11
CA ILE F 29 14.07 -58.60 27.19
C ILE F 29 15.52 -58.43 26.70
N LEU F 30 16.42 -58.04 27.60
CA LEU F 30 17.85 -57.86 27.26
C LEU F 30 18.56 -59.23 27.27
N ASP F 31 19.45 -59.41 26.29
CA ASP F 31 20.28 -60.62 26.06
C ASP F 31 21.57 -60.59 26.90
N TYR F 32 21.65 -61.37 28.00
CA TYR F 32 22.84 -61.51 28.88
C TYR F 32 24.12 -61.84 28.07
N ASN F 33 24.04 -62.50 26.92
CA ASN F 33 25.23 -62.92 26.11
C ASN F 33 25.78 -61.74 25.30
N THR F 34 25.01 -60.68 25.06
CA THR F 34 25.44 -59.53 24.20
C THR F 34 26.09 -58.47 25.07
N ALA F 35 25.78 -58.49 26.36
CA ALA F 35 26.07 -57.41 27.33
C ALA F 35 27.58 -57.29 27.58
N HIS F 36 28.14 -56.11 27.27
CA HIS F 36 29.53 -55.72 27.62
C HIS F 36 29.75 -55.97 29.11
N ASN F 37 31.01 -56.14 29.54
CA ASN F 37 31.40 -56.32 30.96
C ASN F 37 31.02 -55.10 31.81
N LYS F 38 30.81 -53.93 31.21
CA LYS F 38 30.60 -52.65 31.95
C LYS F 38 29.11 -52.50 32.27
N VAL F 39 28.27 -53.30 31.59
CA VAL F 39 26.79 -53.22 31.68
C VAL F 39 26.27 -54.27 32.65
N ALA F 40 25.68 -53.82 33.76
CA ALA F 40 24.85 -54.64 34.69
C ALA F 40 23.41 -54.71 34.15
N LEU F 41 22.77 -55.83 34.46
CA LEU F 41 21.44 -56.24 33.99
C LEU F 41 20.65 -56.55 35.26
N SER F 42 19.42 -56.05 35.36
CA SER F 42 18.60 -56.24 36.59
C SER F 42 17.11 -56.22 36.25
N GLU F 43 16.28 -56.12 37.29
CA GLU F 43 14.82 -56.37 37.25
C GLU F 43 14.69 -57.81 36.77
N CYS F 44 14.18 -58.02 35.55
CA CYS F 44 14.12 -59.37 34.90
C CYS F 44 14.77 -59.26 33.52
N TYR F 45 16.04 -58.86 33.51
CA TYR F 45 16.82 -58.54 32.30
C TYR F 45 16.04 -57.45 31.53
N THR F 46 15.41 -56.54 32.26
CA THR F 46 14.68 -55.35 31.72
C THR F 46 15.54 -54.07 31.81
N VAL F 47 16.50 -54.02 32.72
CA VAL F 47 17.26 -52.77 33.06
C VAL F 47 18.76 -52.94 32.77
N ALA F 48 19.30 -52.10 31.88
CA ALA F 48 20.74 -51.91 31.63
C ALA F 48 21.23 -50.69 32.42
N SER F 49 22.01 -50.87 33.49
CA SER F 49 22.81 -49.80 34.16
C SER F 49 24.32 -50.05 33.97
N VAL F 50 25.13 -49.02 34.24
CA VAL F 50 26.62 -49.14 34.23
C VAL F 50 27.04 -49.70 35.57
N ALA F 51 27.67 -50.88 35.62
CA ALA F 51 28.11 -51.49 36.90
C ALA F 51 29.14 -50.60 37.59
N GLU F 52 29.31 -50.76 38.90
CA GLU F 52 30.32 -49.98 39.68
C GLU F 52 31.71 -50.44 39.26
N MET F 53 31.83 -51.69 38.83
CA MET F 53 33.10 -52.29 38.30
C MET F 53 32.75 -53.29 37.20
N PRO F 54 33.61 -53.50 36.18
CA PRO F 54 33.31 -54.47 35.13
C PRO F 54 32.94 -55.86 35.69
N GLN F 55 32.09 -56.59 34.97
CA GLN F 55 31.29 -57.72 35.51
C GLN F 55 31.97 -59.08 35.23
N ASN F 56 32.90 -59.14 34.27
CA ASN F 56 33.71 -60.36 34.01
C ASN F 56 32.82 -61.48 33.45
N TYR F 57 31.83 -61.15 32.62
CA TYR F 57 30.98 -62.16 31.94
C TYR F 57 31.89 -63.07 31.10
N ARG F 58 31.47 -64.32 30.95
CA ARG F 58 32.10 -65.32 30.05
C ARG F 58 32.26 -64.73 28.66
N PRO F 59 33.34 -65.06 27.94
CA PRO F 59 33.44 -64.72 26.52
C PRO F 59 32.28 -65.40 25.78
N HIS F 60 31.90 -64.84 24.62
CA HIS F 60 30.74 -65.29 23.82
C HIS F 60 30.76 -64.54 22.51
N PRO F 61 30.62 -65.21 21.34
CA PRO F 61 30.63 -64.52 20.05
C PRO F 61 29.63 -63.37 19.94
N GLN F 62 28.59 -63.43 20.75
CA GLN F 62 27.47 -62.45 20.82
C GLN F 62 27.88 -61.18 21.59
N ARG F 63 28.85 -61.24 22.49
CA ARG F 63 29.18 -60.21 23.51
C ARG F 63 29.96 -59.05 22.88
N PHE F 64 29.50 -57.82 23.13
CA PHE F 64 30.27 -56.57 22.85
C PHE F 64 31.51 -56.57 23.76
N THR F 65 32.68 -56.44 23.14
CA THR F 65 34.01 -56.51 23.83
C THR F 65 34.61 -55.10 23.97
N TYR F 66 34.24 -54.14 23.11
CA TYR F 66 34.67 -52.73 23.16
C TYR F 66 33.62 -51.82 23.86
N CYS F 67 32.38 -51.70 23.35
CA CYS F 67 31.44 -50.61 23.74
C CYS F 67 30.44 -51.09 24.79
N SER F 68 30.04 -50.22 25.73
CA SER F 68 29.15 -50.59 26.85
C SER F 68 27.71 -50.66 26.34
N GLN F 69 27.38 -51.76 25.67
CA GLN F 69 26.17 -52.00 24.85
C GLN F 69 25.58 -53.37 25.21
N VAL F 70 24.28 -53.49 24.96
CA VAL F 70 23.47 -54.72 25.14
C VAL F 70 22.32 -54.65 24.15
N LEU F 71 21.85 -55.82 23.68
CA LEU F 71 20.75 -56.02 22.71
C LEU F 71 19.56 -56.70 23.41
N GLY F 72 18.37 -56.60 22.81
CA GLY F 72 17.22 -57.49 23.11
C GLY F 72 17.48 -58.87 22.52
N LEU F 73 16.82 -59.90 23.04
CA LEU F 73 16.94 -61.30 22.56
C LEU F 73 16.39 -61.44 21.13
N HIS F 74 15.24 -60.82 20.83
CA HIS F 74 14.50 -61.00 19.54
C HIS F 74 14.92 -59.94 18.53
N CYS F 75 14.70 -60.23 17.24
CA CYS F 75 14.86 -59.29 16.11
C CYS F 75 13.62 -59.38 15.19
N TYR F 76 13.44 -58.40 14.30
CA TYR F 76 12.22 -58.16 13.50
C TYR F 76 12.64 -57.79 12.07
N LYS F 77 12.13 -58.54 11.08
CA LYS F 77 12.35 -58.30 9.63
C LYS F 77 10.99 -58.16 8.92
N LYS F 78 9.88 -58.29 9.66
CA LYS F 78 8.50 -58.03 9.16
C LYS F 78 7.64 -57.50 10.31
N GLY F 79 6.62 -56.70 9.97
CA GLY F 79 5.64 -56.14 10.92
C GLY F 79 6.04 -54.79 11.47
N ILE F 80 5.24 -54.31 12.42
CA ILE F 80 5.35 -52.97 13.05
C ILE F 80 5.41 -53.19 14.56
N HIS F 81 6.41 -52.62 15.23
CA HIS F 81 6.76 -52.87 16.66
C HIS F 81 7.11 -51.56 17.35
N TYR F 82 6.55 -51.38 18.54
CA TYR F 82 6.76 -50.21 19.41
C TYR F 82 7.24 -50.71 20.78
N TRP F 83 8.27 -50.05 21.32
CA TRP F 83 8.70 -50.26 22.72
C TRP F 83 9.17 -48.92 23.30
N GLU F 84 9.15 -48.81 24.63
CA GLU F 84 9.48 -47.57 25.36
C GLU F 84 10.61 -47.86 26.33
N VAL F 85 11.58 -46.95 26.39
CA VAL F 85 12.67 -47.00 27.39
C VAL F 85 12.66 -45.71 28.22
N GLU F 86 12.66 -45.89 29.54
CA GLU F 86 12.92 -44.85 30.57
C GLU F 86 14.43 -44.66 30.72
N LEU F 87 14.91 -43.41 30.79
CA LEU F 87 16.33 -43.05 31.10
C LEU F 87 16.40 -42.15 32.34
N GLN F 88 17.55 -42.13 33.02
CA GLN F 88 18.01 -41.05 33.93
C GLN F 88 18.42 -39.88 33.06
N LYS F 89 18.02 -38.67 33.48
CA LYS F 89 17.80 -37.47 32.61
C LYS F 89 19.16 -36.90 32.21
N ASN F 90 20.06 -36.83 33.20
CA ASN F 90 21.35 -36.07 33.18
C ASN F 90 22.53 -37.05 33.15
N ASN F 91 22.59 -37.88 32.11
CA ASN F 91 23.59 -38.97 31.93
C ASN F 91 23.91 -39.08 30.45
N PHE F 92 24.73 -40.08 30.09
CA PHE F 92 25.20 -40.39 28.72
C PHE F 92 24.66 -41.77 28.37
N CYS F 93 23.80 -41.84 27.37
CA CYS F 93 23.14 -43.09 26.97
C CYS F 93 22.51 -42.91 25.59
N GLY F 94 22.22 -44.03 24.93
CA GLY F 94 21.58 -44.06 23.61
C GLY F 94 20.66 -45.27 23.50
N VAL F 95 19.59 -45.13 22.73
CA VAL F 95 18.56 -46.17 22.49
C VAL F 95 18.47 -46.28 20.97
N GLY F 96 18.55 -47.49 20.43
CA GLY F 96 18.48 -47.68 18.97
C GLY F 96 17.99 -49.05 18.57
N ILE F 97 18.41 -49.42 17.37
CA ILE F 97 18.18 -50.72 16.68
C ILE F 97 19.48 -51.03 15.92
N CYS F 98 19.85 -52.30 15.77
CA CYS F 98 20.94 -52.70 14.84
C CYS F 98 20.64 -54.05 14.19
N TYR F 99 21.23 -54.22 13.02
CA TYR F 99 21.54 -55.53 12.42
C TYR F 99 22.25 -56.43 13.44
N GLY F 100 21.80 -57.69 13.53
CA GLY F 100 22.56 -58.79 14.15
C GLY F 100 23.99 -58.84 13.63
N SER F 101 24.25 -58.37 12.41
CA SER F 101 25.58 -58.49 11.74
C SER F 101 26.50 -57.34 12.15
N MET F 102 26.03 -56.40 12.98
CA MET F 102 26.89 -55.31 13.48
C MET F 102 28.05 -55.96 14.23
N ASN F 103 29.27 -55.50 13.96
CA ASN F 103 30.49 -55.81 14.73
C ASN F 103 30.22 -55.75 16.25
N ARG F 104 30.75 -56.70 17.03
CA ARG F 104 30.76 -56.67 18.51
C ARG F 104 32.15 -56.23 19.02
N GLN F 105 33.02 -55.81 18.09
CA GLN F 105 34.45 -55.52 18.37
C GLN F 105 34.89 -54.21 17.72
N GLY F 106 35.78 -53.49 18.41
CA GLY F 106 36.51 -52.32 17.92
C GLY F 106 35.70 -51.06 18.14
N PRO F 107 36.29 -49.87 17.88
CA PRO F 107 35.62 -48.60 18.14
C PRO F 107 34.44 -48.41 17.17
N GLU F 108 34.48 -49.13 16.04
CA GLU F 108 33.45 -49.09 14.96
C GLU F 108 32.12 -49.68 15.48
N SER F 109 32.15 -50.57 16.46
CA SER F 109 30.96 -51.28 17.01
C SER F 109 30.05 -50.37 17.85
N ARG F 110 30.44 -49.12 18.09
CA ARG F 110 29.64 -48.18 18.92
C ARG F 110 28.32 -47.88 18.20
N LEU F 111 27.22 -47.88 18.95
CA LEU F 111 25.86 -47.66 18.40
C LEU F 111 25.85 -46.38 17.54
N GLY F 112 25.44 -46.48 16.29
CA GLY F 112 25.31 -45.33 15.39
C GLY F 112 26.62 -44.90 14.75
N ARG F 113 27.75 -45.49 15.11
CA ARG F 113 29.04 -45.13 14.46
C ARG F 113 29.26 -46.01 13.23
N ASN F 114 28.27 -46.80 12.82
CA ASN F 114 28.41 -47.78 11.71
C ASN F 114 27.09 -47.87 10.93
N SER F 115 27.18 -48.15 9.64
CA SER F 115 26.03 -48.35 8.72
C SER F 115 25.04 -49.42 9.21
N ALA F 116 25.32 -50.17 10.29
CA ALA F 116 24.47 -51.30 10.76
C ALA F 116 23.57 -50.90 11.93
N SER F 117 23.54 -49.62 12.30
CA SER F 117 22.85 -49.12 13.51
C SER F 117 22.34 -47.68 13.34
N TRP F 118 21.24 -47.40 14.04
CA TRP F 118 20.50 -46.12 14.10
C TRP F 118 20.11 -45.94 15.55
N CYS F 119 20.38 -44.77 16.13
CA CYS F 119 19.94 -44.49 17.52
C CYS F 119 19.83 -42.99 17.83
N VAL F 120 19.33 -42.75 19.03
CA VAL F 120 19.14 -41.43 19.63
C VAL F 120 19.95 -41.43 20.94
N GLU F 121 20.67 -40.35 21.22
CA GLU F 121 21.75 -40.34 22.22
C GLU F 121 21.58 -39.11 23.13
N TRP F 122 21.83 -39.29 24.40
CA TRP F 122 21.88 -38.22 25.42
C TRP F 122 23.33 -38.00 25.86
N PHE F 123 23.90 -36.83 25.56
CA PHE F 123 25.15 -36.32 26.18
C PHE F 123 24.76 -35.31 27.27
N ASN F 124 24.27 -35.84 28.39
CA ASN F 124 23.69 -35.07 29.53
C ASN F 124 22.35 -34.49 29.07
N THR F 125 22.40 -33.27 28.52
CA THR F 125 21.22 -32.43 28.25
C THR F 125 21.01 -32.31 26.73
N LYS F 126 22.12 -32.36 25.97
CA LYS F 126 22.18 -32.32 24.48
C LYS F 126 21.77 -33.70 23.96
N ILE F 127 20.86 -33.73 22.99
CA ILE F 127 20.30 -34.97 22.37
C ILE F 127 20.77 -35.03 20.91
N SER F 128 21.24 -36.19 20.45
CA SER F 128 21.68 -36.46 19.06
C SER F 128 20.93 -37.68 18.47
N ALA F 129 20.74 -37.71 17.15
CA ALA F 129 20.44 -38.95 16.40
C ALA F 129 21.69 -39.29 15.60
N TRP F 130 22.00 -40.58 15.46
CA TRP F 130 23.25 -41.09 14.83
C TRP F 130 22.94 -42.23 13.85
N HIS F 131 23.65 -42.21 12.71
CA HIS F 131 23.79 -43.35 11.78
C HIS F 131 25.06 -43.18 10.94
N ASN F 132 25.86 -44.24 10.82
CA ASN F 132 27.06 -44.29 9.93
C ASN F 132 28.07 -43.21 10.33
N ASN F 133 28.15 -42.91 11.62
CA ASN F 133 29.04 -41.89 12.23
C ASN F 133 28.71 -40.47 11.72
N VAL F 134 27.44 -40.24 11.34
CA VAL F 134 26.88 -38.89 11.08
C VAL F 134 25.94 -38.53 12.23
N GLU F 135 26.36 -37.56 13.06
CA GLU F 135 25.57 -36.99 14.17
C GLU F 135 24.63 -35.91 13.60
N LYS F 136 23.38 -35.87 14.11
CA LYS F 136 22.40 -34.79 13.86
C LYS F 136 21.94 -34.28 15.23
N THR F 137 22.01 -32.98 15.43
CA THR F 137 21.64 -32.32 16.71
C THR F 137 20.11 -32.20 16.78
N LEU F 138 19.54 -32.56 17.93
CA LEU F 138 18.07 -32.66 18.10
C LEU F 138 17.62 -31.65 19.14
N PRO F 139 16.34 -31.23 19.08
CA PRO F 139 15.70 -30.46 20.15
C PRO F 139 15.72 -31.17 21.52
N SER F 140 16.17 -30.46 22.53
CA SER F 140 16.14 -30.94 23.93
C SER F 140 14.68 -30.94 24.41
N THR F 141 14.30 -31.85 25.30
CA THR F 141 12.91 -31.96 25.83
C THR F 141 13.02 -32.53 27.26
N LYS F 142 12.01 -32.34 28.11
CA LYS F 142 11.98 -32.84 29.52
C LYS F 142 11.71 -34.35 29.57
N ALA F 143 11.41 -34.98 28.43
CA ALA F 143 11.01 -36.41 28.37
C ALA F 143 12.16 -37.22 28.95
N THR F 144 11.81 -38.17 29.81
CA THR F 144 12.67 -39.22 30.40
C THR F 144 12.25 -40.56 29.79
N ARG F 145 11.59 -40.55 28.65
CA ARG F 145 11.15 -41.80 28.01
C ARG F 145 11.25 -41.62 26.50
N VAL F 146 11.78 -42.63 25.82
CA VAL F 146 11.82 -42.65 24.34
C VAL F 146 10.98 -43.85 23.88
N GLY F 147 10.22 -43.65 22.84
CA GLY F 147 9.38 -44.68 22.20
C GLY F 147 9.95 -44.97 20.84
N VAL F 148 10.24 -46.25 20.58
CA VAL F 148 10.84 -46.67 19.29
C VAL F 148 9.73 -47.37 18.55
N LEU F 149 9.35 -46.80 17.41
CA LEU F 149 8.44 -47.47 16.45
C LEU F 149 9.26 -47.93 15.24
N LEU F 150 9.26 -49.25 15.02
CA LEU F 150 9.99 -49.90 13.92
C LEU F 150 8.95 -50.53 13.00
N ASN F 151 8.93 -50.04 11.77
CA ASN F 151 8.10 -50.57 10.66
C ASN F 151 9.05 -51.20 9.65
N CYS F 152 9.18 -52.53 9.68
CA CYS F 152 9.99 -53.36 8.73
C CYS F 152 9.24 -53.49 7.41
N ASP F 153 7.90 -53.53 7.48
CA ASP F 153 6.98 -53.62 6.31
C ASP F 153 7.29 -52.48 5.33
N HIS F 154 7.34 -51.22 5.80
CA HIS F 154 7.51 -50.06 4.88
C HIS F 154 8.85 -49.34 5.08
N GLY F 155 9.73 -49.88 5.93
CA GLY F 155 11.17 -49.55 5.93
C GLY F 155 11.46 -48.17 6.50
N PHE F 156 11.09 -47.95 7.75
CA PHE F 156 11.47 -46.74 8.53
C PHE F 156 11.48 -47.07 10.03
N VAL F 157 12.17 -46.22 10.81
CA VAL F 157 12.11 -46.19 12.31
C VAL F 157 11.84 -44.77 12.76
N ILE F 158 11.06 -44.61 13.85
CA ILE F 158 10.72 -43.31 14.48
C ILE F 158 11.08 -43.42 15.96
N PHE F 159 11.78 -42.41 16.47
CA PHE F 159 12.04 -42.19 17.92
C PHE F 159 11.18 -41.02 18.39
N PHE F 160 10.35 -41.30 19.39
CA PHE F 160 9.37 -40.35 19.95
C PHE F 160 9.86 -40.03 21.36
N ALA F 161 9.83 -38.76 21.74
CA ALA F 161 9.91 -38.33 23.16
C ALA F 161 8.52 -38.55 23.75
N VAL F 162 8.44 -39.27 24.86
CA VAL F 162 7.16 -39.65 25.52
C VAL F 162 7.11 -38.92 26.86
N ALA F 163 6.25 -37.90 26.94
CA ALA F 163 5.94 -37.12 28.17
C ALA F 163 4.42 -37.24 28.43
N ASP F 164 3.72 -36.12 28.59
CA ASP F 164 2.23 -36.06 28.62
C ASP F 164 1.72 -36.46 27.23
N LYS F 165 2.36 -35.92 26.19
CA LYS F 165 2.07 -36.24 24.76
C LYS F 165 3.30 -36.89 24.14
N VAL F 166 3.25 -37.08 22.81
CA VAL F 166 4.27 -37.76 21.96
C VAL F 166 4.81 -36.74 20.95
N HIS F 167 6.10 -36.45 21.01
CA HIS F 167 6.82 -35.51 20.12
C HIS F 167 7.89 -36.29 19.32
N LEU F 168 7.95 -36.07 18.00
CA LEU F 168 9.05 -36.58 17.14
C LEU F 168 10.40 -36.16 17.77
N MET F 169 11.35 -37.10 17.98
CA MET F 169 12.80 -36.79 18.11
C MET F 169 13.44 -36.85 16.73
N TYR F 170 13.21 -37.93 15.97
CA TYR F 170 13.82 -38.13 14.63
C TYR F 170 13.30 -39.44 14.03
N LYS F 171 13.50 -39.62 12.72
CA LYS F 171 13.13 -40.87 12.01
C LYS F 171 14.16 -41.15 10.92
N PHE F 172 14.23 -42.39 10.45
CA PHE F 172 15.08 -42.82 9.32
C PHE F 172 14.25 -43.68 8.37
N ARG F 173 14.30 -43.34 7.09
CA ARG F 173 13.83 -44.17 5.95
C ARG F 173 14.98 -45.04 5.48
N VAL F 174 14.84 -46.37 5.57
CA VAL F 174 15.85 -47.36 5.09
C VAL F 174 15.15 -48.61 4.57
N ASP F 175 15.63 -49.12 3.43
CA ASP F 175 15.37 -50.48 2.89
C ASP F 175 16.19 -51.46 3.74
N PHE F 176 15.68 -51.83 4.94
CA PHE F 176 16.35 -52.76 5.89
C PHE F 176 16.66 -54.10 5.21
N THR F 177 17.96 -54.49 5.18
CA THR F 177 18.53 -55.67 4.47
C THR F 177 18.64 -56.87 5.42
N GLU F 178 18.26 -56.75 6.69
CA GLU F 178 18.12 -57.91 7.62
C GLU F 178 17.39 -57.49 8.90
N ALA F 179 17.10 -58.46 9.75
CA ALA F 179 16.34 -58.27 11.02
C ALA F 179 17.05 -57.20 11.87
N LEU F 180 16.28 -56.53 12.74
CA LEU F 180 16.73 -55.42 13.60
C LEU F 180 16.56 -55.86 15.06
N TYR F 181 17.57 -55.61 15.89
CA TYR F 181 17.53 -55.87 17.35
C TYR F 181 17.34 -54.53 18.05
N PRO F 182 16.50 -54.41 19.10
CA PRO F 182 16.62 -53.29 20.02
C PRO F 182 18.09 -53.27 20.49
N ALA F 183 18.66 -52.06 20.61
CA ALA F 183 20.05 -51.82 21.08
C ALA F 183 20.10 -50.68 22.11
N PHE F 184 21.01 -50.80 23.07
CA PHE F 184 21.12 -49.95 24.28
C PHE F 184 22.60 -49.65 24.55
N TRP F 185 22.90 -48.37 24.81
CA TRP F 185 24.23 -47.84 25.22
C TRP F 185 24.09 -47.12 26.56
N VAL F 186 24.90 -47.48 27.56
CA VAL F 186 24.94 -46.82 28.88
C VAL F 186 26.41 -46.52 29.15
N PHE F 187 26.71 -45.27 29.50
CA PHE F 187 28.09 -44.74 29.49
C PHE F 187 28.44 -44.13 30.85
N SER F 188 27.70 -43.13 31.32
CA SER F 188 28.00 -42.42 32.59
C SER F 188 27.63 -43.27 33.80
N ALA F 189 28.32 -43.09 34.92
CA ALA F 189 28.15 -43.90 36.15
C ALA F 189 26.66 -44.07 36.49
N GLY F 190 25.84 -43.01 36.38
CA GLY F 190 24.43 -43.03 36.81
C GLY F 190 23.48 -43.44 35.69
N ALA F 191 24.02 -43.73 34.49
CA ALA F 191 23.23 -44.02 33.27
C ALA F 191 22.37 -45.26 33.55
N THR F 192 21.08 -45.20 33.20
CA THR F 192 20.11 -46.29 33.46
C THR F 192 19.07 -46.28 32.35
N LEU F 193 18.82 -47.44 31.71
CA LEU F 193 17.77 -47.62 30.67
C LEU F 193 16.86 -48.77 31.13
N SER F 194 15.60 -48.45 31.43
CA SER F 194 14.56 -49.39 31.93
C SER F 194 13.54 -49.60 30.81
N ILE F 195 13.35 -50.84 30.36
CA ILE F 195 12.32 -51.16 29.32
C ILE F 195 10.95 -51.17 29.99
N CYS F 196 9.98 -50.51 29.38
CA CYS F 196 8.67 -50.20 30.01
C CYS F 196 7.63 -51.28 29.71
N SER F 197 6.99 -51.77 30.76
CA SER F 197 5.66 -52.46 30.77
C SER F 197 4.87 -51.99 32.01
N PRO F 198 5.44 -52.02 33.25
CA PRO F 198 4.64 -51.89 34.48
C PRO F 198 4.36 -50.44 34.87
N LYS G 6 2.61 22.07 -65.55
CA LYS G 6 3.63 21.11 -66.13
C LYS G 6 4.95 21.87 -66.31
N ALA G 7 5.35 22.61 -65.25
CA ALA G 7 6.34 23.72 -65.22
C ALA G 7 5.61 25.05 -65.46
N LYS G 8 4.56 25.05 -66.29
CA LYS G 8 3.88 26.27 -66.80
C LYS G 8 2.94 26.83 -65.74
N VAL G 9 2.30 25.96 -64.95
CA VAL G 9 1.34 26.41 -63.91
C VAL G 9 2.14 27.13 -62.81
N LEU G 10 3.29 26.55 -62.41
CA LEU G 10 4.21 27.17 -61.43
C LEU G 10 4.59 28.59 -61.90
N GLU G 11 4.99 28.73 -63.17
CA GLU G 11 5.36 30.03 -63.80
C GLU G 11 4.20 31.04 -63.64
N THR G 12 2.97 30.59 -63.84
CA THR G 12 1.78 31.48 -63.71
C THR G 12 1.69 31.95 -62.26
N PHE G 13 1.92 31.04 -61.31
CA PHE G 13 1.74 31.33 -59.87
C PHE G 13 2.87 32.28 -59.42
N LEU G 14 4.10 32.11 -59.91
CA LEU G 14 5.24 32.97 -59.50
C LEU G 14 5.09 34.41 -60.02
N ALA G 15 4.19 34.65 -60.97
CA ALA G 15 3.94 35.95 -61.64
C ALA G 15 2.75 36.67 -61.01
N LYS G 16 1.92 35.93 -60.27
CA LYS G 16 0.63 36.43 -59.74
C LYS G 16 0.94 37.65 -58.88
N SER G 17 0.04 38.65 -58.90
CA SER G 17 -0.03 39.80 -57.98
C SER G 17 -0.84 39.45 -56.71
N ARG G 18 -0.96 40.39 -55.77
CA ARG G 18 -1.75 40.23 -54.51
C ARG G 18 -3.18 39.89 -54.93
N PRO G 19 -3.90 40.78 -55.66
CA PRO G 19 -5.32 40.56 -55.94
C PRO G 19 -5.54 39.17 -56.53
N GLU G 20 -4.64 38.73 -57.41
CA GLU G 20 -4.72 37.36 -57.99
C GLU G 20 -4.59 36.32 -56.87
N LEU G 21 -3.68 36.50 -55.91
CA LEU G 21 -3.38 35.48 -54.87
C LEU G 21 -4.53 35.44 -53.83
N LEU G 22 -5.19 36.58 -53.58
CA LEU G 22 -6.35 36.68 -52.64
C LEU G 22 -7.51 35.81 -53.13
N GLU G 23 -7.50 35.38 -54.39
CA GLU G 23 -8.53 34.44 -54.88
C GLU G 23 -8.57 33.21 -53.97
N TYR G 24 -7.42 32.82 -53.43
CA TYR G 24 -7.24 31.51 -52.74
C TYR G 24 -7.19 31.72 -51.22
N TYR G 25 -7.37 32.94 -50.76
CA TYR G 25 -7.38 33.29 -49.31
C TYR G 25 -8.14 32.23 -48.51
N ILE G 26 -7.50 31.64 -47.50
CA ILE G 26 -8.16 30.90 -46.38
C ILE G 26 -7.96 31.64 -45.06
N LYS G 27 -8.91 31.49 -44.16
CA LYS G 27 -8.81 31.90 -42.73
C LYS G 27 -7.92 30.86 -42.04
N VAL G 28 -6.80 31.27 -41.45
CA VAL G 28 -6.01 30.36 -40.58
C VAL G 28 -6.21 30.79 -39.13
N ILE G 29 -6.41 29.78 -38.28
CA ILE G 29 -6.70 29.85 -36.83
C ILE G 29 -5.73 28.87 -36.19
N LEU G 30 -5.09 29.30 -35.10
CA LEU G 30 -4.03 28.50 -34.44
C LEU G 30 -4.68 27.44 -33.54
N ASP G 31 -4.02 26.29 -33.42
CA ASP G 31 -4.49 25.12 -32.64
C ASP G 31 -3.78 25.12 -31.29
N TYR G 32 -4.52 25.43 -30.24
CA TYR G 32 -4.05 25.53 -28.83
C TYR G 32 -3.34 24.24 -28.41
N ASN G 33 -3.71 23.09 -29.01
CA ASN G 33 -3.22 21.74 -28.61
C ASN G 33 -1.81 21.54 -29.15
N THR G 34 -1.33 22.38 -30.06
CA THR G 34 0.01 22.22 -30.70
C THR G 34 1.03 23.14 -30.02
N ALA G 35 0.58 24.29 -29.54
CA ALA G 35 1.42 25.40 -29.04
C ALA G 35 2.34 24.84 -27.97
N HIS G 36 3.65 24.96 -28.18
CA HIS G 36 4.68 24.79 -27.13
C HIS G 36 4.35 25.71 -25.95
N ASN G 37 4.77 25.29 -24.76
CA ASN G 37 4.63 26.07 -23.51
C ASN G 37 5.12 27.52 -23.69
N LYS G 38 6.07 27.78 -24.60
CA LYS G 38 6.72 29.10 -24.69
C LYS G 38 5.85 30.00 -25.55
N VAL G 39 4.89 29.43 -26.27
CA VAL G 39 4.12 30.21 -27.28
C VAL G 39 2.80 30.66 -26.64
N ALA G 40 2.56 31.96 -26.62
CA ALA G 40 1.30 32.54 -26.15
C ALA G 40 0.37 32.71 -27.36
N LEU G 41 -0.92 32.47 -27.19
CA LEU G 41 -1.96 32.65 -28.24
C LEU G 41 -2.83 33.85 -27.85
N SER G 42 -3.20 34.68 -28.81
CA SER G 42 -4.04 35.88 -28.57
C SER G 42 -4.81 36.26 -29.85
N GLU G 43 -5.74 37.21 -29.72
CA GLU G 43 -6.64 37.73 -30.78
C GLU G 43 -7.32 36.56 -31.50
N CYS G 44 -8.31 35.93 -30.85
CA CYS G 44 -9.08 34.75 -31.37
C CYS G 44 -8.18 33.70 -32.03
N TYR G 45 -7.05 33.38 -31.41
CA TYR G 45 -6.13 32.29 -31.81
C TYR G 45 -5.51 32.64 -33.17
N THR G 46 -5.16 33.92 -33.31
CA THR G 46 -4.67 34.59 -34.55
C THR G 46 -3.18 34.93 -34.43
N VAL G 47 -2.68 35.23 -33.23
CA VAL G 47 -1.28 35.70 -32.96
C VAL G 47 -0.51 34.67 -32.12
N ALA G 48 0.71 34.33 -32.52
CA ALA G 48 1.70 33.60 -31.69
C ALA G 48 2.79 34.56 -31.20
N SER G 49 3.05 34.66 -29.90
CA SER G 49 4.15 35.45 -29.31
C SER G 49 5.05 34.51 -28.50
N VAL G 50 6.25 34.94 -28.17
CA VAL G 50 7.00 34.29 -27.08
C VAL G 50 6.42 34.87 -25.80
N ALA G 51 5.79 34.03 -24.97
CA ALA G 51 5.30 34.40 -23.62
C ALA G 51 6.48 34.82 -22.74
N GLU G 52 6.24 35.76 -21.81
CA GLU G 52 7.19 36.24 -20.77
C GLU G 52 7.69 35.05 -19.94
N MET G 53 6.84 34.04 -19.70
CA MET G 53 7.27 32.75 -19.06
C MET G 53 6.51 31.59 -19.69
N PRO G 54 7.03 30.34 -19.67
CA PRO G 54 6.28 29.20 -20.20
C PRO G 54 4.86 29.08 -19.61
N GLN G 55 3.92 28.59 -20.42
CA GLN G 55 2.44 28.73 -20.23
C GLN G 55 1.82 27.50 -19.51
N ASN G 56 2.56 26.42 -19.25
CA ASN G 56 2.10 25.26 -18.44
C ASN G 56 0.82 24.61 -19.00
N TYR G 57 0.75 24.46 -20.32
CA TYR G 57 -0.41 23.88 -21.03
C TYR G 57 -0.50 22.38 -20.75
N ARG G 58 -1.68 21.83 -20.91
CA ARG G 58 -1.90 20.40 -20.58
C ARG G 58 -1.02 19.56 -21.49
N PRO G 59 -0.53 18.40 -21.02
CA PRO G 59 0.15 17.48 -21.93
C PRO G 59 -0.87 17.05 -23.01
N HIS G 60 -0.40 16.76 -24.22
CA HIS G 60 -1.27 16.49 -25.38
C HIS G 60 -0.44 15.90 -26.52
N PRO G 61 -0.92 14.82 -27.17
CA PRO G 61 -0.19 14.20 -28.27
C PRO G 61 0.14 15.20 -29.38
N GLN G 62 -0.70 16.22 -29.60
CA GLN G 62 -0.52 17.24 -30.66
C GLN G 62 0.60 18.23 -30.33
N ARG G 63 1.03 18.34 -29.08
CA ARG G 63 1.75 19.55 -28.59
C ARG G 63 3.26 19.41 -28.80
N PHE G 64 3.86 20.40 -29.44
CA PHE G 64 5.34 20.53 -29.53
C PHE G 64 5.92 20.59 -28.12
N THR G 65 6.72 19.60 -27.76
CA THR G 65 7.36 19.56 -26.42
C THR G 65 8.77 20.17 -26.45
N TYR G 66 9.41 20.34 -27.60
CA TYR G 66 10.84 20.76 -27.69
C TYR G 66 10.99 22.16 -28.28
N CYS G 67 10.34 22.44 -29.43
CA CYS G 67 10.55 23.69 -30.22
C CYS G 67 9.37 24.62 -30.03
N SER G 68 9.61 25.93 -30.03
CA SER G 68 8.57 26.94 -29.76
C SER G 68 7.77 27.16 -31.04
N GLN G 69 6.88 26.23 -31.35
CA GLN G 69 6.10 26.24 -32.61
C GLN G 69 4.63 25.99 -32.34
N VAL G 70 3.80 26.33 -33.30
CA VAL G 70 2.33 26.06 -33.26
C VAL G 70 1.90 25.87 -34.72
N LEU G 71 0.86 25.07 -34.93
CA LEU G 71 0.20 24.79 -36.22
C LEU G 71 -1.15 25.51 -36.29
N GLY G 72 -1.68 25.67 -37.50
CA GLY G 72 -3.13 25.88 -37.70
C GLY G 72 -3.88 24.59 -37.48
N LEU G 73 -5.21 24.69 -37.42
CA LEU G 73 -6.15 23.59 -37.12
C LEU G 73 -6.42 22.79 -38.39
N HIS G 74 -6.56 23.51 -39.50
CA HIS G 74 -6.95 22.95 -40.81
C HIS G 74 -5.71 22.53 -41.57
N CYS G 75 -5.76 21.40 -42.26
CA CYS G 75 -4.69 20.96 -43.19
C CYS G 75 -5.29 20.68 -44.56
N TYR G 76 -4.46 20.67 -45.60
CA TYR G 76 -4.92 20.67 -47.01
C TYR G 76 -4.13 19.62 -47.80
N LYS G 77 -4.84 18.75 -48.52
CA LYS G 77 -4.24 17.71 -49.39
C LYS G 77 -4.68 17.95 -50.85
N LYS G 78 -5.58 18.90 -51.10
CA LYS G 78 -6.02 19.25 -52.48
C LYS G 78 -6.39 20.73 -52.51
N GLY G 79 -6.56 21.29 -53.71
CA GLY G 79 -6.98 22.68 -53.91
C GLY G 79 -5.80 23.64 -53.78
N ILE G 80 -6.10 24.92 -53.77
CA ILE G 80 -5.10 26.02 -53.78
C ILE G 80 -5.45 26.97 -52.66
N HIS G 81 -4.43 27.35 -51.87
CA HIS G 81 -4.60 28.06 -50.58
C HIS G 81 -3.53 29.16 -50.41
N TYR G 82 -3.97 30.34 -50.02
CA TYR G 82 -3.10 31.47 -49.70
C TYR G 82 -3.48 32.03 -48.34
N TRP G 83 -2.47 32.36 -47.52
CA TRP G 83 -2.66 33.13 -46.26
C TRP G 83 -1.43 33.98 -45.99
N GLU G 84 -1.63 35.00 -45.17
CA GLU G 84 -0.60 36.02 -44.85
C GLU G 84 -0.35 36.08 -43.34
N VAL G 85 0.94 36.07 -42.98
CA VAL G 85 1.42 36.24 -41.60
C VAL G 85 2.23 37.54 -41.56
N GLU G 86 1.89 38.49 -40.69
CA GLU G 86 2.71 39.69 -40.37
C GLU G 86 3.73 39.30 -39.27
N LEU G 87 4.99 39.73 -39.41
CA LEU G 87 6.05 39.52 -38.39
C LEU G 87 6.53 40.87 -37.82
N GLN G 88 7.05 40.84 -36.60
CA GLN G 88 7.80 41.95 -35.97
C GLN G 88 9.23 41.89 -36.47
N LYS G 89 9.73 42.97 -37.06
CA LYS G 89 11.12 43.07 -37.59
C LYS G 89 12.12 42.85 -36.45
N ASN G 90 13.33 42.42 -36.80
CA ASN G 90 14.46 42.28 -35.84
C ASN G 90 14.14 41.24 -34.77
N ASN G 91 13.54 40.12 -35.17
CA ASN G 91 13.28 38.96 -34.28
C ASN G 91 13.64 37.68 -35.03
N PHE G 92 13.59 36.58 -34.29
CA PHE G 92 13.85 35.21 -34.78
C PHE G 92 12.50 34.49 -34.83
N CYS G 93 12.15 33.99 -36.00
CA CYS G 93 10.83 33.38 -36.25
C CYS G 93 10.81 32.75 -37.65
N GLY G 94 9.88 31.82 -37.85
CA GLY G 94 9.69 31.13 -39.13
C GLY G 94 8.22 31.00 -39.48
N VAL G 95 7.96 30.95 -40.79
CA VAL G 95 6.63 30.70 -41.41
C VAL G 95 6.78 29.56 -42.42
N GLY G 96 5.87 28.59 -42.39
CA GLY G 96 6.04 27.43 -43.28
C GLY G 96 4.83 26.51 -43.27
N ILE G 97 5.08 25.23 -43.53
CA ILE G 97 4.05 24.17 -43.63
C ILE G 97 4.65 22.86 -43.16
N CYS G 98 3.83 21.94 -42.71
CA CYS G 98 4.32 20.60 -42.40
C CYS G 98 3.18 19.57 -42.51
N TYR G 99 3.57 18.37 -42.88
CA TYR G 99 2.87 17.11 -42.56
C TYR G 99 2.47 17.09 -41.09
N GLY G 100 1.27 16.58 -40.79
CA GLY G 100 0.83 16.24 -39.43
C GLY G 100 1.73 15.18 -38.82
N SER G 101 2.36 14.33 -39.63
CA SER G 101 3.26 13.27 -39.13
C SER G 101 4.59 13.87 -38.65
N MET G 102 4.88 15.16 -38.91
CA MET G 102 6.09 15.82 -38.38
C MET G 102 6.10 15.55 -36.87
N ASN G 103 7.25 15.11 -36.37
CA ASN G 103 7.53 14.86 -34.95
C ASN G 103 7.21 16.09 -34.09
N ARG G 104 6.74 15.87 -32.86
CA ARG G 104 6.48 16.94 -31.86
C ARG G 104 7.64 17.01 -30.85
N GLN G 105 8.48 15.98 -30.78
CA GLN G 105 9.60 15.88 -29.81
C GLN G 105 10.97 15.88 -30.47
N GLY G 106 12.00 16.18 -29.68
CA GLY G 106 13.42 16.21 -30.10
C GLY G 106 13.76 17.45 -30.90
N PRO G 107 15.06 17.77 -31.05
CA PRO G 107 15.51 18.99 -31.74
C PRO G 107 15.33 18.97 -33.27
N GLU G 108 15.19 17.78 -33.84
CA GLU G 108 14.92 17.62 -35.29
C GLU G 108 13.42 17.85 -35.56
N SER G 109 12.60 18.19 -34.54
CA SER G 109 11.17 18.58 -34.68
C SER G 109 11.06 20.04 -35.14
N ARG G 110 12.18 20.77 -35.13
CA ARG G 110 12.22 22.21 -35.44
C ARG G 110 11.84 22.41 -36.91
N LEU G 111 10.97 23.35 -37.21
CA LEU G 111 10.51 23.65 -38.59
C LEU G 111 11.74 23.77 -39.51
N GLY G 112 11.75 23.05 -40.63
CA GLY G 112 12.83 23.15 -41.62
C GLY G 112 13.92 22.14 -41.35
N ARG G 113 14.01 21.60 -40.14
CA ARG G 113 15.15 20.71 -39.80
C ARG G 113 14.78 19.26 -40.08
N ASN G 114 13.66 19.00 -40.76
CA ASN G 114 13.22 17.60 -41.04
C ASN G 114 12.60 17.54 -42.44
N SER G 115 12.39 16.32 -42.93
CA SER G 115 11.85 16.05 -44.29
C SER G 115 10.34 16.33 -44.38
N ALA G 116 9.68 16.76 -43.30
CA ALA G 116 8.21 16.91 -43.20
C ALA G 116 7.78 18.38 -43.11
N SER G 117 8.72 19.33 -43.19
CA SER G 117 8.43 20.76 -42.96
C SER G 117 9.21 21.59 -43.97
N TRP G 118 8.64 22.71 -44.37
CA TRP G 118 9.23 23.67 -45.33
C TRP G 118 8.98 25.02 -44.72
N CYS G 119 10.00 25.85 -44.57
CA CYS G 119 9.77 27.21 -44.02
C CYS G 119 10.76 28.21 -44.61
N VAL G 120 10.47 29.45 -44.28
CA VAL G 120 11.24 30.68 -44.57
C VAL G 120 11.43 31.35 -43.20
N GLU G 121 12.58 31.93 -42.93
CA GLU G 121 13.03 32.16 -41.54
C GLU G 121 13.76 33.49 -41.42
N TRP G 122 13.47 34.25 -40.38
CA TRP G 122 14.21 35.51 -40.04
C TRP G 122 15.16 35.25 -38.86
N PHE G 123 16.46 35.43 -39.06
CA PHE G 123 17.49 35.48 -37.99
C PHE G 123 17.93 36.94 -37.94
N ASN G 124 17.13 37.76 -37.27
CA ASN G 124 17.22 39.24 -37.26
C ASN G 124 16.90 39.71 -38.68
N THR G 125 17.89 40.04 -39.50
CA THR G 125 17.64 40.56 -40.88
C THR G 125 18.03 39.49 -41.91
N LYS G 126 18.78 38.47 -41.48
CA LYS G 126 19.25 37.35 -42.34
C LYS G 126 18.06 36.43 -42.63
N ILE G 127 17.78 36.14 -43.89
CA ILE G 127 16.56 35.41 -44.32
C ILE G 127 16.97 34.07 -44.94
N SER G 128 16.27 33.00 -44.58
CA SER G 128 16.58 31.60 -44.95
C SER G 128 15.34 30.92 -45.52
N ALA G 129 15.54 29.96 -46.41
CA ALA G 129 14.57 28.91 -46.73
C ALA G 129 15.11 27.64 -46.12
N TRP G 130 14.24 26.80 -45.56
CA TRP G 130 14.68 25.54 -44.93
C TRP G 130 13.81 24.40 -45.43
N HIS G 131 14.42 23.24 -45.56
CA HIS G 131 13.77 21.92 -45.67
C HIS G 131 14.84 20.90 -45.33
N ASN G 132 14.47 19.87 -44.59
CA ASN G 132 15.29 18.66 -44.37
C ASN G 132 16.69 19.03 -43.86
N ASN G 133 16.77 20.07 -43.04
CA ASN G 133 17.98 20.58 -42.33
C ASN G 133 18.96 21.22 -43.33
N VAL G 134 18.45 21.72 -44.47
CA VAL G 134 19.30 22.41 -45.49
C VAL G 134 18.90 23.88 -45.54
N GLU G 135 19.77 24.76 -45.08
CA GLU G 135 19.56 26.22 -45.13
C GLU G 135 19.95 26.70 -46.51
N LYS G 136 19.08 27.41 -47.21
CA LYS G 136 19.49 28.26 -48.34
C LYS G 136 19.35 29.71 -47.87
N THR G 137 20.48 30.42 -47.79
CA THR G 137 20.58 31.88 -47.61
C THR G 137 19.84 32.57 -48.75
N LEU G 138 19.16 33.67 -48.46
CA LEU G 138 18.31 34.45 -49.38
C LEU G 138 18.60 35.94 -49.26
N PRO G 139 18.33 36.72 -50.32
CA PRO G 139 18.38 38.17 -50.21
C PRO G 139 17.53 38.73 -49.07
N SER G 140 18.03 39.80 -48.46
CA SER G 140 17.32 40.64 -47.48
C SER G 140 16.13 41.31 -48.17
N THR G 141 15.11 41.65 -47.40
CA THR G 141 13.91 42.42 -47.81
C THR G 141 13.48 43.27 -46.61
N LYS G 142 12.79 44.37 -46.86
CA LYS G 142 12.23 45.24 -45.80
C LYS G 142 10.84 44.70 -45.38
N ALA G 143 10.26 43.80 -46.18
CA ALA G 143 8.88 43.28 -46.00
C ALA G 143 8.68 42.71 -44.59
N THR G 144 7.61 43.09 -43.91
CA THR G 144 7.24 42.54 -42.58
C THR G 144 6.04 41.60 -42.70
N ARG G 145 5.86 40.95 -43.84
CA ARG G 145 4.70 40.08 -44.07
C ARG G 145 5.04 39.04 -45.12
N VAL G 146 4.79 37.78 -44.83
CA VAL G 146 5.01 36.71 -45.85
C VAL G 146 3.63 36.21 -46.27
N GLY G 147 3.53 35.85 -47.56
CA GLY G 147 2.36 35.21 -48.18
C GLY G 147 2.71 33.81 -48.57
N VAL G 148 2.01 32.81 -48.04
CA VAL G 148 2.30 31.38 -48.38
C VAL G 148 1.23 30.93 -49.35
N LEU G 149 1.63 30.59 -50.58
CA LEU G 149 0.74 29.91 -51.53
C LEU G 149 1.07 28.43 -51.52
N LEU G 150 0.07 27.63 -51.19
CA LEU G 150 0.12 26.16 -51.22
C LEU G 150 -0.78 25.68 -52.37
N ASN G 151 -0.20 25.02 -53.35
CA ASN G 151 -0.91 24.40 -54.49
C ASN G 151 -0.80 22.89 -54.32
N CYS G 152 -1.80 22.27 -53.74
CA CYS G 152 -1.81 20.81 -53.50
C CYS G 152 -2.01 20.08 -54.83
N ASP G 153 -2.83 20.64 -55.72
CA ASP G 153 -3.16 20.04 -57.05
C ASP G 153 -1.86 19.77 -57.82
N HIS G 154 -0.94 20.73 -57.85
CA HIS G 154 0.24 20.74 -58.76
C HIS G 154 1.58 20.58 -57.99
N GLY G 155 1.54 20.34 -56.68
CA GLY G 155 2.72 19.93 -55.88
C GLY G 155 3.76 21.04 -55.71
N PHE G 156 3.36 22.27 -55.39
CA PHE G 156 4.32 23.31 -54.97
C PHE G 156 3.79 24.19 -53.83
N VAL G 157 4.75 24.87 -53.18
CA VAL G 157 4.55 25.93 -52.14
C VAL G 157 5.46 27.08 -52.54
N ILE G 158 4.95 28.30 -52.42
CA ILE G 158 5.65 29.55 -52.81
C ILE G 158 5.55 30.49 -51.61
N PHE G 159 6.68 31.09 -51.21
CA PHE G 159 6.78 32.08 -50.12
C PHE G 159 7.04 33.39 -50.83
N PHE G 160 6.18 34.38 -50.59
CA PHE G 160 6.22 35.75 -51.17
C PHE G 160 6.51 36.74 -50.05
N ALA G 161 7.47 37.63 -50.23
CA ALA G 161 7.53 38.88 -49.47
C ALA G 161 6.37 39.76 -49.95
N VAL G 162 5.61 40.36 -49.05
CA VAL G 162 4.43 41.22 -49.37
C VAL G 162 4.66 42.60 -48.76
N ALA G 163 4.55 43.64 -49.61
CA ALA G 163 4.73 45.06 -49.23
C ALA G 163 3.78 45.91 -50.10
N ASP G 164 4.27 46.92 -50.81
CA ASP G 164 3.44 47.67 -51.78
C ASP G 164 3.04 46.67 -52.88
N LYS G 165 3.94 45.74 -53.21
CA LYS G 165 3.77 44.65 -54.20
C LYS G 165 4.34 43.36 -53.61
N VAL G 166 4.32 42.29 -54.41
CA VAL G 166 4.67 40.91 -54.01
C VAL G 166 5.97 40.54 -54.72
N HIS G 167 6.93 39.93 -54.03
CA HIS G 167 8.19 39.44 -54.63
C HIS G 167 8.47 38.05 -54.10
N LEU G 168 8.96 37.19 -54.97
CA LEU G 168 9.23 35.78 -54.65
C LEU G 168 10.38 35.73 -53.62
N MET G 169 10.18 35.04 -52.50
CA MET G 169 11.27 34.77 -51.53
C MET G 169 11.85 33.39 -51.84
N TYR G 170 11.00 32.37 -52.01
CA TYR G 170 11.45 30.99 -52.32
C TYR G 170 10.25 30.16 -52.77
N LYS G 171 10.50 29.00 -53.39
CA LYS G 171 9.46 27.98 -53.69
C LYS G 171 10.07 26.59 -53.49
N PHE G 172 9.23 25.61 -53.25
CA PHE G 172 9.60 24.17 -53.33
C PHE G 172 8.52 23.45 -54.14
N ARG G 173 8.98 22.65 -55.10
CA ARG G 173 8.21 21.65 -55.87
C ARG G 173 8.27 20.33 -55.11
N VAL G 174 7.17 19.83 -54.57
CA VAL G 174 7.23 18.48 -53.94
C VAL G 174 5.92 17.73 -54.25
N ASP G 175 6.06 16.43 -54.53
CA ASP G 175 4.96 15.44 -54.60
C ASP G 175 4.49 15.22 -53.15
N PHE G 176 3.66 16.11 -52.62
CA PHE G 176 3.15 16.09 -51.22
C PHE G 176 2.47 14.76 -50.91
N THR G 177 3.02 14.01 -49.96
CA THR G 177 2.60 12.62 -49.62
C THR G 177 1.42 12.63 -48.63
N GLU G 178 1.10 13.75 -47.97
CA GLU G 178 -0.07 13.86 -47.05
C GLU G 178 -0.45 15.34 -46.91
N ALA G 179 -1.46 15.65 -46.12
CA ALA G 179 -1.96 17.04 -45.98
C ALA G 179 -0.91 17.93 -45.29
N LEU G 180 -0.96 19.23 -45.58
CA LEU G 180 -0.04 20.27 -45.04
C LEU G 180 -0.81 21.13 -44.04
N TYR G 181 -0.17 21.44 -42.91
CA TYR G 181 -0.65 22.41 -41.88
C TYR G 181 0.13 23.71 -42.02
N PRO G 182 -0.49 24.90 -41.90
CA PRO G 182 0.26 26.11 -41.65
C PRO G 182 1.12 25.87 -40.40
N ALA G 183 2.40 26.23 -40.44
CA ALA G 183 3.33 26.08 -39.29
C ALA G 183 3.95 27.44 -38.96
N PHE G 184 4.17 27.70 -37.67
CA PHE G 184 4.69 28.96 -37.12
C PHE G 184 5.76 28.68 -36.06
N TRP G 185 6.95 29.26 -36.20
CA TRP G 185 8.05 29.16 -35.20
C TRP G 185 8.39 30.56 -34.70
N VAL G 186 8.49 30.73 -33.37
CA VAL G 186 8.83 32.02 -32.68
C VAL G 186 9.89 31.72 -31.61
N PHE G 187 11.03 32.40 -31.70
CA PHE G 187 12.26 32.12 -30.91
C PHE G 187 12.61 33.29 -29.95
N SER G 188 12.56 34.53 -30.39
CA SER G 188 13.20 35.66 -29.67
C SER G 188 12.15 36.30 -28.76
N ALA G 189 12.56 36.90 -27.65
CA ALA G 189 11.67 37.52 -26.64
C ALA G 189 10.54 38.29 -27.33
N GLY G 190 10.83 39.02 -28.43
CA GLY G 190 9.88 39.97 -29.05
C GLY G 190 9.09 39.41 -30.24
N ALA G 191 9.44 38.20 -30.69
CA ALA G 191 8.88 37.53 -31.89
C ALA G 191 7.35 37.40 -31.74
N THR G 192 6.63 37.93 -32.71
CA THR G 192 5.17 37.73 -32.85
C THR G 192 4.85 37.45 -34.32
N LEU G 193 4.04 36.45 -34.60
CA LEU G 193 3.50 36.14 -35.95
C LEU G 193 1.99 36.33 -35.89
N SER G 194 1.46 37.39 -36.51
CA SER G 194 0.01 37.69 -36.62
C SER G 194 -0.55 37.21 -37.97
N ILE G 195 -1.45 36.23 -37.97
CA ILE G 195 -2.25 35.85 -39.16
C ILE G 195 -3.14 37.03 -39.56
N CYS G 196 -3.09 37.43 -40.83
CA CYS G 196 -3.88 38.56 -41.38
C CYS G 196 -5.26 38.06 -41.82
N SER G 197 -6.32 38.62 -41.22
CA SER G 197 -7.73 38.62 -41.69
C SER G 197 -7.88 39.61 -42.84
N PRO G 198 -7.68 40.93 -42.63
CA PRO G 198 -7.81 41.92 -43.71
C PRO G 198 -6.68 41.75 -44.74
N THR H 3 17.30 -4.69 -18.95
CA THR H 3 18.43 -4.95 -19.90
C THR H 3 17.92 -4.81 -21.34
N SER H 4 17.15 -5.80 -21.84
CA SER H 4 16.79 -6.01 -23.27
C SER H 4 15.93 -4.85 -23.81
N LEU H 5 15.94 -4.63 -25.14
CA LEU H 5 15.19 -3.52 -25.80
C LEU H 5 13.67 -3.83 -25.73
N LYS H 6 13.29 -5.11 -25.85
CA LYS H 6 11.91 -5.63 -25.66
C LYS H 6 11.37 -5.15 -24.31
N ALA H 7 12.22 -5.17 -23.27
CA ALA H 7 11.90 -5.00 -21.83
C ALA H 7 11.88 -3.52 -21.46
N LYS H 8 12.69 -2.70 -22.13
CA LYS H 8 12.82 -1.24 -21.87
C LYS H 8 11.58 -0.54 -22.40
N VAL H 9 11.03 -1.03 -23.52
CA VAL H 9 9.88 -0.39 -24.22
C VAL H 9 8.58 -0.85 -23.53
N LEU H 10 8.55 -2.03 -22.93
CA LEU H 10 7.41 -2.44 -22.07
C LEU H 10 7.39 -1.56 -20.79
N GLU H 11 8.55 -1.26 -20.22
CA GLU H 11 8.66 -0.44 -18.98
C GLU H 11 8.29 1.01 -19.32
N THR H 12 8.68 1.49 -20.50
CA THR H 12 8.26 2.84 -20.98
C THR H 12 6.74 2.87 -21.13
N PHE H 13 6.16 1.88 -21.81
CA PHE H 13 4.71 1.87 -22.08
C PHE H 13 3.98 1.73 -20.75
N LEU H 14 4.50 0.96 -19.79
CA LEU H 14 3.80 0.74 -18.50
C LEU H 14 3.74 2.06 -17.69
N ALA H 15 4.63 3.00 -17.99
CA ALA H 15 4.82 4.26 -17.24
C ALA H 15 4.00 5.39 -17.87
N LYS H 16 3.40 5.17 -19.04
CA LYS H 16 2.80 6.26 -19.86
C LYS H 16 1.52 6.77 -19.17
N SER H 17 1.27 8.07 -19.26
CA SER H 17 0.04 8.73 -18.75
C SER H 17 -1.01 8.64 -19.84
N ARG H 18 -2.27 8.91 -19.51
CA ARG H 18 -3.36 8.87 -20.51
C ARG H 18 -2.96 9.72 -21.72
N PRO H 19 -2.58 11.00 -21.55
CA PRO H 19 -2.30 11.83 -22.71
C PRO H 19 -1.22 11.19 -23.60
N GLU H 20 -0.33 10.42 -23.00
CA GLU H 20 0.77 9.79 -23.75
C GLU H 20 0.19 8.59 -24.50
N LEU H 21 -0.58 7.75 -23.83
CA LEU H 21 -1.25 6.60 -24.47
C LEU H 21 -2.13 7.09 -25.63
N LEU H 22 -2.67 8.31 -25.57
CA LEU H 22 -3.57 8.84 -26.63
C LEU H 22 -2.80 9.14 -27.92
N GLU H 23 -1.47 9.19 -27.90
CA GLU H 23 -0.64 9.38 -29.13
C GLU H 23 -0.97 8.25 -30.12
N TYR H 24 -1.39 7.09 -29.62
CA TYR H 24 -1.60 5.85 -30.42
C TYR H 24 -3.08 5.51 -30.59
N TYR H 25 -4.00 6.45 -30.33
CA TYR H 25 -5.47 6.20 -30.44
C TYR H 25 -5.84 5.83 -31.87
N ILE H 26 -6.65 4.78 -32.00
CA ILE H 26 -7.29 4.37 -33.28
C ILE H 26 -8.77 4.09 -33.02
N LYS H 27 -9.62 4.62 -33.90
CA LYS H 27 -11.08 4.38 -33.98
C LYS H 27 -11.27 2.90 -34.25
N VAL H 28 -11.85 2.17 -33.31
CA VAL H 28 -12.30 0.76 -33.49
C VAL H 28 -13.80 0.78 -33.81
N ILE H 29 -14.23 -0.01 -34.78
CA ILE H 29 -15.64 -0.16 -35.26
C ILE H 29 -16.03 -1.60 -34.92
N LEU H 30 -17.21 -1.82 -34.37
CA LEU H 30 -17.70 -3.20 -34.12
C LEU H 30 -18.12 -3.81 -35.46
N ASP H 31 -17.83 -5.08 -35.69
CA ASP H 31 -18.08 -5.78 -36.97
C ASP H 31 -19.39 -6.54 -36.84
N TYR H 32 -20.43 -6.12 -37.58
CA TYR H 32 -21.77 -6.79 -37.51
C TYR H 32 -21.66 -8.24 -37.98
N ASN H 33 -20.64 -8.65 -38.74
CA ASN H 33 -20.45 -10.04 -39.23
C ASN H 33 -20.01 -10.98 -38.11
N THR H 34 -19.44 -10.49 -37.01
CA THR H 34 -18.87 -11.36 -35.94
C THR H 34 -19.84 -11.50 -34.75
N ALA H 35 -20.74 -10.53 -34.57
CA ALA H 35 -21.64 -10.40 -33.41
C ALA H 35 -22.56 -11.61 -33.31
N HIS H 36 -22.56 -12.23 -32.15
CA HIS H 36 -23.54 -13.27 -31.75
C HIS H 36 -24.95 -12.67 -31.78
N ASN H 37 -25.94 -13.52 -32.01
CA ASN H 37 -27.38 -13.18 -32.21
C ASN H 37 -27.92 -12.37 -31.03
N LYS H 38 -27.39 -12.60 -29.83
CA LYS H 38 -27.84 -11.95 -28.56
C LYS H 38 -27.09 -10.63 -28.31
N VAL H 39 -26.16 -10.22 -29.19
CA VAL H 39 -25.46 -8.91 -29.06
C VAL H 39 -26.05 -7.92 -30.06
N ALA H 40 -26.67 -6.85 -29.58
CA ALA H 40 -27.11 -5.69 -30.39
C ALA H 40 -25.96 -4.67 -30.52
N LEU H 41 -25.73 -4.20 -31.74
CA LEU H 41 -24.80 -3.10 -32.08
C LEU H 41 -25.61 -1.81 -32.24
N SER H 42 -25.05 -0.66 -31.94
CA SER H 42 -25.76 0.66 -32.02
C SER H 42 -24.74 1.80 -32.11
N GLU H 43 -25.24 2.98 -32.48
CA GLU H 43 -24.48 4.27 -32.48
C GLU H 43 -23.29 4.11 -33.41
N CYS H 44 -23.57 3.81 -34.67
CA CYS H 44 -22.58 3.57 -35.74
C CYS H 44 -21.54 2.58 -35.26
N TYR H 45 -21.99 1.46 -34.72
CA TYR H 45 -21.17 0.26 -34.49
C TYR H 45 -20.09 0.58 -33.42
N THR H 46 -20.51 1.36 -32.44
CA THR H 46 -19.72 1.87 -31.29
C THR H 46 -20.14 1.19 -29.99
N VAL H 47 -21.35 0.68 -29.90
CA VAL H 47 -21.90 0.15 -28.63
C VAL H 47 -22.33 -1.29 -28.87
N ALA H 48 -21.89 -2.21 -28.01
CA ALA H 48 -22.34 -3.60 -27.98
C ALA H 48 -23.13 -3.73 -26.68
N SER H 49 -24.34 -4.27 -26.79
CA SER H 49 -25.28 -4.48 -25.66
C SER H 49 -25.90 -5.84 -25.86
N VAL H 50 -26.25 -6.51 -24.77
CA VAL H 50 -27.09 -7.72 -24.78
C VAL H 50 -28.52 -7.30 -25.19
N ALA H 51 -28.94 -7.76 -26.37
CA ALA H 51 -30.32 -7.70 -26.90
C ALA H 51 -31.23 -8.60 -26.08
N GLU H 52 -32.46 -8.12 -25.85
CA GLU H 52 -33.60 -8.82 -25.21
C GLU H 52 -34.03 -10.02 -26.08
N MET H 53 -34.24 -9.80 -27.39
CA MET H 53 -34.66 -10.83 -28.39
C MET H 53 -33.52 -11.05 -29.39
N PRO H 54 -33.38 -12.24 -30.02
CA PRO H 54 -32.36 -12.47 -31.04
C PRO H 54 -32.38 -11.40 -32.16
N GLN H 55 -31.20 -11.02 -32.68
CA GLN H 55 -31.08 -9.97 -33.74
C GLN H 55 -31.29 -10.61 -35.12
N ASN H 56 -31.27 -11.94 -35.19
CA ASN H 56 -31.46 -12.71 -36.45
C ASN H 56 -30.54 -12.15 -37.55
N TYR H 57 -29.23 -12.05 -37.28
CA TYR H 57 -28.19 -11.67 -38.28
C TYR H 57 -28.07 -12.80 -39.32
N ARG H 58 -27.64 -12.48 -40.54
CA ARG H 58 -27.36 -13.47 -41.62
C ARG H 58 -26.25 -14.41 -41.14
N PRO H 59 -26.24 -15.73 -41.50
CA PRO H 59 -25.15 -16.61 -41.12
C PRO H 59 -23.84 -16.14 -41.79
N HIS H 60 -22.71 -16.32 -41.10
CA HIS H 60 -21.38 -15.84 -41.58
C HIS H 60 -20.28 -16.65 -40.89
N PRO H 61 -19.20 -17.06 -41.61
CA PRO H 61 -18.18 -17.92 -40.99
C PRO H 61 -17.58 -17.31 -39.72
N GLN H 62 -17.49 -15.98 -39.67
CA GLN H 62 -16.78 -15.23 -38.60
C GLN H 62 -17.68 -15.01 -37.38
N ARG H 63 -18.94 -15.48 -37.37
CA ARG H 63 -19.94 -15.14 -36.34
C ARG H 63 -19.87 -16.11 -35.16
N PHE H 64 -19.74 -15.57 -33.96
CA PHE H 64 -19.78 -16.34 -32.69
C PHE H 64 -21.16 -16.97 -32.53
N THR H 65 -21.23 -18.29 -32.37
CA THR H 65 -22.50 -19.06 -32.31
C THR H 65 -22.81 -19.51 -30.89
N TYR H 66 -21.87 -19.41 -29.93
CA TYR H 66 -22.07 -19.86 -28.52
C TYR H 66 -21.89 -18.73 -27.50
N CYS H 67 -20.93 -17.82 -27.68
CA CYS H 67 -20.58 -16.75 -26.69
C CYS H 67 -21.04 -15.39 -27.22
N SER H 68 -21.67 -14.58 -26.36
CA SER H 68 -22.09 -13.19 -26.65
C SER H 68 -20.85 -12.30 -26.84
N GLN H 69 -20.14 -12.46 -27.97
CA GLN H 69 -18.91 -11.70 -28.28
C GLN H 69 -19.04 -11.10 -29.67
N VAL H 70 -18.10 -10.23 -30.01
CA VAL H 70 -18.07 -9.41 -31.25
C VAL H 70 -16.65 -8.89 -31.32
N LEU H 71 -16.13 -8.64 -32.52
CA LEU H 71 -14.75 -8.19 -32.78
C LEU H 71 -14.81 -6.80 -33.40
N GLY H 72 -13.68 -6.09 -33.42
CA GLY H 72 -13.56 -4.89 -34.27
C GLY H 72 -13.43 -5.31 -35.71
N LEU H 73 -13.65 -4.38 -36.65
CA LEU H 73 -13.53 -4.61 -38.11
C LEU H 73 -12.08 -4.90 -38.46
N HIS H 74 -11.15 -4.06 -38.04
CA HIS H 74 -9.71 -4.13 -38.43
C HIS H 74 -8.92 -4.90 -37.38
N CYS H 75 -7.88 -5.59 -37.85
CA CYS H 75 -6.84 -6.25 -37.02
C CYS H 75 -5.52 -5.55 -37.31
N TYR H 76 -4.50 -5.83 -36.50
CA TYR H 76 -3.20 -5.09 -36.43
C TYR H 76 -2.08 -6.12 -36.36
N LYS H 77 -1.06 -5.99 -37.21
CA LYS H 77 0.10 -6.93 -37.23
C LYS H 77 1.42 -6.17 -37.09
N LYS H 78 1.35 -4.85 -37.25
CA LYS H 78 2.45 -3.91 -36.93
C LYS H 78 1.92 -2.70 -36.14
N GLY H 79 2.84 -1.81 -35.76
CA GLY H 79 2.56 -0.54 -35.08
C GLY H 79 2.08 -0.71 -33.64
N ILE H 80 1.68 0.42 -33.07
CA ILE H 80 1.21 0.60 -31.68
C ILE H 80 -0.21 1.19 -31.75
N HIS H 81 -1.11 0.65 -30.95
CA HIS H 81 -2.55 0.99 -31.01
C HIS H 81 -3.14 1.02 -29.60
N TYR H 82 -3.85 2.12 -29.30
CA TYR H 82 -4.58 2.39 -28.03
C TYR H 82 -6.08 2.56 -28.33
N TRP H 83 -6.94 1.82 -27.64
CA TRP H 83 -8.38 2.17 -27.65
C TRP H 83 -8.98 2.06 -26.24
N GLU H 84 -10.00 2.88 -25.99
CA GLU H 84 -10.72 2.93 -24.69
C GLU H 84 -12.15 2.36 -24.88
N VAL H 85 -12.60 1.63 -23.87
CA VAL H 85 -13.98 1.06 -23.80
C VAL H 85 -14.63 1.50 -22.49
N GLU H 86 -15.77 2.17 -22.56
CA GLU H 86 -16.55 2.55 -21.36
C GLU H 86 -17.35 1.32 -20.97
N LEU H 87 -17.52 1.02 -19.68
CA LEU H 87 -18.41 -0.10 -19.29
C LEU H 87 -19.34 0.32 -18.15
N GLN H 88 -20.58 -0.21 -18.14
CA GLN H 88 -21.53 -0.06 -17.00
C GLN H 88 -21.01 -0.93 -15.84
N LYS H 89 -20.91 -0.37 -14.64
CA LYS H 89 -20.25 -1.06 -13.49
C LYS H 89 -21.17 -2.18 -13.01
N ASN H 90 -20.58 -3.19 -12.34
CA ASN H 90 -21.26 -4.41 -11.79
C ASN H 90 -22.17 -4.99 -12.89
N ASN H 91 -21.55 -5.29 -14.03
CA ASN H 91 -22.11 -6.12 -15.13
C ASN H 91 -21.06 -7.16 -15.50
N PHE H 92 -21.48 -8.26 -16.15
CA PHE H 92 -20.61 -9.32 -16.72
C PHE H 92 -20.19 -8.86 -18.12
N CYS H 93 -18.88 -8.71 -18.33
CA CYS H 93 -18.31 -8.23 -19.61
C CYS H 93 -16.79 -8.44 -19.62
N GLY H 94 -16.24 -8.50 -20.83
CA GLY H 94 -14.80 -8.67 -21.10
C GLY H 94 -14.35 -7.80 -22.26
N VAL H 95 -13.08 -7.45 -22.25
CA VAL H 95 -12.38 -6.59 -23.24
C VAL H 95 -11.02 -7.24 -23.45
N GLY H 96 -10.63 -7.45 -24.71
CA GLY H 96 -9.45 -8.25 -25.03
C GLY H 96 -9.05 -8.13 -26.48
N ILE H 97 -8.25 -9.09 -26.93
CA ILE H 97 -7.71 -9.21 -28.30
C ILE H 97 -7.64 -10.71 -28.66
N CYS H 98 -7.88 -11.01 -29.92
CA CYS H 98 -7.78 -12.40 -30.43
C CYS H 98 -7.26 -12.36 -31.87
N TYR H 99 -6.55 -13.43 -32.22
CA TYR H 99 -6.22 -13.88 -33.60
C TYR H 99 -7.50 -14.07 -34.44
N GLY H 100 -7.47 -13.67 -35.71
CA GLY H 100 -8.46 -14.10 -36.72
C GLY H 100 -8.72 -15.61 -36.69
N SER H 101 -7.71 -16.43 -36.48
CA SER H 101 -7.84 -17.90 -36.56
C SER H 101 -8.72 -18.43 -35.42
N MET H 102 -9.13 -17.59 -34.46
CA MET H 102 -9.83 -18.11 -33.24
C MET H 102 -11.16 -18.76 -33.66
N ASN H 103 -11.39 -19.98 -33.21
CA ASN H 103 -12.62 -20.75 -33.50
C ASN H 103 -13.79 -19.99 -32.86
N ARG H 104 -14.95 -19.98 -33.53
CA ARG H 104 -16.10 -19.13 -33.15
C ARG H 104 -17.22 -19.98 -32.53
N GLN H 105 -17.02 -21.29 -32.39
CA GLN H 105 -18.05 -22.16 -31.79
C GLN H 105 -17.58 -22.59 -30.39
N GLY H 106 -18.55 -22.92 -29.54
CA GLY H 106 -18.32 -23.69 -28.31
C GLY H 106 -17.91 -22.78 -27.16
N PRO H 107 -18.00 -23.28 -25.90
CA PRO H 107 -17.50 -22.54 -24.74
C PRO H 107 -16.00 -22.25 -24.82
N GLU H 108 -15.26 -23.00 -25.65
CA GLU H 108 -13.79 -22.82 -25.87
C GLU H 108 -13.57 -21.53 -26.68
N SER H 109 -14.62 -20.93 -27.24
CA SER H 109 -14.57 -19.65 -28.02
C SER H 109 -14.56 -18.45 -27.07
N ARG H 110 -14.87 -18.66 -25.78
CA ARG H 110 -14.91 -17.57 -24.78
C ARG H 110 -13.53 -16.90 -24.70
N LEU H 111 -13.49 -15.57 -24.72
CA LEU H 111 -12.23 -14.78 -24.70
C LEU H 111 -11.33 -15.27 -23.57
N GLY H 112 -10.05 -15.50 -23.85
CA GLY H 112 -9.06 -15.95 -22.86
C GLY H 112 -9.23 -17.40 -22.39
N ARG H 113 -10.25 -18.15 -22.84
CA ARG H 113 -10.41 -19.60 -22.51
C ARG H 113 -9.61 -20.47 -23.51
N ASN H 114 -8.93 -19.84 -24.47
CA ASN H 114 -8.19 -20.53 -25.54
C ASN H 114 -6.90 -19.75 -25.74
N SER H 115 -6.04 -20.23 -26.62
CA SER H 115 -4.66 -19.70 -26.79
C SER H 115 -4.67 -18.61 -27.87
N ALA H 116 -5.82 -18.27 -28.43
CA ALA H 116 -5.90 -17.31 -29.55
C ALA H 116 -6.33 -15.95 -29.01
N SER H 117 -6.67 -15.88 -27.72
CA SER H 117 -7.32 -14.71 -27.12
C SER H 117 -6.74 -14.40 -25.73
N TRP H 118 -6.59 -13.10 -25.47
CA TRP H 118 -6.19 -12.49 -24.18
C TRP H 118 -7.24 -11.47 -23.80
N CYS H 119 -7.71 -11.52 -22.56
CA CYS H 119 -8.73 -10.58 -22.12
C CYS H 119 -8.62 -10.29 -20.63
N VAL H 120 -9.40 -9.29 -20.26
CA VAL H 120 -9.69 -8.87 -18.88
C VAL H 120 -11.21 -8.96 -18.77
N GLU H 121 -11.70 -9.44 -17.64
CA GLU H 121 -13.10 -9.87 -17.51
C GLU H 121 -13.69 -9.38 -16.18
N TRP H 122 -14.88 -8.80 -16.23
CA TRP H 122 -15.63 -8.33 -15.04
C TRP H 122 -16.71 -9.36 -14.73
N PHE H 123 -16.74 -9.87 -13.50
CA PHE H 123 -17.55 -11.04 -13.07
C PHE H 123 -17.99 -10.83 -11.61
N ASN H 124 -19.30 -10.75 -11.36
CA ASN H 124 -19.88 -10.11 -10.14
C ASN H 124 -19.31 -8.68 -10.12
N THR H 125 -18.33 -8.47 -9.24
CA THR H 125 -17.47 -7.27 -9.05
C THR H 125 -16.00 -7.65 -9.17
N LYS H 126 -15.70 -8.94 -9.38
CA LYS H 126 -14.32 -9.52 -9.39
C LYS H 126 -13.74 -9.39 -10.80
N ILE H 127 -12.44 -9.10 -10.93
CA ILE H 127 -11.76 -8.84 -12.23
C ILE H 127 -10.70 -9.90 -12.42
N SER H 128 -10.69 -10.56 -13.58
CA SER H 128 -9.71 -11.59 -13.98
C SER H 128 -9.06 -11.19 -15.28
N ALA H 129 -7.81 -11.59 -15.45
CA ALA H 129 -7.09 -11.66 -16.73
C ALA H 129 -7.09 -13.15 -17.11
N TRP H 130 -7.33 -13.41 -18.39
CA TRP H 130 -7.49 -14.78 -18.92
C TRP H 130 -6.66 -14.91 -20.17
N HIS H 131 -5.91 -16.01 -20.24
CA HIS H 131 -5.31 -16.55 -21.49
C HIS H 131 -5.19 -18.06 -21.34
N ASN H 132 -5.54 -18.78 -22.41
CA ASN H 132 -5.26 -20.22 -22.56
C ASN H 132 -5.89 -20.94 -21.36
N ASN H 133 -7.08 -20.49 -20.99
CA ASN H 133 -7.92 -21.12 -19.95
C ASN H 133 -7.21 -21.06 -18.58
N VAL H 134 -6.28 -20.12 -18.39
CA VAL H 134 -5.63 -19.80 -17.08
C VAL H 134 -6.11 -18.42 -16.60
N GLU H 135 -6.75 -18.40 -15.42
CA GLU H 135 -7.25 -17.18 -14.73
C GLU H 135 -6.10 -16.59 -13.89
N LYS H 136 -5.94 -15.27 -13.96
CA LYS H 136 -5.16 -14.49 -12.98
C LYS H 136 -6.08 -13.45 -12.33
N THR H 137 -6.43 -13.70 -11.07
CA THR H 137 -7.14 -12.82 -10.10
C THR H 137 -6.51 -11.43 -10.13
N LEU H 138 -7.31 -10.35 -10.20
CA LEU H 138 -6.82 -8.93 -10.22
C LEU H 138 -7.44 -8.08 -9.12
N PRO H 139 -6.70 -7.08 -8.60
CA PRO H 139 -7.28 -6.08 -7.69
C PRO H 139 -8.55 -5.48 -8.31
N SER H 140 -9.60 -5.35 -7.51
CA SER H 140 -10.79 -4.54 -7.87
C SER H 140 -10.39 -3.08 -8.11
N THR H 141 -11.18 -2.36 -8.92
CA THR H 141 -10.99 -0.91 -9.25
C THR H 141 -12.38 -0.30 -9.44
N LYS H 142 -12.56 0.95 -9.05
CA LYS H 142 -13.87 1.64 -9.25
C LYS H 142 -13.97 2.10 -10.71
N ALA H 143 -12.82 2.18 -11.41
CA ALA H 143 -12.72 2.66 -12.80
C ALA H 143 -13.80 1.98 -13.66
N THR H 144 -14.47 2.73 -14.52
CA THR H 144 -15.47 2.21 -15.47
C THR H 144 -14.99 2.40 -16.90
N ARG H 145 -13.69 2.50 -17.10
CA ARG H 145 -13.09 2.59 -18.45
C ARG H 145 -11.82 1.73 -18.47
N VAL H 146 -11.66 0.89 -19.48
CA VAL H 146 -10.39 0.15 -19.69
C VAL H 146 -9.73 0.71 -20.95
N GLY H 147 -8.42 0.88 -20.89
CA GLY H 147 -7.57 1.24 -22.04
C GLY H 147 -6.72 0.04 -22.41
N VAL H 148 -6.82 -0.43 -23.64
CA VAL H 148 -6.03 -1.56 -24.17
C VAL H 148 -4.90 -0.91 -24.97
N LEU H 149 -3.66 -1.14 -24.59
CA LEU H 149 -2.56 -0.77 -25.49
C LEU H 149 -1.91 -2.03 -26.09
N LEU H 150 -1.84 -2.05 -27.42
CA LEU H 150 -1.36 -3.20 -28.23
C LEU H 150 -0.10 -2.74 -28.98
N ASN H 151 1.01 -3.37 -28.66
CA ASN H 151 2.32 -3.08 -29.28
C ASN H 151 2.71 -4.30 -30.10
N CYS H 152 2.54 -4.18 -31.43
CA CYS H 152 2.78 -5.26 -32.40
C CYS H 152 4.21 -5.20 -32.94
N ASP H 153 5.02 -4.24 -32.49
CA ASP H 153 6.47 -4.20 -32.86
C ASP H 153 7.28 -4.96 -31.80
N HIS H 154 6.89 -4.89 -30.53
CA HIS H 154 7.69 -5.46 -29.41
C HIS H 154 6.84 -6.41 -28.55
N GLY H 155 5.68 -6.87 -29.03
CA GLY H 155 5.12 -8.15 -28.55
C GLY H 155 4.54 -8.02 -27.15
N PHE H 156 3.61 -7.09 -26.95
CA PHE H 156 2.82 -7.07 -25.71
C PHE H 156 1.54 -6.25 -25.85
N VAL H 157 0.65 -6.53 -24.90
CA VAL H 157 -0.68 -5.93 -24.70
C VAL H 157 -0.71 -5.55 -23.21
N ILE H 158 -1.11 -4.31 -22.95
CA ILE H 158 -1.35 -3.78 -21.58
C ILE H 158 -2.81 -3.39 -21.47
N PHE H 159 -3.44 -3.81 -20.38
CA PHE H 159 -4.83 -3.44 -20.04
C PHE H 159 -4.74 -2.43 -18.90
N PHE H 160 -5.10 -1.18 -19.19
CA PHE H 160 -5.18 -0.07 -18.20
C PHE H 160 -6.61 0.08 -17.67
N ALA H 161 -6.72 0.42 -16.39
CA ALA H 161 -7.94 0.99 -15.79
C ALA H 161 -7.77 2.50 -15.88
N VAL H 162 -8.72 3.18 -16.51
CA VAL H 162 -8.67 4.64 -16.82
C VAL H 162 -9.67 5.33 -15.90
N ALA H 163 -9.14 6.06 -14.93
CA ALA H 163 -9.87 6.99 -14.05
C ALA H 163 -9.16 8.35 -14.14
N ASP H 164 -8.97 9.03 -13.02
CA ASP H 164 -8.35 10.38 -13.02
C ASP H 164 -6.95 10.20 -13.59
N LYS H 165 -6.25 9.19 -13.10
CA LYS H 165 -5.02 8.67 -13.71
C LYS H 165 -5.33 7.28 -14.27
N VAL H 166 -4.32 6.67 -14.87
CA VAL H 166 -4.31 5.33 -15.51
C VAL H 166 -3.59 4.36 -14.56
N HIS H 167 -4.07 3.13 -14.42
CA HIS H 167 -3.50 2.08 -13.54
C HIS H 167 -3.36 0.77 -14.32
N LEU H 168 -2.20 0.13 -14.23
CA LEU H 168 -2.04 -1.25 -14.77
C LEU H 168 -3.14 -2.14 -14.18
N MET H 169 -3.83 -2.93 -15.00
CA MET H 169 -4.68 -4.06 -14.58
C MET H 169 -3.88 -5.35 -14.78
N TYR H 170 -3.27 -5.53 -15.96
CA TYR H 170 -2.46 -6.71 -16.32
C TYR H 170 -1.83 -6.46 -17.69
N LYS H 171 -0.75 -7.15 -17.99
CA LYS H 171 -0.06 -7.10 -19.29
C LYS H 171 0.17 -8.55 -19.73
N PHE H 172 0.49 -8.80 -20.99
CA PHE H 172 0.98 -10.11 -21.50
C PHE H 172 2.10 -9.81 -22.50
N ARG H 173 3.30 -10.36 -22.28
CA ARG H 173 4.39 -10.39 -23.29
C ARG H 173 4.08 -11.53 -24.25
N VAL H 174 4.03 -11.28 -25.56
CA VAL H 174 3.89 -12.40 -26.54
C VAL H 174 4.37 -11.96 -27.93
N ASP H 175 5.15 -12.84 -28.56
CA ASP H 175 5.57 -12.75 -29.98
C ASP H 175 4.39 -13.25 -30.81
N PHE H 176 3.47 -12.32 -31.12
CA PHE H 176 2.21 -12.53 -31.87
C PHE H 176 2.52 -13.22 -33.21
N THR H 177 1.79 -14.31 -33.50
CA THR H 177 2.00 -15.20 -34.68
C THR H 177 1.12 -14.75 -35.86
N GLU H 178 0.12 -13.88 -35.62
CA GLU H 178 -0.73 -13.23 -36.68
C GLU H 178 -1.40 -11.98 -36.08
N ALA H 179 -2.22 -11.29 -36.87
CA ALA H 179 -2.86 -10.00 -36.54
C ALA H 179 -3.84 -10.19 -35.36
N LEU H 180 -3.97 -9.13 -34.56
CA LEU H 180 -4.88 -9.05 -33.40
C LEU H 180 -6.11 -8.22 -33.80
N TYR H 181 -7.29 -8.74 -33.50
CA TYR H 181 -8.57 -8.00 -33.56
C TYR H 181 -8.93 -7.56 -32.15
N PRO H 182 -9.41 -6.32 -31.95
CA PRO H 182 -10.09 -5.98 -30.71
C PRO H 182 -11.24 -6.96 -30.51
N ALA H 183 -11.46 -7.43 -29.28
CA ALA H 183 -12.51 -8.39 -28.91
C ALA H 183 -13.30 -7.86 -27.71
N PHE H 184 -14.59 -8.23 -27.65
CA PHE H 184 -15.57 -7.75 -26.64
C PHE H 184 -16.52 -8.90 -26.26
N TRP H 185 -16.87 -8.97 -24.99
CA TRP H 185 -17.84 -9.95 -24.41
C TRP H 185 -18.78 -9.13 -23.52
N VAL H 186 -20.09 -9.29 -23.71
CA VAL H 186 -21.16 -8.79 -22.78
C VAL H 186 -22.10 -9.95 -22.53
N PHE H 187 -22.33 -10.37 -21.29
CA PHE H 187 -23.30 -11.43 -20.96
C PHE H 187 -24.05 -11.15 -19.67
N SER H 188 -24.91 -10.13 -19.67
CA SER H 188 -25.93 -9.89 -18.63
C SER H 188 -26.98 -8.94 -19.21
N ALA H 189 -28.20 -8.97 -18.69
CA ALA H 189 -29.38 -8.34 -19.33
C ALA H 189 -29.07 -6.91 -19.81
N GLY H 190 -28.50 -6.06 -18.96
CA GLY H 190 -28.17 -4.68 -19.36
C GLY H 190 -26.68 -4.43 -19.49
N ALA H 191 -25.90 -5.45 -19.83
CA ALA H 191 -24.43 -5.32 -19.98
C ALA H 191 -24.15 -4.61 -21.30
N THR H 192 -23.32 -3.56 -21.28
CA THR H 192 -22.95 -2.81 -22.51
C THR H 192 -21.49 -2.37 -22.42
N LEU H 193 -20.84 -2.35 -23.57
CA LEU H 193 -19.49 -1.80 -23.82
C LEU H 193 -19.64 -0.73 -24.89
N SER H 194 -18.94 0.38 -24.71
CA SER H 194 -18.97 1.58 -25.56
C SER H 194 -17.53 1.87 -25.96
N ILE H 195 -17.30 2.09 -27.25
CA ILE H 195 -15.99 2.55 -27.75
C ILE H 195 -15.96 4.07 -27.67
N CYS H 196 -15.11 4.56 -26.78
CA CYS H 196 -14.89 6.00 -26.56
C CYS H 196 -14.32 6.60 -27.86
N SER H 197 -14.75 7.82 -28.20
CA SER H 197 -13.98 8.82 -28.99
C SER H 197 -13.58 9.92 -28.04
N PRO H 198 -12.42 9.77 -27.38
CA PRO H 198 -11.97 10.71 -26.35
C PRO H 198 -12.08 12.16 -26.82
N LYS H 199 -12.71 13.00 -26.00
CA LYS H 199 -12.96 14.42 -26.30
C LYS H 199 -11.66 15.21 -26.16
N TYR H 200 -10.69 14.61 -25.49
CA TYR H 200 -9.30 15.08 -25.32
C TYR H 200 -8.73 15.37 -26.72
N LEU H 201 -9.05 14.50 -27.67
CA LEU H 201 -8.60 14.64 -29.08
C LEU H 201 -9.59 15.51 -29.87
N GLU H 202 -9.14 15.99 -31.03
CA GLU H 202 -9.84 17.04 -31.82
C GLU H 202 -10.98 16.38 -32.61
N HIS H 203 -12.06 17.13 -32.83
CA HIS H 203 -13.28 16.68 -33.54
C HIS H 203 -13.66 17.67 -34.64
N LYS I 6 -28.09 17.31 25.28
CA LYS I 6 -26.92 18.06 24.70
C LYS I 6 -26.67 17.55 23.27
N ALA I 7 -25.70 18.12 22.55
CA ALA I 7 -25.23 17.64 21.22
C ALA I 7 -24.29 16.44 21.39
N LYS I 8 -24.39 15.70 22.50
CA LYS I 8 -23.63 14.46 22.80
C LYS I 8 -24.37 13.25 22.21
N VAL I 9 -25.70 13.32 22.12
CA VAL I 9 -26.51 12.33 21.36
C VAL I 9 -26.11 12.42 19.88
N LEU I 10 -25.98 13.64 19.32
CA LEU I 10 -25.60 13.90 17.91
C LEU I 10 -24.20 13.29 17.63
N GLU I 11 -23.22 13.47 18.52
CA GLU I 11 -21.84 12.91 18.36
C GLU I 11 -21.89 11.38 18.41
N THR I 12 -22.82 10.82 19.18
CA THR I 12 -23.03 9.36 19.29
C THR I 12 -23.57 8.84 17.96
N PHE I 13 -24.57 9.50 17.38
CA PHE I 13 -25.22 9.03 16.13
C PHE I 13 -24.29 9.22 14.95
N LEU I 14 -23.45 10.27 14.95
CA LEU I 14 -22.49 10.58 13.87
C LEU I 14 -21.43 9.48 13.78
N ALA I 15 -21.07 8.82 14.89
CA ALA I 15 -19.97 7.83 14.97
C ALA I 15 -20.51 6.39 14.85
N LYS I 16 -21.84 6.23 14.77
CA LYS I 16 -22.52 4.91 14.67
C LYS I 16 -22.12 4.28 13.33
N SER I 17 -21.87 2.96 13.31
CA SER I 17 -21.62 2.15 12.08
C SER I 17 -22.97 1.71 11.47
N ARG I 18 -22.96 1.12 10.27
CA ARG I 18 -24.18 0.52 9.65
C ARG I 18 -24.91 -0.31 10.69
N PRO I 19 -24.26 -1.35 11.23
CA PRO I 19 -24.94 -2.29 12.13
C PRO I 19 -25.62 -1.51 13.26
N GLU I 20 -24.97 -0.50 13.83
CA GLU I 20 -25.59 0.28 14.92
C GLU I 20 -26.80 1.06 14.36
N LEU I 21 -26.69 1.64 13.16
CA LEU I 21 -27.76 2.50 12.56
C LEU I 21 -29.01 1.65 12.29
N LEU I 22 -28.81 0.42 11.77
CA LEU I 22 -29.90 -0.48 11.33
C LEU I 22 -30.87 -0.78 12.49
N GLU I 23 -30.41 -0.66 13.73
CA GLU I 23 -31.26 -0.79 14.94
C GLU I 23 -32.56 0.01 14.74
N TYR I 24 -32.51 1.12 14.00
CA TYR I 24 -33.65 2.04 13.84
C TYR I 24 -34.28 1.92 12.46
N TYR I 25 -33.95 0.90 11.70
CA TYR I 25 -34.54 0.65 10.36
C TYR I 25 -36.08 0.69 10.42
N ILE I 26 -36.69 1.21 9.36
CA ILE I 26 -38.16 1.17 9.09
C ILE I 26 -38.39 0.99 7.58
N LYS I 27 -39.38 0.16 7.25
CA LYS I 27 -39.84 -0.05 5.86
C LYS I 27 -40.45 1.27 5.42
N VAL I 28 -39.98 1.85 4.32
CA VAL I 28 -40.64 3.04 3.73
C VAL I 28 -41.28 2.56 2.44
N ILE I 29 -42.49 3.04 2.18
CA ILE I 29 -43.31 2.68 0.99
C ILE I 29 -43.61 3.97 0.23
N LEU I 30 -43.50 3.95 -1.10
CA LEU I 30 -43.76 5.13 -1.95
C LEU I 30 -45.27 5.31 -2.12
N ASP I 31 -45.77 6.50 -1.78
CA ASP I 31 -47.20 6.92 -1.83
C ASP I 31 -47.57 7.28 -3.28
N TYR I 32 -48.31 6.40 -3.97
CA TYR I 32 -48.73 6.56 -5.40
C TYR I 32 -49.67 7.77 -5.55
N ASN I 33 -50.15 8.37 -4.45
CA ASN I 33 -51.01 9.58 -4.45
C ASN I 33 -50.16 10.86 -4.35
N THR I 34 -48.83 10.76 -4.38
CA THR I 34 -47.92 11.92 -4.29
C THR I 34 -47.02 11.99 -5.53
N ALA I 35 -47.03 10.96 -6.38
CA ALA I 35 -46.06 10.82 -7.49
C ALA I 35 -46.42 11.78 -8.64
N HIS I 36 -45.48 12.65 -9.05
CA HIS I 36 -45.53 13.42 -10.32
C HIS I 36 -45.85 12.44 -11.46
N ASN I 37 -46.46 12.93 -12.53
CA ASN I 37 -46.99 12.05 -13.61
C ASN I 37 -45.84 11.37 -14.40
N LYS I 38 -44.59 11.81 -14.25
CA LYS I 38 -43.44 11.26 -15.02
C LYS I 38 -42.60 10.34 -14.13
N VAL I 39 -43.09 10.05 -12.92
CA VAL I 39 -42.43 9.20 -11.88
C VAL I 39 -43.18 7.86 -11.81
N ALA I 40 -42.54 6.78 -12.28
CA ALA I 40 -43.11 5.41 -12.38
C ALA I 40 -42.72 4.55 -11.16
N LEU I 41 -43.72 4.10 -10.40
CA LEU I 41 -43.56 3.24 -9.20
C LEU I 41 -43.51 1.77 -9.64
N SER I 42 -42.72 0.96 -8.94
CA SER I 42 -42.55 -0.49 -9.23
C SER I 42 -41.97 -1.23 -8.02
N GLU I 43 -41.87 -2.56 -8.15
CA GLU I 43 -41.44 -3.52 -7.10
C GLU I 43 -42.13 -3.19 -5.77
N CYS I 44 -43.46 -3.19 -5.76
CA CYS I 44 -44.31 -2.97 -4.57
C CYS I 44 -44.04 -1.61 -3.93
N TYR I 45 -44.08 -0.54 -4.71
CA TYR I 45 -43.99 0.86 -4.21
C TYR I 45 -42.66 1.03 -3.49
N THR I 46 -41.60 0.45 -4.08
CA THR I 46 -40.20 0.39 -3.58
C THR I 46 -39.24 1.16 -4.50
N VAL I 47 -39.45 1.08 -5.81
CA VAL I 47 -38.62 1.80 -6.83
C VAL I 47 -39.41 2.98 -7.40
N ALA I 48 -38.71 4.09 -7.58
CA ALA I 48 -39.20 5.29 -8.29
C ALA I 48 -38.25 5.51 -9.45
N SER I 49 -38.76 5.47 -10.68
CA SER I 49 -38.01 5.71 -11.93
C SER I 49 -38.69 6.84 -12.72
N VAL I 50 -37.94 7.58 -13.54
CA VAL I 50 -38.52 8.49 -14.57
C VAL I 50 -39.13 7.62 -15.66
N ALA I 51 -40.43 7.80 -15.94
CA ALA I 51 -41.21 7.03 -16.95
C ALA I 51 -40.93 7.60 -18.34
N GLU I 52 -41.21 6.84 -19.40
CA GLU I 52 -41.10 7.36 -20.80
C GLU I 52 -42.34 8.22 -21.09
N MET I 53 -43.54 7.63 -20.95
CA MET I 53 -44.85 8.28 -21.19
C MET I 53 -45.47 8.65 -19.84
N PRO I 54 -46.37 9.67 -19.76
CA PRO I 54 -47.13 9.92 -18.54
C PRO I 54 -47.94 8.67 -18.10
N GLN I 55 -48.12 8.50 -16.79
CA GLN I 55 -48.66 7.27 -16.14
C GLN I 55 -50.19 7.31 -16.10
N ASN I 56 -50.77 8.51 -16.05
CA ASN I 56 -52.23 8.70 -15.94
C ASN I 56 -52.65 8.24 -14.55
N TYR I 57 -52.04 8.82 -13.51
CA TYR I 57 -52.55 8.85 -12.12
C TYR I 57 -53.79 9.74 -12.13
N ARG I 58 -54.63 9.63 -11.10
CA ARG I 58 -55.72 10.61 -10.85
C ARG I 58 -55.07 11.92 -10.43
N PRO I 59 -55.69 13.10 -10.67
CA PRO I 59 -55.32 14.30 -9.93
C PRO I 59 -55.64 14.11 -8.43
N HIS I 60 -54.89 14.79 -7.56
CA HIS I 60 -55.11 14.88 -6.09
C HIS I 60 -54.59 16.22 -5.60
N PRO I 61 -54.90 16.66 -4.36
CA PRO I 61 -54.22 17.79 -3.75
C PRO I 61 -52.79 17.46 -3.27
N GLN I 62 -52.59 16.23 -2.79
CA GLN I 62 -51.31 15.68 -2.26
C GLN I 62 -50.23 15.64 -3.37
N ARG I 63 -50.63 15.55 -4.64
CA ARG I 63 -49.76 15.14 -5.77
C ARG I 63 -48.90 16.31 -6.28
N PHE I 64 -47.62 16.02 -6.55
CA PHE I 64 -46.64 16.96 -7.17
C PHE I 64 -47.00 17.21 -8.64
N THR I 65 -46.97 18.49 -9.02
CA THR I 65 -47.52 19.03 -10.28
C THR I 65 -46.37 19.36 -11.24
N TYR I 66 -45.28 19.95 -10.73
CA TYR I 66 -44.13 20.52 -11.50
C TYR I 66 -42.86 19.65 -11.34
N CYS I 67 -42.41 19.36 -10.11
CA CYS I 67 -41.17 18.58 -9.81
C CYS I 67 -41.44 17.06 -9.90
N SER I 68 -40.49 16.26 -10.41
CA SER I 68 -40.57 14.78 -10.46
C SER I 68 -40.24 14.20 -9.07
N GLN I 69 -41.23 14.23 -8.17
CA GLN I 69 -41.04 13.90 -6.74
C GLN I 69 -42.14 12.91 -6.28
N VAL I 70 -41.89 12.23 -5.15
CA VAL I 70 -42.81 11.25 -4.50
C VAL I 70 -42.47 11.23 -3.03
N LEU I 71 -43.49 11.06 -2.16
CA LEU I 71 -43.30 10.92 -0.70
C LEU I 71 -43.44 9.44 -0.33
N GLY I 72 -42.95 9.08 0.86
CA GLY I 72 -43.34 7.85 1.56
C GLY I 72 -44.74 7.99 2.16
N LEU I 73 -45.44 6.87 2.39
CA LEU I 73 -46.80 6.84 3.00
C LEU I 73 -46.80 7.48 4.39
N HIS I 74 -45.90 7.06 5.29
CA HIS I 74 -45.99 7.37 6.74
C HIS I 74 -45.00 8.51 7.10
N CYS I 75 -45.37 9.37 8.04
CA CYS I 75 -44.51 10.47 8.57
C CYS I 75 -44.20 10.24 10.06
N TYR I 76 -43.29 11.01 10.65
CA TYR I 76 -42.67 10.67 11.95
C TYR I 76 -42.48 11.95 12.77
N LYS I 77 -43.00 11.98 14.01
CA LYS I 77 -42.89 13.15 14.96
C LYS I 77 -42.17 12.74 16.25
N LYS I 78 -42.09 11.45 16.55
CA LYS I 78 -41.36 10.91 17.73
C LYS I 78 -40.43 9.74 17.32
N GLY I 79 -39.38 9.52 18.11
CA GLY I 79 -38.49 8.37 17.97
C GLY I 79 -37.43 8.54 16.89
N ILE I 80 -36.82 7.43 16.48
CA ILE I 80 -35.57 7.39 15.67
C ILE I 80 -35.78 6.42 14.53
N HIS I 81 -35.52 6.86 13.31
CA HIS I 81 -35.91 6.13 12.08
C HIS I 81 -34.72 6.17 11.10
N TYR I 82 -34.45 5.07 10.41
CA TYR I 82 -33.30 4.94 9.47
C TYR I 82 -33.79 4.22 8.23
N TRP I 83 -33.54 4.77 7.04
CA TRP I 83 -33.83 4.05 5.78
C TRP I 83 -32.68 4.26 4.80
N GLU I 84 -32.58 3.38 3.82
CA GLU I 84 -31.47 3.36 2.87
C GLU I 84 -32.07 3.41 1.48
N VAL I 85 -31.57 4.32 0.64
CA VAL I 85 -31.99 4.43 -0.78
C VAL I 85 -30.77 4.10 -1.64
N GLU I 86 -30.96 3.22 -2.62
CA GLU I 86 -29.95 2.87 -3.64
C GLU I 86 -30.21 3.77 -4.85
N LEU I 87 -29.18 4.37 -5.45
CA LEU I 87 -29.35 5.17 -6.69
C LEU I 87 -28.44 4.64 -7.81
N GLN I 88 -28.90 4.81 -9.06
CA GLN I 88 -28.12 4.70 -10.32
C GLN I 88 -27.07 5.83 -10.29
N LYS I 89 -25.88 5.57 -10.84
CA LYS I 89 -24.63 6.27 -10.47
C LYS I 89 -24.61 7.70 -11.02
N ASN I 90 -24.85 7.85 -12.33
CA ASN I 90 -24.60 9.12 -13.06
C ASN I 90 -25.94 9.75 -13.44
N ASN I 91 -26.76 10.12 -12.45
CA ASN I 91 -28.13 10.62 -12.74
C ASN I 91 -28.47 11.78 -11.81
N PHE I 92 -29.56 12.48 -12.14
CA PHE I 92 -30.13 13.60 -11.38
C PHE I 92 -31.19 13.03 -10.41
N CYS I 93 -30.89 13.05 -9.11
CA CYS I 93 -31.85 12.56 -8.09
C CYS I 93 -31.62 13.21 -6.73
N GLY I 94 -32.62 13.12 -5.88
CA GLY I 94 -32.56 13.70 -4.54
C GLY I 94 -33.24 12.79 -3.55
N VAL I 95 -32.75 12.78 -2.31
CA VAL I 95 -33.25 11.92 -1.21
C VAL I 95 -33.36 12.84 0.00
N GLY I 96 -34.51 12.89 0.67
CA GLY I 96 -34.61 13.75 1.87
C GLY I 96 -35.90 13.57 2.67
N ILE I 97 -36.23 14.61 3.42
CA ILE I 97 -37.42 14.72 4.29
C ILE I 97 -38.11 16.06 4.05
N CYS I 98 -39.44 16.06 4.07
CA CYS I 98 -40.26 17.29 4.01
C CYS I 98 -41.45 17.19 4.98
N TYR I 99 -41.81 18.30 5.63
CA TYR I 99 -43.08 18.48 6.37
C TYR I 99 -44.24 18.11 5.44
N GLY I 100 -45.38 17.67 5.96
CA GLY I 100 -46.56 17.37 5.13
C GLY I 100 -47.05 18.62 4.42
N SER I 101 -46.80 19.79 5.03
CA SER I 101 -47.31 21.11 4.59
C SER I 101 -46.56 21.59 3.33
N MET I 102 -45.33 21.12 3.08
CA MET I 102 -44.53 21.51 1.87
C MET I 102 -45.47 21.55 0.66
N ASN I 103 -45.45 22.66 -0.06
CA ASN I 103 -46.19 22.89 -1.34
C ASN I 103 -45.84 21.77 -2.34
N ARG I 104 -46.81 21.35 -3.14
CA ARG I 104 -46.64 20.29 -4.17
C ARG I 104 -46.51 20.93 -5.57
N GLN I 105 -46.75 22.25 -5.66
CA GLN I 105 -47.04 22.98 -6.92
C GLN I 105 -45.95 24.00 -7.23
N GLY I 106 -45.64 24.20 -8.50
CA GLY I 106 -44.69 25.22 -8.95
C GLY I 106 -43.28 24.93 -8.43
N PRO I 107 -42.27 25.70 -8.86
CA PRO I 107 -40.86 25.35 -8.63
C PRO I 107 -40.32 25.52 -7.19
N GLU I 108 -41.08 26.13 -6.28
CA GLU I 108 -40.68 26.21 -4.84
C GLU I 108 -40.82 24.80 -4.22
N SER I 109 -41.60 23.91 -4.86
CA SER I 109 -41.92 22.53 -4.42
C SER I 109 -40.69 21.61 -4.44
N ARG I 110 -39.65 21.92 -5.23
CA ARG I 110 -38.40 21.12 -5.35
C ARG I 110 -37.75 20.99 -3.95
N LEU I 111 -37.41 19.75 -3.54
CA LEU I 111 -36.73 19.41 -2.26
C LEU I 111 -35.60 20.38 -1.97
N GLY I 112 -35.60 20.97 -0.79
CA GLY I 112 -34.46 21.76 -0.28
C GLY I 112 -34.49 23.20 -0.77
N ARG I 113 -35.42 23.54 -1.67
CA ARG I 113 -35.58 24.92 -2.21
C ARG I 113 -36.47 25.75 -1.27
N ASN I 114 -37.17 25.09 -0.33
CA ASN I 114 -38.12 25.72 0.63
C ASN I 114 -37.67 25.37 2.05
N SER I 115 -38.38 25.85 3.09
CA SER I 115 -38.06 25.72 4.53
C SER I 115 -38.76 24.50 5.16
N ALA I 116 -39.59 23.78 4.38
CA ALA I 116 -40.28 22.53 4.76
C ALA I 116 -39.44 21.28 4.41
N SER I 117 -38.26 21.43 3.78
CA SER I 117 -37.48 20.26 3.26
C SER I 117 -36.01 20.44 3.57
N TRP I 118 -35.37 19.29 3.79
CA TRP I 118 -33.91 19.10 3.86
C TRP I 118 -33.63 17.90 2.97
N CYS I 119 -32.64 17.99 2.07
CA CYS I 119 -32.31 16.86 1.16
C CYS I 119 -30.84 16.89 0.76
N VAL I 120 -30.46 15.85 0.03
CA VAL I 120 -29.11 15.68 -0.54
C VAL I 120 -29.38 15.40 -2.02
N GLU I 121 -28.69 16.11 -2.90
CA GLU I 121 -29.02 16.15 -4.34
C GLU I 121 -27.76 15.84 -5.11
N TRP I 122 -27.93 15.03 -6.17
CA TRP I 122 -26.90 14.52 -7.10
C TRP I 122 -27.11 15.22 -8.45
N PHE I 123 -26.25 16.19 -8.76
CA PHE I 123 -26.29 17.02 -10.00
C PHE I 123 -25.24 16.44 -10.96
N ASN I 124 -25.62 15.34 -11.63
CA ASN I 124 -24.71 14.29 -12.19
C ASN I 124 -23.57 14.04 -11.18
N THR I 125 -22.39 14.65 -11.35
CA THR I 125 -21.16 14.30 -10.60
C THR I 125 -21.05 15.09 -9.30
N LYS I 126 -21.77 16.21 -9.16
CA LYS I 126 -21.63 17.11 -7.97
C LYS I 126 -22.76 16.77 -6.99
N ILE I 127 -22.45 16.77 -5.69
CA ILE I 127 -23.39 16.44 -4.57
C ILE I 127 -23.61 17.69 -3.71
N SER I 128 -24.87 18.08 -3.50
CA SER I 128 -25.30 19.27 -2.71
C SER I 128 -26.21 18.86 -1.55
N ALA I 129 -26.11 19.57 -0.43
CA ALA I 129 -27.12 19.59 0.67
C ALA I 129 -27.92 20.88 0.59
N TRP I 130 -29.25 20.76 0.47
CA TRP I 130 -30.20 21.88 0.30
C TRP I 130 -31.19 21.96 1.48
N HIS I 131 -31.23 23.09 2.19
CA HIS I 131 -32.40 23.51 2.99
C HIS I 131 -32.70 25.00 2.75
N ASN I 132 -33.97 25.31 2.48
CA ASN I 132 -34.50 26.70 2.46
C ASN I 132 -33.77 27.46 1.33
N ASN I 133 -33.62 26.80 0.18
CA ASN I 133 -32.98 27.34 -1.04
C ASN I 133 -31.56 27.83 -0.73
N VAL I 134 -30.90 27.25 0.28
CA VAL I 134 -29.46 27.46 0.60
C VAL I 134 -28.71 26.16 0.32
N GLU I 135 -27.91 26.14 -0.75
CA GLU I 135 -27.10 24.98 -1.19
C GLU I 135 -25.81 24.97 -0.36
N LYS I 136 -25.39 23.79 0.11
CA LYS I 136 -24.05 23.56 0.69
C LYS I 136 -23.40 22.43 -0.13
N THR I 137 -22.14 22.65 -0.51
CA THR I 137 -21.31 21.80 -1.41
C THR I 137 -20.77 20.63 -0.58
N LEU I 138 -20.79 19.41 -1.11
CA LEU I 138 -20.28 18.19 -0.42
C LEU I 138 -19.22 17.50 -1.27
N PRO I 139 -18.19 16.89 -0.64
CA PRO I 139 -17.23 16.05 -1.36
C PRO I 139 -17.92 14.97 -2.22
N SER I 140 -17.44 14.73 -3.44
CA SER I 140 -17.92 13.62 -4.30
C SER I 140 -17.52 12.27 -3.67
N THR I 141 -18.42 11.28 -3.70
CA THR I 141 -18.22 9.90 -3.17
C THR I 141 -18.66 8.90 -4.24
N LYS I 142 -18.11 7.68 -4.24
CA LYS I 142 -18.45 6.60 -5.21
C LYS I 142 -19.67 5.79 -4.75
N ALA I 143 -20.03 5.92 -3.46
CA ALA I 143 -21.23 5.34 -2.81
C ALA I 143 -22.45 5.51 -3.71
N THR I 144 -23.20 4.42 -3.94
CA THR I 144 -24.47 4.46 -4.70
C THR I 144 -25.60 4.21 -3.72
N ARG I 145 -25.35 4.39 -2.42
CA ARG I 145 -26.38 4.20 -1.38
C ARG I 145 -26.28 5.35 -0.38
N VAL I 146 -27.43 5.95 -0.06
CA VAL I 146 -27.53 6.99 1.00
C VAL I 146 -28.36 6.40 2.15
N GLY I 147 -27.98 6.68 3.39
CA GLY I 147 -28.69 6.27 4.61
C GLY I 147 -29.17 7.49 5.36
N VAL I 148 -30.46 7.60 5.60
CA VAL I 148 -31.08 8.77 6.28
C VAL I 148 -31.37 8.38 7.72
N LEU I 149 -30.82 9.10 8.68
CA LEU I 149 -31.19 8.87 10.09
C LEU I 149 -31.95 10.09 10.61
N LEU I 150 -33.23 9.90 10.90
CA LEU I 150 -34.16 10.93 11.42
C LEU I 150 -34.36 10.67 12.92
N ASN I 151 -33.85 11.56 13.76
CA ASN I 151 -33.99 11.52 15.23
C ASN I 151 -34.99 12.62 15.63
N CYS I 152 -36.27 12.31 15.63
CA CYS I 152 -37.37 13.23 15.96
C CYS I 152 -37.36 13.62 17.44
N ASP I 153 -36.65 12.89 18.32
CA ASP I 153 -36.60 13.19 19.77
C ASP I 153 -35.59 14.30 20.05
N HIS I 154 -34.42 14.26 19.41
CA HIS I 154 -33.35 15.26 19.71
C HIS I 154 -33.15 16.19 18.51
N GLY I 155 -34.08 16.13 17.55
CA GLY I 155 -34.19 17.07 16.42
C GLY I 155 -32.92 17.14 15.59
N PHE I 156 -32.67 16.13 14.77
CA PHE I 156 -31.62 16.19 13.73
C PHE I 156 -31.88 15.11 12.67
N VAL I 157 -31.33 15.33 11.48
CA VAL I 157 -31.30 14.34 10.39
C VAL I 157 -29.86 14.22 9.92
N ILE I 158 -29.44 13.03 9.52
CA ILE I 158 -28.06 12.73 9.06
C ILE I 158 -28.17 11.99 7.74
N PHE I 159 -27.43 12.45 6.74
CA PHE I 159 -27.30 11.78 5.43
C PHE I 159 -25.91 11.14 5.43
N PHE I 160 -25.90 9.82 5.45
CA PHE I 160 -24.70 8.97 5.35
C PHE I 160 -24.57 8.51 3.89
N ALA I 161 -23.36 8.54 3.38
CA ALA I 161 -22.96 7.75 2.20
C ALA I 161 -22.65 6.36 2.73
N VAL I 162 -23.26 5.34 2.15
CA VAL I 162 -23.15 3.95 2.68
C VAL I 162 -22.39 3.12 1.65
N ALA I 163 -21.14 2.82 1.96
CA ALA I 163 -20.24 1.98 1.14
C ALA I 163 -19.77 0.84 2.04
N ASP I 164 -18.51 0.40 1.97
CA ASP I 164 -18.03 -0.69 2.86
C ASP I 164 -18.26 -0.25 4.30
N LYS I 165 -17.84 0.96 4.63
CA LYS I 165 -18.23 1.63 5.90
C LYS I 165 -19.14 2.81 5.53
N VAL I 166 -19.64 3.46 6.55
CA VAL I 166 -20.60 4.59 6.47
C VAL I 166 -19.79 5.89 6.59
N HIS I 167 -20.13 6.92 5.83
CA HIS I 167 -19.46 8.25 5.89
C HIS I 167 -20.49 9.38 5.94
N LEU I 168 -20.22 10.41 6.74
CA LEU I 168 -21.07 11.61 6.86
C LEU I 168 -21.13 12.34 5.52
N MET I 169 -22.32 12.59 4.99
CA MET I 169 -22.53 13.44 3.80
C MET I 169 -22.86 14.84 4.33
N TYR I 170 -23.82 14.93 5.26
CA TYR I 170 -24.33 16.20 5.85
C TYR I 170 -25.46 15.89 6.84
N LYS I 171 -25.49 16.66 7.93
CA LYS I 171 -26.53 16.62 8.98
C LYS I 171 -27.20 17.99 9.09
N PHE I 172 -28.43 18.02 9.61
CA PHE I 172 -29.17 19.24 10.03
C PHE I 172 -29.72 19.06 11.44
N ARG I 173 -29.26 19.85 12.41
CA ARG I 173 -30.01 20.12 13.68
C ARG I 173 -31.20 21.03 13.36
N VAL I 174 -32.41 20.64 13.77
CA VAL I 174 -33.64 21.49 13.67
C VAL I 174 -34.68 21.01 14.69
N ASP I 175 -35.25 21.94 15.45
CA ASP I 175 -36.47 21.72 16.29
C ASP I 175 -37.70 21.56 15.37
N PHE I 176 -37.98 20.34 14.93
CA PHE I 176 -39.06 20.01 13.95
C PHE I 176 -40.39 20.49 14.52
N THR I 177 -41.22 21.10 13.67
CA THR I 177 -42.49 21.75 14.06
C THR I 177 -43.67 20.83 13.70
N GLU I 178 -43.49 19.85 12.81
CA GLU I 178 -44.54 18.84 12.51
C GLU I 178 -43.87 17.55 12.02
N ALA I 179 -44.68 16.59 11.58
CA ALA I 179 -44.23 15.25 11.11
C ALA I 179 -43.29 15.41 9.90
N LEU I 180 -42.27 14.55 9.79
CA LEU I 180 -41.35 14.45 8.62
C LEU I 180 -41.75 13.24 7.76
N TYR I 181 -41.99 13.45 6.48
CA TYR I 181 -42.17 12.38 5.46
C TYR I 181 -40.81 12.08 4.81
N PRO I 182 -40.51 10.81 4.47
CA PRO I 182 -39.49 10.51 3.47
C PRO I 182 -39.92 11.07 2.11
N ALA I 183 -38.95 11.66 1.39
CA ALA I 183 -39.13 12.39 0.11
C ALA I 183 -37.99 12.08 -0.86
N PHE I 184 -38.37 11.95 -2.14
CA PHE I 184 -37.55 11.42 -3.26
C PHE I 184 -37.72 12.33 -4.49
N TRP I 185 -36.61 12.67 -5.17
CA TRP I 185 -36.56 13.43 -6.44
C TRP I 185 -35.79 12.60 -7.47
N VAL I 186 -36.43 12.21 -8.58
CA VAL I 186 -35.70 11.72 -9.80
C VAL I 186 -36.05 12.64 -10.97
N PHE I 187 -35.06 13.05 -11.77
CA PHE I 187 -35.30 13.79 -13.05
C PHE I 187 -34.14 13.62 -14.03
N SER I 188 -34.08 12.48 -14.71
CA SER I 188 -33.18 12.20 -15.86
C SER I 188 -33.64 10.90 -16.51
N ALA I 189 -33.63 10.79 -17.83
CA ALA I 189 -34.04 9.55 -18.54
C ALA I 189 -33.76 8.33 -17.63
N GLY I 190 -32.51 8.15 -17.22
CA GLY I 190 -32.10 6.90 -16.54
C GLY I 190 -32.73 6.71 -15.17
N ALA I 191 -33.00 7.80 -14.45
CA ALA I 191 -32.81 7.88 -12.97
C ALA I 191 -33.80 6.95 -12.25
N THR I 192 -33.31 6.27 -11.23
CA THR I 192 -34.10 5.36 -10.35
C THR I 192 -33.57 5.48 -8.92
N LEU I 193 -34.51 5.43 -7.97
CA LEU I 193 -34.31 5.44 -6.51
C LEU I 193 -34.97 4.18 -5.92
N SER I 194 -34.20 3.25 -5.33
CA SER I 194 -34.69 1.95 -4.80
C SER I 194 -34.69 2.00 -3.26
N ILE I 195 -35.86 1.88 -2.62
CA ILE I 195 -35.90 1.81 -1.13
C ILE I 195 -35.36 0.43 -0.80
N CYS I 196 -34.23 0.38 -0.11
CA CYS I 196 -33.51 -0.88 0.24
C CYS I 196 -34.28 -1.63 1.31
N SER I 197 -34.21 -2.95 1.26
CA SER I 197 -34.57 -3.86 2.36
C SER I 197 -33.31 -4.62 2.76
N PRO I 198 -32.51 -4.08 3.72
CA PRO I 198 -31.18 -4.60 3.99
C PRO I 198 -31.18 -6.09 4.36
N LYS I 199 -30.45 -6.87 3.58
CA LYS I 199 -30.24 -8.33 3.77
C LYS I 199 -29.58 -8.62 5.14
N TYR I 200 -28.78 -7.71 5.66
CA TYR I 200 -28.22 -7.78 7.03
C TYR I 200 -29.33 -8.14 8.04
N LEU I 201 -30.55 -7.64 7.84
CA LEU I 201 -31.71 -7.90 8.73
C LEU I 201 -32.47 -9.11 8.20
N GLU I 202 -33.40 -9.62 9.02
CA GLU I 202 -34.00 -10.99 8.89
C GLU I 202 -35.17 -10.98 7.88
N HIS I 203 -35.31 -12.07 7.10
CA HIS I 203 -36.43 -12.28 6.13
C HIS I 203 -37.00 -13.71 6.27
N HIS I 204 -38.03 -13.88 7.12
CA HIS I 204 -38.74 -15.16 7.39
C HIS I 204 -40.25 -14.89 7.40
N LYS J 6 -23.41 -51.57 -9.93
CA LYS J 6 -23.74 -52.51 -11.05
C LYS J 6 -24.07 -51.69 -12.30
N ALA J 7 -24.79 -50.57 -12.17
CA ALA J 7 -25.29 -49.71 -13.28
C ALA J 7 -26.72 -50.09 -13.63
N LYS J 8 -27.24 -51.19 -13.04
CA LYS J 8 -28.68 -51.55 -12.98
C LYS J 8 -29.31 -50.81 -11.80
N VAL J 9 -28.57 -50.74 -10.69
CA VAL J 9 -28.85 -49.86 -9.50
C VAL J 9 -28.99 -48.39 -9.97
N LEU J 10 -28.12 -47.93 -10.88
CA LEU J 10 -28.12 -46.54 -11.40
C LEU J 10 -29.40 -46.27 -12.20
N GLU J 11 -29.83 -47.21 -13.03
CA GLU J 11 -31.02 -47.07 -13.91
C GLU J 11 -32.30 -46.96 -13.05
N THR J 12 -32.33 -47.66 -11.92
CA THR J 12 -33.43 -47.63 -10.93
C THR J 12 -33.68 -46.19 -10.45
N PHE J 13 -32.62 -45.41 -10.28
CA PHE J 13 -32.64 -44.02 -9.74
C PHE J 13 -32.90 -43.06 -10.91
N LEU J 14 -32.31 -43.32 -12.09
CA LEU J 14 -32.54 -42.53 -13.33
C LEU J 14 -34.01 -42.61 -13.70
N ALA J 15 -34.67 -43.75 -13.42
CA ALA J 15 -36.09 -43.99 -13.73
C ALA J 15 -36.99 -43.30 -12.70
N LYS J 16 -36.51 -42.98 -11.51
CA LYS J 16 -37.43 -42.56 -10.41
C LYS J 16 -38.16 -41.24 -10.73
N SER J 17 -39.47 -41.23 -10.51
CA SER J 17 -40.31 -40.00 -10.50
C SER J 17 -40.05 -39.21 -9.21
N ARG J 18 -40.65 -38.04 -9.11
CA ARG J 18 -40.46 -37.12 -7.95
C ARG J 18 -40.91 -37.77 -6.63
N PRO J 19 -42.15 -38.30 -6.52
CA PRO J 19 -42.59 -38.94 -5.28
C PRO J 19 -41.66 -40.07 -4.83
N GLU J 20 -40.98 -40.74 -5.78
CA GLU J 20 -40.05 -41.86 -5.50
C GLU J 20 -38.72 -41.30 -4.96
N LEU J 21 -38.26 -40.15 -5.45
CA LEU J 21 -36.99 -39.53 -4.99
C LEU J 21 -37.18 -38.97 -3.58
N LEU J 22 -38.31 -38.32 -3.34
CA LEU J 22 -38.75 -37.76 -2.02
C LEU J 22 -38.75 -38.82 -0.92
N GLU J 23 -38.79 -40.10 -1.30
CA GLU J 23 -38.57 -41.27 -0.40
C GLU J 23 -37.24 -41.09 0.35
N TYR J 24 -36.27 -40.35 -0.22
CA TYR J 24 -34.91 -40.11 0.36
C TYR J 24 -34.68 -38.66 0.76
N TYR J 25 -35.75 -37.88 0.95
CA TYR J 25 -35.69 -36.44 1.32
C TYR J 25 -34.81 -36.24 2.57
N ILE J 26 -33.95 -35.22 2.58
CA ILE J 26 -33.26 -34.71 3.80
C ILE J 26 -33.46 -33.20 3.87
N LYS J 27 -33.86 -32.72 5.05
CA LYS J 27 -33.69 -31.31 5.47
C LYS J 27 -32.21 -30.98 5.23
N VAL J 28 -31.92 -30.04 4.34
CA VAL J 28 -30.61 -29.34 4.24
C VAL J 28 -30.77 -27.93 4.82
N ILE J 29 -29.89 -27.57 5.74
CA ILE J 29 -29.87 -26.28 6.46
C ILE J 29 -28.51 -25.65 6.12
N LEU J 30 -28.46 -24.34 5.88
CA LEU J 30 -27.21 -23.69 5.42
C LEU J 30 -26.30 -23.37 6.62
N ASP J 31 -24.99 -23.52 6.43
CA ASP J 31 -23.96 -23.43 7.51
C ASP J 31 -23.37 -22.01 7.46
N TYR J 32 -23.76 -21.21 8.45
CA TYR J 32 -23.39 -19.78 8.65
C TYR J 32 -21.87 -19.59 8.57
N ASN J 33 -21.03 -20.56 8.95
CA ASN J 33 -19.54 -20.43 8.97
C ASN J 33 -18.93 -20.57 7.57
N THR J 34 -19.69 -20.95 6.56
CA THR J 34 -19.15 -21.21 5.20
C THR J 34 -19.52 -20.06 4.26
N ALA J 35 -20.64 -19.38 4.52
CA ALA J 35 -21.21 -18.33 3.64
C ALA J 35 -20.15 -17.24 3.37
N HIS J 36 -19.90 -16.95 2.10
CA HIS J 36 -19.17 -15.73 1.62
C HIS J 36 -19.82 -14.46 2.20
N ASN J 37 -19.02 -13.38 2.28
CA ASN J 37 -19.34 -12.06 2.90
C ASN J 37 -20.55 -11.41 2.21
N LYS J 38 -20.76 -11.69 0.91
CA LYS J 38 -21.86 -11.12 0.09
C LYS J 38 -22.94 -12.16 -0.23
N VAL J 39 -23.06 -13.20 0.61
CA VAL J 39 -24.22 -14.14 0.55
C VAL J 39 -24.98 -14.00 1.85
N ALA J 40 -26.24 -13.55 1.79
CA ALA J 40 -27.18 -13.49 2.94
C ALA J 40 -28.01 -14.79 3.03
N LEU J 41 -28.34 -15.18 4.26
CA LEU J 41 -29.08 -16.39 4.66
C LEU J 41 -30.42 -15.96 5.23
N SER J 42 -31.50 -16.67 4.92
CA SER J 42 -32.86 -16.24 5.37
C SER J 42 -33.81 -17.42 5.31
N GLU J 43 -35.05 -17.20 5.75
CA GLU J 43 -36.11 -18.24 5.92
C GLU J 43 -35.51 -19.45 6.65
N CYS J 44 -35.15 -19.24 7.91
CA CYS J 44 -34.68 -20.29 8.84
C CYS J 44 -33.54 -21.06 8.15
N TYR J 45 -32.57 -20.31 7.65
CA TYR J 45 -31.27 -20.80 7.10
C TYR J 45 -31.53 -21.68 5.88
N THR J 46 -32.56 -21.34 5.10
CA THR J 46 -33.06 -22.15 3.97
C THR J 46 -32.74 -21.54 2.60
N VAL J 47 -32.56 -20.22 2.56
CA VAL J 47 -32.37 -19.41 1.33
C VAL J 47 -31.03 -18.67 1.44
N ALA J 48 -30.23 -18.78 0.37
CA ALA J 48 -29.00 -17.99 0.11
C ALA J 48 -29.27 -17.01 -1.03
N SER J 49 -29.10 -15.70 -0.79
CA SER J 49 -29.28 -14.59 -1.75
C SER J 49 -27.99 -13.77 -1.87
N VAL J 50 -27.61 -13.34 -3.08
CA VAL J 50 -26.55 -12.31 -3.28
C VAL J 50 -26.98 -11.00 -2.61
N ALA J 51 -26.10 -10.40 -1.82
CA ALA J 51 -26.33 -9.12 -1.11
C ALA J 51 -25.39 -8.08 -1.71
N GLU J 52 -25.86 -6.85 -1.90
CA GLU J 52 -24.98 -5.79 -2.48
C GLU J 52 -23.86 -5.43 -1.47
N MET J 53 -24.24 -5.27 -0.19
CA MET J 53 -23.39 -4.82 0.93
C MET J 53 -22.75 -6.02 1.63
N PRO J 54 -21.50 -5.88 2.11
CA PRO J 54 -20.84 -6.93 2.88
C PRO J 54 -21.56 -7.26 4.20
N GLN J 55 -21.60 -8.53 4.57
CA GLN J 55 -22.38 -8.99 5.75
C GLN J 55 -21.49 -9.04 6.98
N ASN J 56 -20.16 -8.89 6.82
CA ASN J 56 -19.23 -8.70 7.96
C ASN J 56 -19.23 -9.98 8.82
N TYR J 57 -19.30 -11.12 8.17
CA TYR J 57 -19.24 -12.41 8.87
C TYR J 57 -17.85 -12.47 9.50
N ARG J 58 -17.79 -13.02 10.72
CA ARG J 58 -16.54 -13.35 11.43
C ARG J 58 -15.61 -14.13 10.52
N PRO J 59 -14.29 -13.91 10.57
CA PRO J 59 -13.38 -14.76 9.82
C PRO J 59 -13.55 -16.20 10.32
N HIS J 60 -13.45 -17.18 9.42
CA HIS J 60 -13.59 -18.62 9.74
C HIS J 60 -12.81 -19.42 8.69
N PRO J 61 -11.97 -20.38 9.11
CA PRO J 61 -11.18 -21.16 8.15
C PRO J 61 -12.07 -21.89 7.11
N GLN J 62 -13.33 -22.10 7.44
CA GLN J 62 -14.28 -22.86 6.58
C GLN J 62 -15.03 -21.92 5.61
N ARG J 63 -14.87 -20.60 5.76
CA ARG J 63 -15.64 -19.56 5.04
C ARG J 63 -14.97 -19.26 3.71
N PHE J 64 -15.80 -19.22 2.66
CA PHE J 64 -15.46 -18.89 1.26
C PHE J 64 -15.05 -17.42 1.24
N THR J 65 -13.81 -17.17 0.87
CA THR J 65 -13.24 -15.80 0.86
C THR J 65 -13.40 -15.15 -0.51
N TYR J 66 -13.61 -15.91 -1.59
CA TYR J 66 -13.58 -15.34 -2.97
C TYR J 66 -14.91 -15.60 -3.70
N CYS J 67 -15.34 -16.85 -3.79
CA CYS J 67 -16.57 -17.31 -4.51
C CYS J 67 -17.80 -17.15 -3.61
N SER J 68 -18.94 -16.73 -4.18
CA SER J 68 -20.19 -16.47 -3.43
C SER J 68 -20.90 -17.82 -3.14
N GLN J 69 -20.34 -18.63 -2.24
CA GLN J 69 -20.75 -20.04 -1.97
C GLN J 69 -21.11 -20.25 -0.51
N VAL J 70 -21.83 -21.32 -0.24
CA VAL J 70 -22.30 -21.72 1.11
C VAL J 70 -22.70 -23.21 1.04
N LEU J 71 -22.31 -23.96 2.06
CA LEU J 71 -22.54 -25.41 2.19
C LEU J 71 -23.68 -25.62 3.19
N GLY J 72 -24.32 -26.79 3.15
CA GLY J 72 -25.15 -27.29 4.26
C GLY J 72 -24.28 -27.70 5.44
N LEU J 73 -24.85 -27.74 6.65
CA LEU J 73 -24.15 -28.19 7.89
C LEU J 73 -23.74 -29.67 7.79
N HIS J 74 -24.65 -30.56 7.37
CA HIS J 74 -24.45 -32.04 7.45
C HIS J 74 -23.86 -32.54 6.14
N CYS J 75 -22.93 -33.48 6.23
CA CYS J 75 -22.32 -34.25 5.13
C CYS J 75 -22.63 -35.75 5.28
N TYR J 76 -22.33 -36.54 4.24
CA TYR J 76 -22.90 -37.88 3.97
C TYR J 76 -21.84 -38.76 3.27
N LYS J 77 -21.54 -39.91 3.87
CA LYS J 77 -20.61 -40.91 3.30
C LYS J 77 -21.35 -42.24 3.08
N LYS J 78 -22.55 -42.37 3.65
CA LYS J 78 -23.38 -43.59 3.48
C LYS J 78 -24.86 -43.17 3.36
N GLY J 79 -25.68 -44.06 2.78
CA GLY J 79 -27.12 -43.85 2.56
C GLY J 79 -27.43 -43.17 1.23
N ILE J 80 -28.72 -42.91 1.00
CA ILE J 80 -29.30 -42.29 -0.22
C ILE J 80 -30.09 -41.06 0.21
N HIS J 81 -29.80 -39.92 -0.41
CA HIS J 81 -30.24 -38.58 0.06
C HIS J 81 -30.74 -37.80 -1.14
N TYR J 82 -31.95 -37.25 -1.02
CA TYR J 82 -32.52 -36.35 -2.05
C TYR J 82 -32.84 -35.01 -1.39
N TRP J 83 -32.40 -33.92 -2.02
CA TRP J 83 -32.85 -32.55 -1.71
C TRP J 83 -33.05 -31.77 -3.03
N GLU J 84 -33.77 -30.66 -2.94
CA GLU J 84 -34.25 -29.83 -4.05
C GLU J 84 -33.93 -28.34 -3.80
N VAL J 85 -33.61 -27.60 -4.86
CA VAL J 85 -33.33 -26.15 -4.78
C VAL J 85 -34.07 -25.43 -5.89
N GLU J 86 -34.94 -24.51 -5.49
CA GLU J 86 -35.65 -23.55 -6.39
C GLU J 86 -34.66 -22.43 -6.75
N LEU J 87 -34.51 -22.10 -8.02
CA LEU J 87 -33.68 -20.95 -8.43
C LEU J 87 -34.50 -19.91 -9.20
N GLN J 88 -33.95 -18.69 -9.25
CA GLN J 88 -34.40 -17.57 -10.14
C GLN J 88 -34.15 -17.96 -11.60
N LYS J 89 -35.17 -17.70 -12.42
CA LYS J 89 -35.24 -18.06 -13.86
C LYS J 89 -33.93 -17.65 -14.57
N ASN J 90 -33.71 -16.33 -14.72
CA ASN J 90 -32.66 -15.71 -15.56
C ASN J 90 -31.52 -15.16 -14.69
N ASN J 91 -30.84 -16.01 -13.93
CA ASN J 91 -29.68 -15.58 -13.10
C ASN J 91 -28.53 -16.58 -13.27
N PHE J 92 -27.49 -16.42 -12.45
CA PHE J 92 -26.21 -17.17 -12.44
C PHE J 92 -26.07 -17.86 -11.07
N CYS J 93 -26.08 -19.18 -11.08
CA CYS J 93 -26.07 -19.99 -9.84
C CYS J 93 -25.52 -21.39 -10.15
N GLY J 94 -25.29 -22.15 -9.09
CA GLY J 94 -24.63 -23.45 -9.09
C GLY J 94 -25.18 -24.28 -7.95
N VAL J 95 -25.59 -25.52 -8.23
CA VAL J 95 -26.11 -26.45 -7.21
C VAL J 95 -25.23 -27.68 -7.32
N GLY J 96 -24.67 -28.17 -6.21
CA GLY J 96 -23.69 -29.27 -6.34
C GLY J 96 -23.40 -29.97 -5.04
N ILE J 97 -22.28 -30.68 -5.06
CA ILE J 97 -21.74 -31.38 -3.86
C ILE J 97 -20.23 -31.13 -3.74
N CYS J 98 -19.74 -31.07 -2.51
CA CYS J 98 -18.28 -31.00 -2.27
C CYS J 98 -17.89 -31.78 -1.01
N TYR J 99 -16.72 -32.40 -1.08
CA TYR J 99 -15.87 -32.76 0.07
C TYR J 99 -15.70 -31.55 1.01
N GLY J 100 -15.70 -31.81 2.31
CA GLY J 100 -15.22 -30.87 3.36
C GLY J 100 -13.82 -30.33 3.07
N SER J 101 -12.95 -31.10 2.40
CA SER J 101 -11.52 -30.76 2.20
C SER J 101 -11.37 -29.78 1.03
N MET J 102 -12.46 -29.40 0.36
CA MET J 102 -12.37 -28.48 -0.79
C MET J 102 -11.80 -27.16 -0.29
N ASN J 103 -10.80 -26.62 -1.00
CA ASN J 103 -10.35 -25.22 -0.89
C ASN J 103 -11.53 -24.29 -0.60
N ARG J 104 -11.40 -23.36 0.33
CA ARG J 104 -12.41 -22.29 0.56
C ARG J 104 -11.90 -20.93 0.05
N GLN J 105 -10.76 -20.90 -0.62
CA GLN J 105 -10.05 -19.66 -1.05
C GLN J 105 -9.69 -19.72 -2.51
N GLY J 106 -9.70 -18.57 -3.19
CA GLY J 106 -9.20 -18.39 -4.57
C GLY J 106 -10.25 -18.75 -5.62
N PRO J 107 -9.97 -18.51 -6.91
CA PRO J 107 -10.82 -19.03 -7.99
C PRO J 107 -11.01 -20.57 -7.96
N GLU J 108 -9.98 -21.29 -7.51
CA GLU J 108 -9.91 -22.77 -7.51
C GLU J 108 -11.04 -23.29 -6.62
N SER J 109 -11.54 -22.43 -5.73
CA SER J 109 -12.63 -22.67 -4.76
C SER J 109 -14.01 -22.85 -5.44
N ARG J 110 -14.14 -22.46 -6.71
CA ARG J 110 -15.45 -22.36 -7.40
C ARG J 110 -15.97 -23.77 -7.67
N LEU J 111 -17.19 -24.07 -7.23
CA LEU J 111 -17.88 -25.37 -7.41
C LEU J 111 -17.57 -25.92 -8.81
N GLY J 112 -16.90 -27.06 -8.90
CA GLY J 112 -16.63 -27.79 -10.16
C GLY J 112 -15.32 -27.41 -10.84
N ARG J 113 -14.57 -26.46 -10.28
CA ARG J 113 -13.23 -26.01 -10.81
C ARG J 113 -12.13 -26.82 -10.14
N ASN J 114 -12.49 -27.68 -9.19
CA ASN J 114 -11.57 -28.49 -8.35
C ASN J 114 -12.04 -29.95 -8.35
N SER J 115 -11.15 -30.85 -7.92
CA SER J 115 -11.38 -32.31 -7.88
C SER J 115 -12.33 -32.69 -6.73
N ALA J 116 -12.64 -31.75 -5.82
CA ALA J 116 -13.40 -32.01 -4.59
C ALA J 116 -14.88 -31.62 -4.73
N SER J 117 -15.32 -31.25 -5.93
CA SER J 117 -16.70 -30.75 -6.14
C SER J 117 -17.25 -31.11 -7.51
N TRP J 118 -18.56 -31.31 -7.50
CA TRP J 118 -19.43 -31.65 -8.65
C TRP J 118 -20.63 -30.69 -8.58
N CYS J 119 -21.01 -30.07 -9.69
CA CYS J 119 -22.18 -29.16 -9.72
C CYS J 119 -22.75 -29.05 -11.12
N VAL J 120 -23.97 -28.57 -11.15
CA VAL J 120 -24.64 -28.02 -12.34
C VAL J 120 -24.66 -26.50 -12.14
N GLU J 121 -24.44 -25.76 -13.22
CA GLU J 121 -24.29 -24.28 -13.22
C GLU J 121 -25.30 -23.66 -14.20
N TRP J 122 -25.80 -22.49 -13.90
CA TRP J 122 -26.64 -21.68 -14.83
C TRP J 122 -25.89 -20.38 -15.14
N PHE J 123 -25.41 -20.21 -16.38
CA PHE J 123 -24.81 -18.95 -16.88
C PHE J 123 -25.91 -18.12 -17.56
N ASN J 124 -26.93 -17.74 -16.77
CA ASN J 124 -28.23 -17.15 -17.23
C ASN J 124 -29.07 -18.22 -17.94
N THR J 125 -28.81 -18.45 -19.23
CA THR J 125 -29.54 -19.42 -20.08
C THR J 125 -28.71 -20.68 -20.31
N LYS J 126 -27.39 -20.53 -20.43
CA LYS J 126 -26.48 -21.64 -20.83
C LYS J 126 -26.21 -22.52 -19.60
N ILE J 127 -26.58 -23.80 -19.68
CA ILE J 127 -26.47 -24.78 -18.57
C ILE J 127 -25.24 -25.66 -18.80
N SER J 128 -24.54 -25.95 -17.71
CA SER J 128 -23.23 -26.65 -17.66
C SER J 128 -23.17 -27.59 -16.46
N ALA J 129 -22.47 -28.72 -16.61
CA ALA J 129 -22.04 -29.57 -15.48
C ALA J 129 -20.51 -29.47 -15.38
N TRP J 130 -20.01 -29.39 -14.15
CA TRP J 130 -18.60 -29.08 -13.84
C TRP J 130 -18.07 -30.08 -12.83
N HIS J 131 -16.88 -30.61 -13.11
CA HIS J 131 -16.03 -31.36 -12.15
C HIS J 131 -14.59 -31.22 -12.62
N ASN J 132 -13.69 -30.89 -11.69
CA ASN J 132 -12.23 -30.87 -11.91
C ASN J 132 -11.90 -29.92 -13.07
N ASN J 133 -12.60 -28.78 -13.13
CA ASN J 133 -12.35 -27.64 -14.06
C ASN J 133 -12.51 -28.14 -15.51
N VAL J 134 -13.38 -29.14 -15.69
CA VAL J 134 -13.78 -29.75 -16.99
C VAL J 134 -15.28 -29.53 -17.13
N GLU J 135 -15.67 -28.81 -18.17
CA GLU J 135 -17.03 -28.30 -18.38
C GLU J 135 -17.73 -29.22 -19.37
N LYS J 136 -18.95 -29.65 -19.05
CA LYS J 136 -19.89 -30.29 -20.00
C LYS J 136 -21.06 -29.34 -20.22
N THR J 137 -21.28 -28.94 -21.48
CA THR J 137 -22.49 -28.23 -21.98
C THR J 137 -23.72 -29.14 -21.83
N LEU J 138 -24.86 -28.58 -21.42
CA LEU J 138 -26.16 -29.30 -21.26
C LEU J 138 -27.27 -28.56 -22.03
N PRO J 139 -28.36 -29.24 -22.46
CA PRO J 139 -29.48 -28.56 -23.11
C PRO J 139 -30.24 -27.65 -22.13
N SER J 140 -30.79 -26.54 -22.64
CA SER J 140 -31.68 -25.61 -21.89
C SER J 140 -32.91 -26.36 -21.40
N THR J 141 -33.43 -25.94 -20.26
CA THR J 141 -34.65 -26.48 -19.62
C THR J 141 -35.42 -25.29 -19.10
N LYS J 142 -36.73 -25.38 -19.05
CA LYS J 142 -37.56 -24.24 -18.58
C LYS J 142 -37.81 -24.43 -17.07
N ALA J 143 -37.26 -25.51 -16.48
CA ALA J 143 -37.38 -25.88 -15.04
C ALA J 143 -36.59 -24.90 -14.16
N THR J 144 -37.20 -24.48 -13.06
CA THR J 144 -36.62 -23.55 -12.06
C THR J 144 -36.40 -24.31 -10.75
N ARG J 145 -36.19 -25.62 -10.85
CA ARG J 145 -35.93 -26.49 -9.68
C ARG J 145 -35.00 -27.62 -10.08
N VAL J 146 -33.98 -27.85 -9.27
CA VAL J 146 -32.99 -28.94 -9.45
C VAL J 146 -33.11 -29.85 -8.24
N GLY J 147 -32.98 -31.15 -8.48
CA GLY J 147 -33.05 -32.21 -7.47
C GLY J 147 -31.72 -32.93 -7.47
N VAL J 148 -31.13 -33.06 -6.29
CA VAL J 148 -29.81 -33.75 -6.13
C VAL J 148 -30.09 -35.10 -5.48
N LEU J 149 -29.91 -36.18 -6.23
CA LEU J 149 -29.93 -37.49 -5.56
C LEU J 149 -28.48 -37.94 -5.37
N LEU J 150 -28.10 -38.12 -4.09
CA LEU J 150 -26.77 -38.60 -3.68
C LEU J 150 -26.90 -40.02 -3.15
N ASN J 151 -26.25 -40.95 -3.84
CA ASN J 151 -26.14 -42.37 -3.43
C ASN J 151 -24.69 -42.57 -2.97
N CYS J 152 -24.51 -42.68 -1.66
CA CYS J 152 -23.18 -42.85 -1.04
C CYS J 152 -22.87 -44.34 -0.89
N ASP J 153 -23.86 -45.20 -1.10
CA ASP J 153 -23.72 -46.68 -1.03
C ASP J 153 -23.05 -47.21 -2.29
N HIS J 154 -23.51 -46.79 -3.47
CA HIS J 154 -23.03 -47.28 -4.79
C HIS J 154 -22.26 -46.16 -5.52
N GLY J 155 -22.03 -45.02 -4.86
CA GLY J 155 -21.11 -43.97 -5.32
C GLY J 155 -21.55 -43.32 -6.62
N PHE J 156 -22.68 -42.61 -6.59
CA PHE J 156 -23.06 -41.72 -7.71
C PHE J 156 -23.87 -40.56 -7.16
N VAL J 157 -23.96 -39.49 -7.95
CA VAL J 157 -24.84 -38.32 -7.70
C VAL J 157 -25.56 -38.03 -9.01
N ILE J 158 -26.87 -37.73 -8.96
CA ILE J 158 -27.71 -37.41 -10.16
C ILE J 158 -28.33 -36.04 -9.94
N PHE J 159 -28.33 -35.22 -11.00
CA PHE J 159 -28.90 -33.86 -11.05
C PHE J 159 -30.13 -33.91 -11.93
N PHE J 160 -31.29 -33.62 -11.35
CA PHE J 160 -32.60 -33.75 -12.03
C PHE J 160 -33.18 -32.37 -12.24
N ALA J 161 -33.78 -32.12 -13.41
CA ALA J 161 -34.59 -30.92 -13.66
C ALA J 161 -36.00 -31.24 -13.21
N VAL J 162 -36.55 -30.49 -12.25
CA VAL J 162 -37.88 -30.81 -11.64
C VAL J 162 -38.90 -29.76 -12.11
N ALA J 163 -39.62 -30.07 -13.19
CA ALA J 163 -40.81 -29.35 -13.66
C ALA J 163 -42.02 -30.20 -13.24
N ASP J 164 -43.07 -30.30 -14.08
CA ASP J 164 -44.29 -31.13 -13.81
C ASP J 164 -43.89 -32.61 -13.76
N LYS J 165 -42.89 -32.99 -14.54
CA LYS J 165 -42.20 -34.29 -14.40
C LYS J 165 -40.73 -33.98 -14.06
N VAL J 166 -39.98 -35.04 -13.80
CA VAL J 166 -38.52 -35.03 -13.52
C VAL J 166 -37.81 -35.47 -14.80
N HIS J 167 -36.63 -34.94 -15.10
CA HIS J 167 -35.78 -35.27 -16.27
C HIS J 167 -34.30 -35.15 -15.88
N LEU J 168 -33.50 -36.14 -16.26
CA LEU J 168 -32.03 -36.15 -16.08
C LEU J 168 -31.44 -34.85 -16.64
N MET J 169 -30.72 -34.07 -15.82
CA MET J 169 -29.80 -33.04 -16.36
C MET J 169 -28.46 -33.73 -16.64
N TYR J 170 -27.95 -34.50 -15.66
CA TYR J 170 -26.57 -35.07 -15.67
C TYR J 170 -26.26 -35.78 -14.35
N LYS J 171 -25.41 -36.81 -14.45
CA LYS J 171 -25.03 -37.70 -13.32
C LYS J 171 -23.53 -37.96 -13.41
N PHE J 172 -22.91 -38.31 -12.29
CA PHE J 172 -21.46 -38.63 -12.16
C PHE J 172 -21.32 -39.88 -11.30
N ARG J 173 -20.50 -40.86 -11.73
CA ARG J 173 -20.16 -42.06 -10.94
C ARG J 173 -18.80 -41.81 -10.28
N VAL J 174 -18.71 -42.02 -8.97
CA VAL J 174 -17.51 -41.62 -8.17
C VAL J 174 -17.33 -42.60 -7.00
N ASP J 175 -16.09 -43.06 -6.81
CA ASP J 175 -15.59 -43.63 -5.52
C ASP J 175 -15.28 -42.47 -4.58
N PHE J 176 -16.30 -42.06 -3.82
CA PHE J 176 -16.24 -40.91 -2.89
C PHE J 176 -15.26 -41.28 -1.79
N THR J 177 -14.20 -40.49 -1.63
CA THR J 177 -13.09 -40.75 -0.69
C THR J 177 -13.39 -40.08 0.65
N GLU J 178 -14.39 -39.18 0.72
CA GLU J 178 -14.89 -38.61 2.01
C GLU J 178 -16.35 -38.11 1.87
N ALA J 179 -16.94 -37.72 3.00
CA ALA J 179 -18.33 -37.21 3.15
C ALA J 179 -18.53 -36.03 2.21
N LEU J 180 -19.68 -35.99 1.53
CA LEU J 180 -20.11 -34.89 0.65
C LEU J 180 -20.98 -33.94 1.45
N TYR J 181 -20.86 -32.63 1.17
CA TYR J 181 -21.76 -31.56 1.64
C TYR J 181 -22.59 -31.06 0.47
N PRO J 182 -23.88 -30.75 0.69
CA PRO J 182 -24.63 -29.93 -0.26
C PRO J 182 -23.89 -28.59 -0.41
N ALA J 183 -23.64 -28.20 -1.66
CA ALA J 183 -22.90 -26.99 -2.04
C ALA J 183 -23.81 -26.10 -2.89
N PHE J 184 -23.73 -24.79 -2.70
CA PHE J 184 -24.56 -23.79 -3.39
C PHE J 184 -23.65 -22.63 -3.81
N TRP J 185 -23.97 -22.03 -4.95
CA TRP J 185 -23.28 -20.89 -5.59
C TRP J 185 -24.32 -19.94 -6.19
N VAL J 186 -24.37 -18.71 -5.72
CA VAL J 186 -25.27 -17.62 -6.23
C VAL J 186 -24.38 -16.43 -6.56
N PHE J 187 -24.38 -15.91 -7.81
CA PHE J 187 -23.36 -14.88 -8.19
C PHE J 187 -23.85 -13.85 -9.21
N SER J 188 -25.06 -13.31 -9.07
CA SER J 188 -25.47 -12.06 -9.77
C SER J 188 -26.44 -11.23 -8.96
N ALA J 189 -26.71 -10.00 -9.38
CA ALA J 189 -27.24 -8.91 -8.53
C ALA J 189 -28.47 -9.36 -7.72
N GLY J 190 -29.37 -10.18 -8.28
CA GLY J 190 -30.56 -10.63 -7.52
C GLY J 190 -30.67 -12.15 -7.38
N ALA J 191 -29.61 -12.92 -7.67
CA ALA J 191 -29.63 -14.40 -7.63
C ALA J 191 -29.94 -14.92 -6.21
N THR J 192 -30.90 -15.85 -6.12
CA THR J 192 -31.21 -16.63 -4.91
C THR J 192 -31.25 -18.12 -5.24
N LEU J 193 -31.05 -18.95 -4.21
CA LEU J 193 -31.27 -20.42 -4.17
C LEU J 193 -32.15 -20.70 -2.96
N SER J 194 -33.22 -21.46 -3.15
CA SER J 194 -34.16 -21.86 -2.07
C SER J 194 -34.16 -23.37 -1.90
N ILE J 195 -33.88 -23.84 -0.69
CA ILE J 195 -33.97 -25.30 -0.35
C ILE J 195 -35.44 -25.61 -0.06
N CYS J 196 -36.04 -26.45 -0.90
CA CYS J 196 -37.49 -26.80 -0.91
C CYS J 196 -37.78 -27.82 0.19
N SER J 197 -39.00 -27.77 0.72
CA SER J 197 -39.67 -28.86 1.49
C SER J 197 -40.07 -30.00 0.54
N PRO J 198 -40.68 -31.10 1.06
CA PRO J 198 -41.50 -32.00 0.23
C PRO J 198 -42.92 -31.44 0.02
N LYS J 199 -43.58 -31.84 -1.08
CA LYS J 199 -44.99 -31.50 -1.47
C LYS J 199 -45.11 -31.53 -3.00
N THR K 3 -44.28 55.38 -24.98
CA THR K 3 -43.61 56.70 -25.22
C THR K 3 -42.47 56.88 -24.21
N SER K 4 -41.35 56.18 -24.41
CA SER K 4 -40.20 56.10 -23.45
C SER K 4 -38.84 55.92 -24.17
N LEU K 5 -38.82 55.86 -25.51
CA LEU K 5 -37.59 55.71 -26.35
C LEU K 5 -36.98 54.32 -26.13
N LYS K 6 -36.44 54.06 -24.94
CA LYS K 6 -35.96 52.73 -24.46
C LYS K 6 -37.05 51.67 -24.70
N ALA K 7 -38.31 51.99 -24.40
CA ALA K 7 -39.47 51.08 -24.48
C ALA K 7 -40.03 51.00 -25.90
N LYS K 8 -39.62 51.90 -26.80
CA LYS K 8 -40.08 51.90 -28.22
C LYS K 8 -39.03 51.16 -29.07
N VAL K 9 -37.74 51.41 -28.85
CA VAL K 9 -36.63 50.62 -29.49
C VAL K 9 -36.83 49.14 -29.11
N LEU K 10 -37.17 48.88 -27.84
CA LEU K 10 -37.37 47.52 -27.28
C LEU K 10 -38.48 46.81 -28.05
N GLU K 11 -39.62 47.46 -28.25
CA GLU K 11 -40.81 46.84 -28.91
C GLU K 11 -40.50 46.63 -30.40
N THR K 12 -39.65 47.48 -31.00
CA THR K 12 -39.21 47.37 -32.42
C THR K 12 -38.40 46.05 -32.57
N PHE K 13 -37.40 45.88 -31.69
CA PHE K 13 -36.52 44.69 -31.59
C PHE K 13 -37.37 43.44 -31.31
N LEU K 14 -38.27 43.47 -30.33
CA LEU K 14 -39.18 42.34 -30.02
C LEU K 14 -39.95 41.93 -31.28
N ALA K 15 -40.19 42.86 -32.22
CA ALA K 15 -41.02 42.64 -33.43
C ALA K 15 -40.19 42.16 -34.64
N LYS K 16 -38.86 42.20 -34.53
CA LYS K 16 -37.91 41.89 -35.66
C LYS K 16 -37.97 40.39 -35.97
N SER K 17 -37.71 40.03 -37.24
CA SER K 17 -37.58 38.63 -37.73
C SER K 17 -36.09 38.28 -37.78
N ARG K 18 -35.77 37.05 -38.16
CA ARG K 18 -34.37 36.55 -38.25
C ARG K 18 -33.58 37.56 -39.09
N PRO K 19 -33.89 37.71 -40.40
CA PRO K 19 -33.09 38.58 -41.27
C PRO K 19 -32.79 39.94 -40.60
N GLU K 20 -33.79 40.52 -39.93
CA GLU K 20 -33.63 41.83 -39.25
C GLU K 20 -32.58 41.63 -38.14
N LEU K 21 -32.73 40.62 -37.28
CA LEU K 21 -31.79 40.32 -36.16
C LEU K 21 -30.37 40.04 -36.70
N LEU K 22 -30.25 39.31 -37.81
CA LEU K 22 -28.95 38.93 -38.43
C LEU K 22 -28.14 40.18 -38.86
N GLU K 23 -28.78 41.35 -38.94
CA GLU K 23 -28.08 42.66 -39.14
C GLU K 23 -26.98 42.85 -38.08
N TYR K 24 -27.17 42.36 -36.86
CA TYR K 24 -26.29 42.66 -35.70
C TYR K 24 -25.43 41.45 -35.34
N TYR K 25 -25.38 40.43 -36.22
CA TYR K 25 -24.61 39.18 -36.05
C TYR K 25 -23.14 39.50 -35.69
N ILE K 26 -22.55 38.76 -34.74
CA ILE K 26 -21.09 38.78 -34.42
C ILE K 26 -20.60 37.33 -34.27
N LYS K 27 -19.38 37.07 -34.77
CA LYS K 27 -18.68 35.79 -34.53
C LYS K 27 -18.42 35.74 -33.03
N VAL K 28 -18.89 34.70 -32.35
CA VAL K 28 -18.51 34.42 -30.93
C VAL K 28 -17.65 33.17 -30.92
N ILE K 29 -16.52 33.24 -30.22
CA ILE K 29 -15.53 32.13 -30.13
C ILE K 29 -15.27 31.88 -28.65
N LEU K 30 -15.16 30.62 -28.27
CA LEU K 30 -15.02 30.20 -26.86
C LEU K 30 -13.57 30.42 -26.39
N ASP K 31 -13.47 30.88 -25.15
CA ASP K 31 -12.21 31.29 -24.48
C ASP K 31 -11.67 30.10 -23.70
N TYR K 32 -10.61 29.49 -24.21
CA TYR K 32 -10.05 28.21 -23.73
C TYR K 32 -9.67 28.35 -22.25
N ASN K 33 -9.45 29.54 -21.73
CA ASN K 33 -8.95 29.74 -20.34
C ASN K 33 -10.11 29.80 -19.34
N THR K 34 -11.36 29.83 -19.79
CA THR K 34 -12.57 29.83 -18.91
C THR K 34 -13.16 28.43 -18.78
N ALA K 35 -12.92 27.56 -19.77
CA ALA K 35 -13.59 26.25 -19.90
C ALA K 35 -13.30 25.43 -18.64
N HIS K 36 -14.37 24.97 -18.02
CA HIS K 36 -14.36 23.98 -16.92
C HIS K 36 -13.66 22.69 -17.37
N ASN K 37 -13.02 22.03 -16.40
CA ASN K 37 -12.16 20.84 -16.60
C ASN K 37 -12.93 19.71 -17.29
N LYS K 38 -14.26 19.76 -17.33
CA LYS K 38 -15.10 18.69 -17.95
C LYS K 38 -15.93 19.25 -19.11
N VAL K 39 -15.57 20.44 -19.63
CA VAL K 39 -16.12 20.96 -20.90
C VAL K 39 -15.01 20.88 -21.96
N ALA K 40 -15.28 20.13 -23.03
CA ALA K 40 -14.41 20.02 -24.21
C ALA K 40 -14.85 21.06 -25.23
N LEU K 41 -13.86 21.67 -25.91
CA LEU K 41 -14.05 22.66 -27.00
C LEU K 41 -13.73 21.97 -28.32
N SER K 42 -14.48 22.26 -29.37
CA SER K 42 -14.29 21.60 -30.67
C SER K 42 -14.89 22.48 -31.76
N GLU K 43 -14.72 22.07 -33.01
CA GLU K 43 -15.09 22.84 -34.22
C GLU K 43 -14.60 24.29 -34.07
N CYS K 44 -13.29 24.49 -34.09
CA CYS K 44 -12.61 25.82 -34.05
C CYS K 44 -13.18 26.71 -32.95
N TYR K 45 -13.23 26.18 -31.73
CA TYR K 45 -13.59 26.93 -30.50
C TYR K 45 -15.06 27.38 -30.59
N THR K 46 -15.88 26.56 -31.22
CA THR K 46 -17.28 26.84 -31.61
C THR K 46 -18.26 26.04 -30.73
N VAL K 47 -17.87 24.83 -30.35
CA VAL K 47 -18.77 23.84 -29.67
C VAL K 47 -18.22 23.57 -28.27
N ALA K 48 -19.08 23.66 -27.25
CA ALA K 48 -18.79 23.21 -25.88
C ALA K 48 -19.52 21.88 -25.67
N SER K 49 -18.84 20.83 -25.18
CA SER K 49 -19.51 19.57 -24.83
C SER K 49 -19.08 19.08 -23.45
N VAL K 50 -20.00 18.50 -22.71
CA VAL K 50 -19.62 17.73 -21.49
C VAL K 50 -18.73 16.58 -21.94
N ALA K 51 -17.66 16.39 -21.19
CA ALA K 51 -16.70 15.28 -21.28
C ALA K 51 -16.83 14.42 -20.02
N GLU K 52 -16.85 13.10 -20.17
CA GLU K 52 -16.74 12.22 -18.99
C GLU K 52 -15.35 12.40 -18.36
N MET K 53 -14.28 12.39 -19.15
CA MET K 53 -12.89 12.39 -18.60
C MET K 53 -12.44 13.83 -18.37
N PRO K 54 -11.63 14.08 -17.32
CA PRO K 54 -11.09 15.42 -17.08
C PRO K 54 -10.13 15.83 -18.20
N GLN K 55 -10.23 17.06 -18.63
CA GLN K 55 -9.40 17.63 -19.71
C GLN K 55 -8.06 18.13 -19.15
N ASN K 56 -7.92 18.35 -17.83
CA ASN K 56 -6.64 18.76 -17.18
C ASN K 56 -6.12 20.10 -17.72
N TYR K 57 -7.01 21.02 -18.05
CA TYR K 57 -6.62 22.37 -18.49
C TYR K 57 -5.80 22.96 -17.34
N ARG K 58 -4.83 23.81 -17.66
CA ARG K 58 -3.93 24.46 -16.69
C ARG K 58 -4.76 25.28 -15.70
N PRO K 59 -4.27 25.45 -14.47
CA PRO K 59 -4.87 26.42 -13.54
C PRO K 59 -4.84 27.79 -14.24
N HIS K 60 -5.88 28.59 -14.02
CA HIS K 60 -5.98 29.96 -14.56
C HIS K 60 -7.14 30.68 -13.86
N PRO K 61 -6.90 31.86 -13.25
CA PRO K 61 -7.94 32.60 -12.52
C PRO K 61 -9.29 32.78 -13.23
N GLN K 62 -9.31 32.74 -14.55
CA GLN K 62 -10.57 33.00 -15.31
C GLN K 62 -11.35 31.69 -15.49
N ARG K 63 -10.79 30.55 -15.09
CA ARG K 63 -11.32 29.19 -15.32
C ARG K 63 -12.42 28.90 -14.31
N PHE K 64 -13.58 28.44 -14.79
CA PHE K 64 -14.67 27.90 -13.94
C PHE K 64 -14.22 26.61 -13.25
N THR K 65 -14.17 26.59 -11.92
CA THR K 65 -13.62 25.43 -11.15
C THR K 65 -14.71 24.51 -10.59
N TYR K 66 -16.01 24.85 -10.66
CA TYR K 66 -17.14 24.06 -10.10
C TYR K 66 -18.20 23.83 -11.18
N CYS K 67 -18.71 24.88 -11.82
CA CYS K 67 -19.81 24.76 -12.82
C CYS K 67 -19.23 24.49 -14.23
N SER K 68 -19.95 23.72 -15.05
CA SER K 68 -19.53 23.29 -16.40
C SER K 68 -19.83 24.40 -17.39
N GLN K 69 -19.03 25.47 -17.32
CA GLN K 69 -19.31 26.73 -18.05
C GLN K 69 -18.10 27.17 -18.88
N VAL K 70 -18.38 28.08 -19.80
CA VAL K 70 -17.31 28.68 -20.66
C VAL K 70 -17.85 29.99 -21.23
N LEU K 71 -16.96 30.96 -21.41
CA LEU K 71 -17.31 32.32 -21.88
C LEU K 71 -16.80 32.46 -23.31
N GLY K 72 -17.40 33.36 -24.08
CA GLY K 72 -16.74 33.92 -25.28
C GLY K 72 -15.48 34.69 -24.94
N LEU K 73 -14.69 35.02 -25.96
CA LEU K 73 -13.43 35.79 -25.80
C LEU K 73 -13.73 37.29 -25.74
N HIS K 74 -14.60 37.80 -26.61
CA HIS K 74 -14.92 39.25 -26.73
C HIS K 74 -16.09 39.57 -25.81
N CYS K 75 -16.00 40.69 -25.05
CA CYS K 75 -17.09 41.33 -24.25
C CYS K 75 -17.53 42.67 -24.85
N TYR K 76 -18.82 43.00 -24.74
CA TYR K 76 -19.48 44.18 -25.36
C TYR K 76 -20.00 45.16 -24.29
N LYS K 77 -19.72 46.45 -24.49
CA LYS K 77 -20.10 47.57 -23.57
C LYS K 77 -20.92 48.62 -24.32
N LYS K 78 -20.79 48.67 -25.65
CA LYS K 78 -21.64 49.50 -26.54
C LYS K 78 -22.01 48.67 -27.76
N GLY K 79 -23.02 49.12 -28.51
CA GLY K 79 -23.40 48.49 -29.78
C GLY K 79 -24.52 47.51 -29.58
N ILE K 80 -24.93 46.86 -30.66
CA ILE K 80 -26.06 45.89 -30.67
C ILE K 80 -25.52 44.62 -31.33
N HIS K 81 -25.56 43.51 -30.59
CA HIS K 81 -24.95 42.23 -31.02
C HIS K 81 -26.00 41.12 -30.94
N TYR K 82 -25.97 40.23 -31.91
CA TYR K 82 -26.89 39.07 -31.99
C TYR K 82 -26.09 37.81 -32.33
N TRP K 83 -26.24 36.74 -31.53
CA TRP K 83 -25.66 35.42 -31.85
C TRP K 83 -26.66 34.30 -31.59
N GLU K 84 -26.49 33.20 -32.29
CA GLU K 84 -27.34 31.99 -32.17
C GLU K 84 -26.51 30.82 -31.61
N VAL K 85 -27.17 29.94 -30.84
CA VAL K 85 -26.57 28.71 -30.25
C VAL K 85 -27.53 27.54 -30.50
N GLU K 86 -27.08 26.55 -31.28
CA GLU K 86 -27.78 25.26 -31.47
C GLU K 86 -27.69 24.49 -30.15
N LEU K 87 -28.70 23.70 -29.79
CA LEU K 87 -28.63 22.86 -28.56
C LEU K 87 -29.23 21.47 -28.86
N GLN K 88 -28.69 20.44 -28.22
CA GLN K 88 -29.20 19.05 -28.27
C GLN K 88 -30.65 19.06 -27.78
N LYS K 89 -31.52 18.30 -28.44
CA LYS K 89 -32.99 18.30 -28.19
C LYS K 89 -33.31 18.18 -26.68
N ASN K 90 -33.02 17.01 -26.10
CA ASN K 90 -33.44 16.68 -24.71
C ASN K 90 -32.23 16.78 -23.78
N ASN K 91 -31.73 17.99 -23.48
CA ASN K 91 -30.51 18.11 -22.64
C ASN K 91 -30.61 19.27 -21.63
N PHE K 92 -29.59 19.35 -20.79
CA PHE K 92 -29.40 20.31 -19.68
C PHE K 92 -28.32 21.31 -20.10
N CYS K 93 -28.70 22.54 -20.41
CA CYS K 93 -27.75 23.59 -20.78
C CYS K 93 -28.29 25.00 -20.55
N GLY K 94 -27.41 25.98 -20.57
CA GLY K 94 -27.72 27.40 -20.36
C GLY K 94 -27.01 28.23 -21.40
N VAL K 95 -27.75 29.14 -22.03
CA VAL K 95 -27.22 30.20 -22.95
C VAL K 95 -27.45 31.53 -22.24
N GLY K 96 -26.42 32.34 -22.05
CA GLY K 96 -26.66 33.67 -21.48
C GLY K 96 -25.49 34.62 -21.66
N ILE K 97 -25.36 35.50 -20.67
CA ILE K 97 -24.68 36.83 -20.73
C ILE K 97 -24.17 37.07 -19.32
N CYS K 98 -22.94 37.56 -19.15
CA CYS K 98 -22.40 37.87 -17.80
C CYS K 98 -21.28 38.90 -17.86
N TYR K 99 -21.09 39.66 -16.78
CA TYR K 99 -19.92 40.52 -16.54
C TYR K 99 -18.69 39.64 -16.34
N GLY K 100 -17.54 40.14 -16.77
CA GLY K 100 -16.21 39.59 -16.47
C GLY K 100 -15.99 39.44 -14.99
N SER K 101 -16.69 40.19 -14.15
CA SER K 101 -16.49 40.21 -12.68
C SER K 101 -17.23 39.02 -12.01
N MET K 102 -18.13 38.33 -12.73
CA MET K 102 -18.81 37.13 -12.20
C MET K 102 -17.75 36.23 -11.60
N ASN K 103 -18.04 35.69 -10.42
CA ASN K 103 -17.24 34.61 -9.79
C ASN K 103 -17.05 33.45 -10.74
N ARG K 104 -15.89 32.80 -10.65
CA ARG K 104 -15.57 31.57 -11.40
C ARG K 104 -15.67 30.34 -10.49
N GLN K 105 -15.65 30.56 -9.16
CA GLN K 105 -15.62 29.51 -8.11
C GLN K 105 -17.03 29.20 -7.60
N GLY K 106 -17.25 27.97 -7.12
CA GLY K 106 -18.40 27.57 -6.31
C GLY K 106 -19.75 27.60 -7.05
N PRO K 107 -20.81 27.08 -6.39
CA PRO K 107 -22.17 27.13 -6.95
C PRO K 107 -22.71 28.53 -7.26
N GLU K 108 -22.17 29.54 -6.59
CA GLU K 108 -22.54 30.97 -6.79
C GLU K 108 -22.07 31.42 -8.18
N SER K 109 -21.17 30.66 -8.83
CA SER K 109 -20.71 30.87 -10.23
C SER K 109 -21.70 30.31 -11.25
N ARG K 110 -22.80 29.64 -10.87
CA ARG K 110 -23.76 29.09 -11.87
C ARG K 110 -24.46 30.25 -12.59
N LEU K 111 -24.63 30.13 -13.90
CA LEU K 111 -25.33 31.14 -14.75
C LEU K 111 -26.71 31.45 -14.18
N GLY K 112 -26.92 32.70 -13.82
CA GLY K 112 -28.26 33.22 -13.47
C GLY K 112 -28.50 33.15 -11.98
N ARG K 113 -27.48 32.73 -11.23
CA ARG K 113 -27.55 32.52 -9.76
C ARG K 113 -26.81 33.66 -9.07
N ASN K 114 -26.36 34.66 -9.81
CA ASN K 114 -25.61 35.84 -9.28
C ASN K 114 -26.14 37.12 -9.94
N SER K 115 -25.70 38.27 -9.44
CA SER K 115 -26.11 39.62 -9.91
C SER K 115 -25.35 39.97 -11.19
N ALA K 116 -24.31 39.19 -11.53
CA ALA K 116 -23.42 39.38 -12.72
C ALA K 116 -23.91 38.65 -13.98
N SER K 117 -25.00 37.89 -13.99
CA SER K 117 -25.33 37.02 -15.15
C SER K 117 -26.83 36.94 -15.37
N TRP K 118 -27.21 36.76 -16.62
CA TRP K 118 -28.61 36.62 -17.11
C TRP K 118 -28.57 35.43 -18.06
N CYS K 119 -29.55 34.54 -17.99
CA CYS K 119 -29.56 33.34 -18.86
C CYS K 119 -30.97 32.76 -18.98
N VAL K 120 -31.13 32.00 -20.03
CA VAL K 120 -32.24 31.04 -20.21
C VAL K 120 -31.60 29.66 -20.04
N GLU K 121 -32.35 28.70 -19.51
CA GLU K 121 -31.82 27.39 -19.04
C GLU K 121 -32.81 26.29 -19.42
N TRP K 122 -32.35 25.26 -20.10
CA TRP K 122 -33.12 24.02 -20.36
C TRP K 122 -32.75 23.05 -19.24
N PHE K 123 -33.76 22.49 -18.56
CA PHE K 123 -33.66 21.31 -17.66
C PHE K 123 -34.41 20.18 -18.35
N ASN K 124 -33.79 19.62 -19.39
CA ASN K 124 -34.45 18.71 -20.36
C ASN K 124 -35.57 19.50 -21.06
N THR K 125 -36.81 19.38 -20.58
CA THR K 125 -38.03 20.00 -21.16
C THR K 125 -38.36 21.32 -20.44
N LYS K 126 -37.96 21.46 -19.16
CA LYS K 126 -38.40 22.57 -18.26
C LYS K 126 -37.54 23.82 -18.43
N ILE K 127 -38.06 24.83 -19.12
CA ILE K 127 -37.31 26.07 -19.49
C ILE K 127 -37.51 27.14 -18.41
N SER K 128 -36.43 27.78 -17.99
CA SER K 128 -36.39 28.92 -17.02
C SER K 128 -35.68 30.12 -17.64
N ALA K 129 -35.85 31.29 -17.03
CA ALA K 129 -34.93 32.42 -17.16
C ALA K 129 -34.48 32.79 -15.76
N TRP K 130 -33.18 33.03 -15.58
CA TRP K 130 -32.52 33.25 -14.27
C TRP K 130 -31.75 34.57 -14.32
N HIS K 131 -31.85 35.38 -13.26
CA HIS K 131 -30.93 36.50 -12.93
C HIS K 131 -30.93 36.69 -11.40
N ASN K 132 -29.78 37.03 -10.82
CA ASN K 132 -29.62 37.25 -9.36
C ASN K 132 -30.39 36.17 -8.60
N ASN K 133 -30.08 34.90 -8.88
CA ASN K 133 -30.62 33.73 -8.14
C ASN K 133 -32.14 33.75 -8.05
N VAL K 134 -32.82 34.36 -9.04
CA VAL K 134 -34.31 34.43 -9.10
C VAL K 134 -34.76 33.74 -10.38
N GLU K 135 -35.68 32.78 -10.27
CA GLU K 135 -36.12 31.92 -11.40
C GLU K 135 -37.45 32.44 -11.91
N LYS K 136 -37.71 32.28 -13.21
CA LYS K 136 -39.03 32.50 -13.85
C LYS K 136 -39.27 31.40 -14.88
N THR K 137 -40.20 30.51 -14.57
CA THR K 137 -40.76 29.47 -15.48
C THR K 137 -41.15 30.12 -16.81
N LEU K 138 -40.82 29.46 -17.92
CA LEU K 138 -41.19 29.88 -19.29
C LEU K 138 -41.92 28.74 -19.98
N PRO K 139 -42.89 29.02 -20.88
CA PRO K 139 -43.54 27.98 -21.67
C PRO K 139 -42.54 27.12 -22.45
N SER K 140 -42.90 25.86 -22.66
CA SER K 140 -42.07 24.86 -23.40
C SER K 140 -42.14 25.19 -24.89
N THR K 141 -41.12 24.75 -25.65
CA THR K 141 -40.97 24.99 -27.11
C THR K 141 -40.16 23.84 -27.73
N LYS K 142 -40.35 23.56 -29.03
CA LYS K 142 -39.57 22.54 -29.79
C LYS K 142 -38.24 23.14 -30.24
N ALA K 143 -38.16 24.44 -30.51
CA ALA K 143 -36.96 25.18 -30.94
C ALA K 143 -35.70 24.62 -30.24
N THR K 144 -34.68 24.26 -31.04
CA THR K 144 -33.37 23.70 -30.62
C THR K 144 -32.28 24.75 -30.89
N ARG K 145 -32.66 26.02 -30.85
CA ARG K 145 -31.75 27.14 -31.19
C ARG K 145 -32.22 28.42 -30.50
N VAL K 146 -31.30 29.12 -29.86
CA VAL K 146 -31.66 30.36 -29.13
C VAL K 146 -30.88 31.51 -29.76
N GLY K 147 -31.57 32.61 -30.07
CA GLY K 147 -30.96 33.88 -30.45
C GLY K 147 -30.77 34.73 -29.22
N VAL K 148 -29.58 35.25 -29.00
CA VAL K 148 -29.36 36.28 -27.95
C VAL K 148 -29.22 37.59 -28.69
N LEU K 149 -30.01 38.61 -28.31
CA LEU K 149 -29.86 39.99 -28.81
C LEU K 149 -29.49 40.89 -27.65
N LEU K 150 -28.25 41.32 -27.60
CA LEU K 150 -27.76 42.28 -26.58
C LEU K 150 -27.74 43.66 -27.23
N ASN K 151 -28.53 44.60 -26.66
CA ASN K 151 -28.48 46.04 -26.95
C ASN K 151 -27.81 46.75 -25.77
N CYS K 152 -26.49 46.90 -25.82
CA CYS K 152 -25.68 47.65 -24.82
C CYS K 152 -26.07 49.13 -24.77
N ASP K 153 -26.55 49.73 -25.87
CA ASP K 153 -26.86 51.19 -26.02
C ASP K 153 -28.07 51.59 -25.15
N HIS K 154 -29.22 50.95 -25.39
CA HIS K 154 -30.49 51.12 -24.61
C HIS K 154 -30.68 50.01 -23.54
N GLY K 155 -29.57 49.47 -23.01
CA GLY K 155 -29.49 48.49 -21.91
C GLY K 155 -30.62 47.46 -21.87
N PHE K 156 -30.71 46.54 -22.83
CA PHE K 156 -31.57 45.34 -22.70
C PHE K 156 -30.95 44.13 -23.39
N VAL K 157 -31.28 42.93 -22.89
CA VAL K 157 -31.01 41.62 -23.55
C VAL K 157 -32.35 40.90 -23.79
N ILE K 158 -32.41 40.17 -24.90
CA ILE K 158 -33.60 39.39 -25.35
C ILE K 158 -33.12 37.99 -25.70
N PHE K 159 -33.88 36.98 -25.29
CA PHE K 159 -33.63 35.57 -25.61
C PHE K 159 -34.78 35.14 -26.50
N PHE K 160 -34.44 34.66 -27.69
CA PHE K 160 -35.38 34.25 -28.75
C PHE K 160 -35.26 32.74 -28.94
N ALA K 161 -36.40 32.09 -29.14
CA ALA K 161 -36.47 30.70 -29.60
C ALA K 161 -36.53 30.77 -31.12
N VAL K 162 -35.43 30.45 -31.78
CA VAL K 162 -35.35 30.41 -33.27
C VAL K 162 -35.81 29.04 -33.78
N ALA K 163 -36.75 29.05 -34.73
CA ALA K 163 -37.26 27.85 -35.43
C ALA K 163 -37.62 28.29 -36.86
N ASP K 164 -38.81 27.96 -37.37
CA ASP K 164 -39.31 28.44 -38.70
C ASP K 164 -39.43 29.96 -38.63
N LYS K 165 -40.13 30.43 -37.59
CA LYS K 165 -40.19 31.86 -37.21
C LYS K 165 -39.31 32.03 -35.97
N VAL K 166 -39.22 33.27 -35.49
CA VAL K 166 -38.62 33.69 -34.19
C VAL K 166 -39.75 33.89 -33.19
N HIS K 167 -39.58 33.48 -31.93
CA HIS K 167 -40.57 33.66 -30.83
C HIS K 167 -39.84 34.13 -29.59
N LEU K 168 -40.36 35.13 -28.88
CA LEU K 168 -39.73 35.62 -27.62
C LEU K 168 -39.77 34.47 -26.61
N MET K 169 -38.67 34.30 -25.86
CA MET K 169 -38.62 33.43 -24.66
C MET K 169 -38.70 34.32 -23.41
N TYR K 170 -37.81 35.33 -23.31
CA TYR K 170 -37.76 36.27 -22.17
C TYR K 170 -36.78 37.41 -22.48
N LYS K 171 -36.88 38.53 -21.74
CA LYS K 171 -36.01 39.73 -21.87
C LYS K 171 -35.77 40.31 -20.49
N PHE K 172 -34.63 40.94 -20.30
CA PHE K 172 -34.31 41.75 -19.09
C PHE K 172 -33.93 43.16 -19.55
N ARG K 173 -34.55 44.20 -18.98
CA ARG K 173 -34.03 45.59 -19.02
C ARG K 173 -33.00 45.76 -17.90
N VAL K 174 -31.82 46.30 -18.19
CA VAL K 174 -30.80 46.61 -17.14
C VAL K 174 -29.82 47.67 -17.67
N ASP K 175 -29.34 48.52 -16.76
CA ASP K 175 -28.27 49.51 -17.05
C ASP K 175 -26.94 48.85 -16.71
N PHE K 176 -26.41 48.12 -17.69
CA PHE K 176 -25.17 47.31 -17.58
C PHE K 176 -24.05 48.18 -17.02
N THR K 177 -23.36 47.71 -15.99
CA THR K 177 -22.34 48.48 -15.24
C THR K 177 -20.93 48.12 -15.71
N GLU K 178 -20.83 47.26 -16.74
CA GLU K 178 -19.54 46.87 -17.39
C GLU K 178 -19.79 45.93 -18.57
N ALA K 179 -18.69 45.50 -19.21
CA ALA K 179 -18.71 44.71 -20.45
C ALA K 179 -19.40 43.37 -20.18
N LEU K 180 -20.18 42.88 -21.16
CA LEU K 180 -20.91 41.58 -21.16
C LEU K 180 -20.16 40.56 -22.05
N TYR K 181 -19.74 39.43 -21.48
CA TYR K 181 -19.25 38.24 -22.23
C TYR K 181 -20.42 37.32 -22.55
N PRO K 182 -20.53 36.71 -23.75
CA PRO K 182 -21.46 35.59 -23.94
C PRO K 182 -21.02 34.41 -23.05
N ALA K 183 -21.99 33.62 -22.57
CA ALA K 183 -21.81 32.61 -21.52
C ALA K 183 -22.58 31.31 -21.82
N PHE K 184 -21.90 30.16 -21.64
CA PHE K 184 -22.46 28.80 -21.85
C PHE K 184 -22.30 27.91 -20.61
N TRP K 185 -23.38 27.16 -20.34
CA TRP K 185 -23.54 26.10 -19.31
C TRP K 185 -24.01 24.85 -20.05
N VAL K 186 -23.27 23.77 -19.94
CA VAL K 186 -23.63 22.40 -20.41
C VAL K 186 -23.35 21.49 -19.22
N PHE K 187 -24.32 20.67 -18.82
CA PHE K 187 -24.09 19.68 -17.73
C PHE K 187 -25.07 18.51 -17.78
N SER K 188 -24.97 17.68 -18.82
CA SER K 188 -25.43 16.29 -18.76
C SER K 188 -24.67 15.48 -19.78
N ALA K 189 -24.66 14.16 -19.67
CA ALA K 189 -23.65 13.30 -20.34
C ALA K 189 -23.48 13.62 -21.83
N GLY K 190 -24.51 13.94 -22.60
CA GLY K 190 -24.32 14.15 -24.05
C GLY K 190 -24.50 15.61 -24.47
N ALA K 191 -24.50 16.52 -23.51
CA ALA K 191 -25.01 17.90 -23.65
C ALA K 191 -23.97 18.71 -24.40
N THR K 192 -24.42 19.46 -25.42
CA THR K 192 -23.55 20.30 -26.28
C THR K 192 -24.26 21.62 -26.61
N LEU K 193 -23.48 22.69 -26.75
CA LEU K 193 -23.89 23.96 -27.37
C LEU K 193 -22.96 24.22 -28.56
N SER K 194 -23.55 24.50 -29.72
CA SER K 194 -22.86 24.92 -30.98
C SER K 194 -23.19 26.38 -31.27
N ILE K 195 -22.19 27.24 -31.29
CA ILE K 195 -22.38 28.65 -31.75
C ILE K 195 -22.60 28.61 -33.26
N CYS K 196 -23.62 29.28 -33.78
CA CYS K 196 -24.08 29.13 -35.19
C CYS K 196 -23.34 30.09 -36.13
N SER K 197 -23.32 29.72 -37.42
CA SER K 197 -22.94 30.53 -38.61
C SER K 197 -24.05 30.45 -39.68
N LYS L 6 29.77 -23.26 -25.35
CA LYS L 6 28.82 -24.22 -24.69
C LYS L 6 27.44 -24.02 -25.35
N ALA L 7 26.46 -23.50 -24.58
CA ALA L 7 25.28 -22.75 -25.07
C ALA L 7 25.57 -21.24 -25.03
N LYS L 8 26.82 -20.82 -24.78
CA LYS L 8 27.21 -19.40 -24.55
C LYS L 8 27.67 -18.78 -25.88
N VAL L 9 28.35 -19.55 -26.72
CA VAL L 9 28.60 -19.18 -28.15
C VAL L 9 27.26 -18.98 -28.87
N LEU L 10 26.22 -19.75 -28.53
CA LEU L 10 24.88 -19.64 -29.18
C LEU L 10 24.31 -18.26 -28.86
N GLU L 11 24.31 -17.85 -27.58
CA GLU L 11 23.78 -16.53 -27.13
C GLU L 11 24.50 -15.43 -27.90
N THR L 12 25.82 -15.56 -28.09
CA THR L 12 26.70 -14.56 -28.75
C THR L 12 26.18 -14.30 -30.16
N PHE L 13 25.84 -15.39 -30.85
CA PHE L 13 25.45 -15.40 -32.28
C PHE L 13 24.01 -14.86 -32.40
N LEU L 14 23.11 -15.26 -31.50
CA LEU L 14 21.71 -14.74 -31.45
C LEU L 14 21.80 -13.20 -31.29
N ALA L 15 22.76 -12.72 -30.49
CA ALA L 15 22.92 -11.28 -30.17
C ALA L 15 23.46 -10.49 -31.38
N LYS L 16 24.13 -11.14 -32.34
CA LYS L 16 24.86 -10.43 -33.43
C LYS L 16 23.91 -9.57 -34.26
N SER L 17 24.44 -8.45 -34.75
CA SER L 17 23.81 -7.54 -35.76
C SER L 17 24.20 -7.99 -37.18
N ARG L 18 23.60 -7.39 -38.20
CA ARG L 18 23.86 -7.74 -39.62
C ARG L 18 25.34 -7.62 -39.95
N PRO L 19 25.99 -6.44 -39.79
CA PRO L 19 27.40 -6.29 -40.13
C PRO L 19 28.29 -7.35 -39.48
N GLU L 20 27.96 -7.73 -38.22
CA GLU L 20 28.66 -8.78 -37.42
C GLU L 20 28.47 -10.16 -38.05
N LEU L 21 27.28 -10.43 -38.61
CA LEU L 21 26.88 -11.72 -39.23
C LEU L 21 27.52 -11.85 -40.63
N LEU L 22 27.77 -10.74 -41.34
CA LEU L 22 28.43 -10.72 -42.67
C LEU L 22 29.94 -11.04 -42.56
N GLU L 23 30.47 -11.12 -41.34
CA GLU L 23 31.87 -11.55 -41.11
C GLU L 23 31.99 -13.03 -41.52
N TYR L 24 30.88 -13.73 -41.71
CA TYR L 24 30.90 -15.18 -42.07
C TYR L 24 30.28 -15.43 -43.45
N TYR L 25 29.98 -14.38 -44.21
CA TYR L 25 29.38 -14.44 -45.57
C TYR L 25 30.09 -15.50 -46.42
N ILE L 26 29.31 -16.38 -47.06
CA ILE L 26 29.75 -17.28 -48.17
C ILE L 26 28.91 -16.96 -49.42
N LYS L 27 29.52 -16.98 -50.58
CA LYS L 27 28.81 -16.98 -51.88
C LYS L 27 28.12 -18.32 -52.05
N VAL L 28 26.81 -18.34 -52.32
CA VAL L 28 26.05 -19.59 -52.60
C VAL L 28 25.52 -19.50 -54.04
N ILE L 29 25.78 -20.54 -54.84
CA ILE L 29 25.32 -20.72 -56.25
C ILE L 29 24.42 -21.97 -56.32
N LEU L 30 23.30 -21.90 -57.03
CA LEU L 30 22.37 -23.06 -57.12
C LEU L 30 22.93 -24.09 -58.11
N ASP L 31 22.83 -25.35 -57.72
CA ASP L 31 23.27 -26.55 -58.48
C ASP L 31 22.18 -26.99 -59.48
N TYR L 32 22.36 -26.69 -60.77
CA TYR L 32 21.41 -27.02 -61.87
C TYR L 32 20.99 -28.50 -61.83
N ASN L 33 21.92 -29.43 -61.60
CA ASN L 33 21.69 -30.89 -61.51
C ASN L 33 20.76 -31.29 -60.36
N THR L 34 20.41 -30.38 -59.44
CA THR L 34 19.49 -30.66 -58.30
C THR L 34 18.07 -30.16 -58.63
N ALA L 35 17.94 -29.15 -59.49
CA ALA L 35 16.68 -28.42 -59.68
C ALA L 35 15.62 -29.36 -60.26
N HIS L 36 14.51 -29.52 -59.54
CA HIS L 36 13.24 -30.11 -60.02
C HIS L 36 12.85 -29.43 -61.32
N ASN L 37 12.18 -30.14 -62.23
CA ASN L 37 11.70 -29.57 -63.52
C ASN L 37 10.90 -28.27 -63.31
N LYS L 38 10.19 -28.15 -62.17
CA LYS L 38 9.25 -27.04 -61.94
C LYS L 38 10.03 -25.76 -61.63
N VAL L 39 11.28 -25.90 -61.16
CA VAL L 39 12.15 -24.78 -60.69
C VAL L 39 12.99 -24.23 -61.85
N ALA L 40 12.78 -22.96 -62.22
CA ALA L 40 13.57 -22.23 -63.26
C ALA L 40 14.73 -21.51 -62.57
N LEU L 41 15.88 -21.48 -63.24
CA LEU L 41 17.15 -20.95 -62.68
C LEU L 41 17.54 -19.73 -63.52
N SER L 42 17.91 -18.65 -62.84
CA SER L 42 18.14 -17.34 -63.50
C SER L 42 19.19 -16.55 -62.74
N GLU L 43 19.55 -15.39 -63.31
CA GLU L 43 20.68 -14.48 -62.95
C GLU L 43 21.97 -15.17 -63.38
N CYS L 44 22.68 -15.73 -62.39
CA CYS L 44 23.87 -16.59 -62.64
C CYS L 44 23.72 -17.82 -61.74
N TYR L 45 22.62 -18.54 -61.89
CA TYR L 45 22.28 -19.72 -61.05
C TYR L 45 22.04 -19.23 -59.61
N THR L 46 21.54 -18.00 -59.47
CA THR L 46 21.32 -17.25 -58.18
C THR L 46 19.86 -17.20 -57.76
N VAL L 47 18.90 -17.32 -58.68
CA VAL L 47 17.45 -17.13 -58.38
C VAL L 47 16.70 -18.38 -58.83
N ALA L 48 16.07 -19.03 -57.86
CA ALA L 48 15.04 -20.08 -58.02
C ALA L 48 13.66 -19.41 -58.10
N SER L 49 12.98 -19.57 -59.23
CA SER L 49 11.55 -19.25 -59.46
C SER L 49 10.81 -20.56 -59.78
N VAL L 50 9.49 -20.56 -59.63
CA VAL L 50 8.58 -21.57 -60.24
C VAL L 50 8.41 -21.20 -61.71
N ALA L 51 8.95 -21.98 -62.62
CA ALA L 51 8.80 -21.79 -64.08
C ALA L 51 7.33 -21.95 -64.49
N GLU L 52 7.00 -21.37 -65.64
CA GLU L 52 5.64 -21.26 -66.22
C GLU L 52 5.14 -22.67 -66.53
N MET L 53 6.05 -23.52 -67.01
CA MET L 53 5.78 -24.95 -67.36
C MET L 53 7.03 -25.74 -66.99
N PRO L 54 6.92 -27.04 -66.62
CA PRO L 54 8.10 -27.87 -66.32
C PRO L 54 9.21 -27.82 -67.40
N GLN L 55 10.46 -27.86 -66.92
CA GLN L 55 11.65 -27.40 -67.67
C GLN L 55 12.35 -28.56 -68.42
N ASN L 56 12.04 -29.80 -68.07
CA ASN L 56 12.42 -31.00 -68.86
C ASN L 56 13.92 -31.21 -68.78
N TYR L 57 14.50 -30.98 -67.60
CA TYR L 57 15.96 -31.15 -67.32
C TYR L 57 16.34 -32.61 -67.55
N ARG L 58 17.62 -32.85 -67.88
CA ARG L 58 18.12 -34.21 -68.13
C ARG L 58 18.02 -35.00 -66.84
N PRO L 59 17.77 -36.32 -66.91
CA PRO L 59 17.79 -37.15 -65.70
C PRO L 59 19.16 -37.05 -65.03
N HIS L 60 19.23 -37.21 -63.73
CA HIS L 60 20.49 -37.06 -62.98
C HIS L 60 20.33 -37.50 -61.55
N PRO L 61 21.31 -38.24 -60.99
CA PRO L 61 21.15 -38.79 -59.65
C PRO L 61 20.99 -37.72 -58.56
N GLN L 62 21.40 -36.48 -58.84
CA GLN L 62 21.37 -35.36 -57.87
C GLN L 62 19.98 -34.69 -57.83
N ARG L 63 19.16 -34.89 -58.87
CA ARG L 63 17.93 -34.11 -59.15
C ARG L 63 16.77 -34.52 -58.23
N PHE L 64 16.04 -33.52 -57.75
CA PHE L 64 14.75 -33.70 -57.03
C PHE L 64 13.66 -34.06 -58.06
N THR L 65 12.95 -35.17 -57.84
CA THR L 65 11.91 -35.70 -58.77
C THR L 65 10.50 -35.45 -58.23
N TYR L 66 10.29 -35.17 -56.94
CA TYR L 66 8.96 -35.09 -56.29
C TYR L 66 8.65 -33.66 -55.85
N CYS L 67 9.54 -33.04 -55.08
CA CYS L 67 9.37 -31.68 -54.52
C CYS L 67 10.13 -30.67 -55.38
N SER L 68 9.59 -29.45 -55.50
CA SER L 68 10.10 -28.31 -56.31
C SER L 68 11.28 -27.64 -55.59
N GLN L 69 12.34 -28.42 -55.38
CA GLN L 69 13.46 -28.04 -54.48
C GLN L 69 14.70 -27.84 -55.35
N VAL L 70 15.76 -27.31 -54.73
CA VAL L 70 17.08 -27.10 -55.38
C VAL L 70 18.07 -26.86 -54.25
N LEU L 71 19.30 -27.36 -54.41
CA LEU L 71 20.43 -27.24 -53.47
C LEU L 71 21.46 -26.23 -54.01
N GLY L 72 22.35 -25.73 -53.15
CA GLY L 72 23.58 -25.04 -53.57
C GLY L 72 24.65 -26.06 -53.92
N LEU L 73 25.65 -25.67 -54.74
CA LEU L 73 26.75 -26.56 -55.20
C LEU L 73 27.60 -27.04 -54.01
N HIS L 74 27.92 -26.15 -53.06
CA HIS L 74 28.89 -26.40 -51.96
C HIS L 74 28.15 -26.81 -50.69
N CYS L 75 28.73 -27.71 -49.90
CA CYS L 75 28.26 -28.02 -48.53
C CYS L 75 29.36 -27.69 -47.49
N TYR L 76 29.02 -27.75 -46.19
CA TYR L 76 29.86 -27.26 -45.07
C TYR L 76 29.75 -28.23 -43.89
N LYS L 77 30.88 -28.74 -43.38
CA LYS L 77 30.95 -29.52 -42.10
C LYS L 77 31.94 -28.83 -41.15
N LYS L 78 32.48 -27.67 -41.50
CA LYS L 78 33.71 -27.09 -40.90
C LYS L 78 33.38 -25.80 -40.13
N GLY L 79 33.23 -24.67 -40.82
CA GLY L 79 33.41 -23.37 -40.14
C GLY L 79 32.11 -22.83 -39.58
N ILE L 80 31.93 -21.52 -39.75
CA ILE L 80 30.73 -20.73 -39.43
C ILE L 80 30.38 -20.02 -40.73
N HIS L 81 29.14 -20.17 -41.21
CA HIS L 81 28.74 -19.73 -42.56
C HIS L 81 27.43 -18.93 -42.50
N TYR L 82 27.33 -17.86 -43.29
CA TYR L 82 26.17 -16.93 -43.29
C TYR L 82 25.86 -16.51 -44.72
N TRP L 83 24.58 -16.68 -45.10
CA TRP L 83 24.02 -16.26 -46.42
C TRP L 83 22.58 -15.77 -46.22
N GLU L 84 22.09 -14.96 -47.16
CA GLU L 84 20.79 -14.28 -47.11
C GLU L 84 19.98 -14.53 -48.40
N VAL L 85 18.66 -14.69 -48.23
CA VAL L 85 17.73 -15.01 -49.36
C VAL L 85 16.57 -14.02 -49.32
N GLU L 86 16.44 -13.20 -50.36
CA GLU L 86 15.29 -12.31 -50.62
C GLU L 86 14.11 -13.14 -51.17
N LEU L 87 12.96 -13.21 -50.47
CA LEU L 87 11.72 -13.81 -51.01
C LEU L 87 10.73 -12.73 -51.45
N GLN L 88 9.84 -13.07 -52.38
CA GLN L 88 8.54 -12.40 -52.68
C GLN L 88 7.53 -12.70 -51.57
N LYS L 89 6.51 -11.85 -51.47
CA LYS L 89 5.87 -11.51 -50.18
C LYS L 89 4.84 -12.60 -49.82
N ASN L 90 3.82 -12.75 -50.66
CA ASN L 90 2.56 -13.48 -50.33
C ASN L 90 2.55 -14.77 -51.15
N ASN L 91 3.60 -15.57 -50.97
CA ASN L 91 3.91 -16.78 -51.77
C ASN L 91 4.18 -17.97 -50.85
N PHE L 92 4.24 -19.14 -51.45
CA PHE L 92 4.61 -20.43 -50.82
C PHE L 92 6.07 -20.72 -51.21
N CYS L 93 6.94 -20.88 -50.21
CA CYS L 93 8.40 -21.06 -50.41
C CYS L 93 9.07 -21.38 -49.06
N GLY L 94 10.27 -21.96 -49.13
CA GLY L 94 11.08 -22.37 -47.97
C GLY L 94 12.54 -22.04 -48.18
N VAL L 95 13.27 -21.89 -47.08
CA VAL L 95 14.74 -21.69 -47.06
C VAL L 95 15.23 -22.51 -45.88
N GLY L 96 16.31 -23.26 -46.08
CA GLY L 96 16.72 -24.33 -45.14
C GLY L 96 18.12 -24.85 -45.40
N ILE L 97 18.44 -25.94 -44.73
CA ILE L 97 19.71 -26.70 -44.91
C ILE L 97 19.33 -28.18 -44.99
N CYS L 98 20.11 -28.95 -45.73
CA CYS L 98 20.03 -30.43 -45.71
C CYS L 98 21.40 -31.05 -46.00
N TYR L 99 21.63 -32.17 -45.31
CA TYR L 99 22.56 -33.26 -45.68
C TYR L 99 22.42 -33.59 -47.17
N GLY L 100 23.53 -33.91 -47.84
CA GLY L 100 23.56 -34.44 -49.22
C GLY L 100 22.80 -35.75 -49.27
N SER L 101 22.81 -36.49 -48.17
CA SER L 101 22.23 -37.85 -48.06
C SER L 101 20.69 -37.80 -48.05
N MET L 102 20.09 -36.60 -48.00
CA MET L 102 18.60 -36.45 -48.06
C MET L 102 18.12 -37.06 -49.38
N ASN L 103 17.10 -37.90 -49.30
CA ASN L 103 16.36 -38.43 -50.47
C ASN L 103 16.03 -37.31 -51.44
N ARG L 104 16.13 -37.58 -52.74
CA ARG L 104 15.70 -36.67 -53.84
C ARG L 104 14.33 -37.08 -54.37
N GLN L 105 13.85 -38.25 -53.94
CA GLN L 105 12.63 -38.95 -54.43
C GLN L 105 11.61 -39.07 -53.29
N GLY L 106 10.32 -39.03 -53.61
CA GLY L 106 9.23 -39.31 -52.65
C GLY L 106 8.67 -38.05 -51.99
N PRO L 107 7.49 -38.14 -51.33
CA PRO L 107 6.92 -37.00 -50.61
C PRO L 107 7.71 -36.74 -49.32
N GLU L 108 8.53 -37.72 -48.91
CA GLU L 108 9.41 -37.60 -47.72
C GLU L 108 10.67 -36.80 -48.09
N SER L 109 10.87 -36.42 -49.36
CA SER L 109 12.06 -35.63 -49.78
C SER L 109 11.84 -34.13 -49.48
N ARG L 110 10.67 -33.76 -48.95
CA ARG L 110 10.29 -32.33 -48.72
C ARG L 110 11.10 -31.77 -47.53
N LEU L 111 11.87 -30.70 -47.80
CA LEU L 111 12.52 -29.86 -46.77
C LEU L 111 11.70 -29.84 -45.49
N GLY L 112 12.29 -30.26 -44.38
CA GLY L 112 11.69 -30.20 -43.03
C GLY L 112 10.82 -31.41 -42.73
N ARG L 113 10.56 -32.27 -43.73
CA ARG L 113 9.65 -33.43 -43.56
C ARG L 113 10.48 -34.70 -43.32
N ASN L 114 11.79 -34.56 -43.09
CA ASN L 114 12.72 -35.71 -42.87
C ASN L 114 13.74 -35.32 -41.80
N SER L 115 14.48 -36.30 -41.29
CA SER L 115 15.49 -36.09 -40.21
C SER L 115 16.74 -35.39 -40.78
N ALA L 116 16.84 -35.24 -42.10
CA ALA L 116 18.07 -34.76 -42.79
C ALA L 116 17.89 -33.31 -43.30
N SER L 117 16.83 -32.62 -42.88
CA SER L 117 16.58 -31.22 -43.33
C SER L 117 16.02 -30.35 -42.21
N TRP L 118 16.31 -29.05 -42.31
CA TRP L 118 15.96 -27.97 -41.35
C TRP L 118 15.56 -26.80 -42.23
N CYS L 119 14.36 -26.27 -42.04
CA CYS L 119 13.93 -25.13 -42.86
C CYS L 119 12.91 -24.29 -42.10
N VAL L 120 12.74 -23.09 -42.64
CA VAL L 120 11.73 -22.08 -42.26
C VAL L 120 10.90 -21.88 -43.53
N GLU L 121 9.58 -21.75 -43.39
CA GLU L 121 8.63 -21.92 -44.51
C GLU L 121 7.58 -20.81 -44.46
N TRP L 122 7.29 -20.18 -45.60
CA TRP L 122 6.15 -19.25 -45.81
C TRP L 122 5.02 -19.95 -46.56
N PHE L 123 3.86 -20.10 -45.93
CA PHE L 123 2.57 -20.45 -46.59
C PHE L 123 1.77 -19.16 -46.69
N ASN L 124 2.03 -18.38 -47.75
CA ASN L 124 1.51 -17.01 -47.95
C ASN L 124 2.04 -16.14 -46.79
N THR L 125 1.34 -16.11 -45.66
CA THR L 125 1.58 -15.15 -44.55
C THR L 125 2.00 -15.91 -43.28
N LYS L 126 1.60 -17.19 -43.17
CA LYS L 126 1.82 -18.07 -42.00
C LYS L 126 3.23 -18.70 -42.07
N ILE L 127 4.10 -18.32 -41.14
CA ILE L 127 5.53 -18.72 -41.11
C ILE L 127 5.72 -19.84 -40.09
N SER L 128 6.32 -20.94 -40.52
CA SER L 128 6.57 -22.19 -39.75
C SER L 128 8.09 -22.45 -39.77
N ALA L 129 8.63 -23.15 -38.76
CA ALA L 129 9.93 -23.85 -38.83
C ALA L 129 9.63 -25.35 -38.83
N TRP L 130 10.45 -26.13 -39.53
CA TRP L 130 10.16 -27.54 -39.86
C TRP L 130 11.46 -28.35 -39.77
N HIS L 131 11.40 -29.49 -39.08
CA HIS L 131 12.47 -30.52 -39.04
C HIS L 131 11.78 -31.85 -38.75
N ASN L 132 12.04 -32.88 -39.54
CA ASN L 132 11.59 -34.27 -39.26
C ASN L 132 10.06 -34.28 -39.05
N ASN L 133 9.34 -33.59 -39.92
CA ASN L 133 7.85 -33.58 -39.98
C ASN L 133 7.24 -32.99 -38.69
N VAL L 134 7.99 -32.13 -37.97
CA VAL L 134 7.50 -31.35 -36.77
C VAL L 134 7.47 -29.83 -37.11
N GLU L 135 6.26 -29.27 -37.23
CA GLU L 135 6.02 -27.86 -37.63
C GLU L 135 5.93 -26.99 -36.37
N LYS L 136 6.71 -25.92 -36.27
CA LYS L 136 6.63 -24.95 -35.16
C LYS L 136 6.18 -23.61 -35.73
N THR L 137 5.00 -23.15 -35.32
CA THR L 137 4.40 -21.86 -35.75
C THR L 137 5.30 -20.71 -35.24
N LEU L 138 5.55 -19.72 -36.10
CA LEU L 138 6.53 -18.65 -35.83
C LEU L 138 5.85 -17.29 -35.92
N PRO L 139 6.43 -16.27 -35.25
CA PRO L 139 6.02 -14.88 -35.38
C PRO L 139 5.86 -14.40 -36.83
N SER L 140 4.72 -13.75 -37.11
CA SER L 140 4.48 -12.90 -38.31
C SER L 140 5.65 -11.91 -38.38
N THR L 141 6.24 -11.74 -39.56
CA THR L 141 7.25 -10.68 -39.83
C THR L 141 6.93 -10.08 -41.19
N LYS L 142 7.11 -8.77 -41.32
CA LYS L 142 6.92 -8.00 -42.58
C LYS L 142 8.14 -8.30 -43.46
N ALA L 143 9.23 -8.79 -42.85
CA ALA L 143 10.56 -9.00 -43.47
C ALA L 143 10.46 -9.83 -44.77
N THR L 144 11.11 -9.37 -45.84
CA THR L 144 11.19 -10.06 -47.15
C THR L 144 12.59 -10.67 -47.34
N ARG L 145 13.32 -10.97 -46.26
CA ARG L 145 14.69 -11.53 -46.38
C ARG L 145 15.02 -12.39 -45.15
N VAL L 146 15.54 -13.59 -45.39
CA VAL L 146 15.99 -14.52 -44.31
C VAL L 146 17.50 -14.60 -44.40
N GLY L 147 18.15 -14.66 -43.24
CA GLY L 147 19.59 -14.92 -43.08
C GLY L 147 19.77 -16.23 -42.35
N VAL L 148 20.56 -17.13 -42.92
CA VAL L 148 20.87 -18.45 -42.31
C VAL L 148 22.29 -18.35 -41.78
N LEU L 149 22.47 -18.60 -40.48
CA LEU L 149 23.82 -18.75 -39.90
C LEU L 149 23.98 -20.22 -39.50
N LEU L 150 24.99 -20.84 -40.09
CA LEU L 150 25.36 -22.25 -39.85
C LEU L 150 26.71 -22.26 -39.13
N ASN L 151 26.70 -22.78 -37.90
CA ASN L 151 27.89 -23.02 -37.06
C ASN L 151 28.12 -24.53 -37.01
N CYS L 152 28.93 -25.06 -37.92
CA CYS L 152 29.22 -26.52 -37.98
C CYS L 152 30.12 -26.91 -36.80
N ASP L 153 30.89 -25.95 -36.27
CA ASP L 153 31.86 -26.15 -35.16
C ASP L 153 31.12 -26.63 -33.90
N HIS L 154 30.21 -25.79 -33.39
CA HIS L 154 29.43 -26.02 -32.15
C HIS L 154 27.99 -26.44 -32.49
N GLY L 155 27.71 -26.85 -33.72
CA GLY L 155 26.48 -27.59 -34.11
C GLY L 155 25.17 -26.86 -33.85
N PHE L 156 24.94 -25.73 -34.52
CA PHE L 156 23.61 -25.06 -34.50
C PHE L 156 23.40 -24.29 -35.80
N VAL L 157 22.12 -24.02 -36.10
CA VAL L 157 21.68 -23.19 -37.25
C VAL L 157 20.66 -22.21 -36.71
N ILE L 158 20.72 -20.96 -37.16
CA ILE L 158 19.81 -19.86 -36.73
C ILE L 158 19.22 -19.27 -37.99
N PHE L 159 17.89 -19.11 -38.01
CA PHE L 159 17.16 -18.40 -39.09
C PHE L 159 16.79 -17.05 -38.50
N PHE L 160 17.34 -15.99 -39.11
CA PHE L 160 17.12 -14.54 -38.83
C PHE L 160 16.24 -13.96 -39.93
N ALA L 161 15.17 -13.27 -39.54
CA ALA L 161 14.41 -12.37 -40.42
C ALA L 161 15.22 -11.07 -40.50
N VAL L 162 15.51 -10.60 -41.72
CA VAL L 162 16.47 -9.50 -41.98
C VAL L 162 15.68 -8.33 -42.55
N ALA L 163 15.50 -7.29 -41.72
CA ALA L 163 14.86 -5.99 -42.04
C ALA L 163 15.88 -4.86 -41.80
N ASP L 164 15.44 -3.67 -41.37
CA ASP L 164 16.36 -2.61 -40.86
C ASP L 164 17.21 -3.25 -39.76
N LYS L 165 16.57 -4.00 -38.88
CA LYS L 165 17.21 -4.81 -37.81
C LYS L 165 17.09 -6.30 -38.15
N VAL L 166 17.93 -7.09 -37.51
CA VAL L 166 17.94 -8.58 -37.57
C VAL L 166 17.18 -9.12 -36.35
N HIS L 167 16.05 -9.83 -36.58
CA HIS L 167 15.21 -10.51 -35.56
C HIS L 167 15.32 -12.05 -35.74
N LEU L 168 15.35 -12.80 -34.63
CA LEU L 168 15.36 -14.29 -34.58
C LEU L 168 14.02 -14.83 -35.12
N MET L 169 14.06 -15.79 -36.07
CA MET L 169 12.87 -16.51 -36.58
C MET L 169 12.81 -17.83 -35.82
N TYR L 170 13.91 -18.58 -35.83
CA TYR L 170 14.04 -19.86 -35.11
C TYR L 170 15.50 -20.34 -35.18
N LYS L 171 15.81 -21.36 -34.37
CA LYS L 171 17.17 -21.98 -34.29
C LYS L 171 17.04 -23.46 -33.91
N PHE L 172 18.00 -24.28 -34.33
CA PHE L 172 18.12 -25.71 -33.99
C PHE L 172 19.55 -25.96 -33.53
N ARG L 173 19.66 -26.67 -32.40
CA ARG L 173 20.90 -27.29 -31.89
C ARG L 173 20.92 -28.73 -32.40
N VAL L 174 22.01 -29.13 -33.04
CA VAL L 174 22.17 -30.51 -33.57
C VAL L 174 23.67 -30.78 -33.76
N ASP L 175 24.12 -31.94 -33.25
CA ASP L 175 25.44 -32.54 -33.56
C ASP L 175 25.37 -33.07 -35.00
N PHE L 176 25.72 -32.21 -35.96
CA PHE L 176 25.66 -32.42 -37.43
C PHE L 176 26.49 -33.65 -37.84
N THR L 177 25.83 -34.68 -38.37
CA THR L 177 26.42 -36.02 -38.66
C THR L 177 27.21 -35.98 -39.97
N GLU L 178 27.01 -34.97 -40.84
CA GLU L 178 27.73 -34.79 -42.12
C GLU L 178 27.54 -33.35 -42.60
N ALA L 179 28.10 -33.00 -43.76
CA ALA L 179 28.06 -31.64 -44.33
C ALA L 179 26.61 -31.20 -44.58
N LEU L 180 26.41 -29.89 -44.79
CA LEU L 180 25.09 -29.25 -44.98
C LEU L 180 25.10 -28.43 -46.27
N TYR L 181 24.04 -28.60 -47.07
CA TYR L 181 23.76 -27.86 -48.32
C TYR L 181 22.70 -26.78 -48.07
N PRO L 182 22.91 -25.52 -48.53
CA PRO L 182 21.82 -24.58 -48.68
C PRO L 182 20.68 -25.22 -49.47
N ALA L 183 19.45 -25.21 -48.93
CA ALA L 183 18.25 -25.82 -49.54
C ALA L 183 17.12 -24.77 -49.71
N PHE L 184 16.40 -24.88 -50.82
CA PHE L 184 15.41 -23.90 -51.36
C PHE L 184 14.19 -24.65 -51.87
N TRP L 185 13.00 -24.14 -51.58
CA TRP L 185 11.70 -24.73 -52.00
C TRP L 185 10.85 -23.58 -52.53
N VAL L 186 10.45 -23.64 -53.80
CA VAL L 186 9.50 -22.65 -54.38
C VAL L 186 8.27 -23.42 -54.89
N PHE L 187 7.07 -23.00 -54.51
CA PHE L 187 5.78 -23.71 -54.74
C PHE L 187 4.76 -22.89 -55.54
N SER L 188 4.51 -21.62 -55.20
CA SER L 188 3.43 -20.82 -55.79
C SER L 188 3.88 -20.19 -57.11
N ALA L 189 2.95 -19.99 -58.03
CA ALA L 189 3.26 -19.57 -59.41
C ALA L 189 4.27 -18.42 -59.33
N GLY L 190 4.06 -17.50 -58.39
CA GLY L 190 4.80 -16.22 -58.31
C GLY L 190 5.95 -16.24 -57.33
N ALA L 191 6.25 -17.41 -56.75
CA ALA L 191 7.34 -17.60 -55.76
C ALA L 191 8.67 -17.45 -56.49
N THR L 192 9.67 -16.99 -55.73
CA THR L 192 10.99 -16.48 -56.21
C THR L 192 11.91 -16.35 -54.99
N LEU L 193 12.95 -17.19 -54.89
CA LEU L 193 14.01 -17.10 -53.85
C LEU L 193 15.29 -16.58 -54.54
N SER L 194 15.84 -15.47 -54.00
CA SER L 194 16.97 -14.71 -54.60
C SER L 194 18.13 -14.58 -53.62
N ILE L 195 19.23 -15.27 -53.91
CA ILE L 195 20.48 -15.23 -53.08
C ILE L 195 21.12 -13.85 -53.26
N CYS L 196 21.41 -13.23 -52.12
CA CYS L 196 21.95 -11.85 -52.01
C CYS L 196 23.46 -11.88 -52.18
N SER L 197 23.98 -11.03 -53.09
CA SER L 197 25.38 -10.50 -53.09
C SER L 197 25.39 -9.02 -52.68
N PRO L 198 24.94 -8.05 -53.53
CA PRO L 198 25.38 -6.66 -53.42
C PRO L 198 24.80 -5.89 -52.22
#